data_7XS7
#
_entry.id   7XS7
#
_cell.length_a   1.00
_cell.length_b   1.00
_cell.length_c   1.00
_cell.angle_alpha   90.00
_cell.angle_beta   90.00
_cell.angle_gamma   90.00
#
_symmetry.space_group_name_H-M   'P 1'
#
loop_
_entity.id
_entity.type
_entity.pdbx_description
1 polymer 'Chitin synthase 1'
2 non-polymer TETRADECANE
3 non-polymer DODECANE
4 non-polymer HEPTANE
5 non-polymer '(19R,22S)-25-amino-22-hydroxy-22-oxido-16-oxo-17,21,23-trioxa-22lambda~5~-phosphapentacosan-19-yl (9Z)-hexadec-9-enoate'
#
_entity_poly.entity_id   1
_entity_poly.type   'polypeptide(L)'
_entity_poly.pdbx_seq_one_letter_code
;MSDQNNRSRNEYHSNRKNEPSYELQNAHSGLFHSSNEELTNRNQRYTNQNASMGSFTPVQSLQFPEQSQQTNMLYNGDDG
NNNTINDNERDIYGGFVNHHRQRPPPATAEYNDVFNTNSQQLPSEHQYNNVPSYPLPSINVIQTTPELIHNGSQTMATPI
ERPFFNENDYYYNNRNSRTSPSIASSSDGYADQEARPILEQPNNNMNSGNIPQYHDQPFGYNNGYHGLQAKDYYDDPEGG
YIDQRGDDYQINSYLGRNGEMVDPYDYENSLRHMTPMERREYLHDDSRPVNDGKEELDSVKSGYSHRDLGEYDKDDFSRD
DEYDDLNTIDKLQFQANGVPASSSVSSIGSKESDIIVSNDNLTANRALKRSGTEIRKFKLWNGNFVFDSPISKTLLDQYA
TTTENANTLPNEFKFMRYQAVTCEPNQLAEKNFTVRQLKYLTPRETELMLVVTMYNEDHILLGRTLKGIMDNVKYMVKKK
NSSTWGPDAWKKIVVCIISDGRSKINERSLALLSSLGCYQDGFAKDEINEKKVAMHVYEHTTMINITNISESEVSLECNQ
GTVPIQLLFCLKEQNQKKINSHRWAFEGFAELLRPNIVTLLDAGTMPGKDSIYQLWREFRNPNVGGACGEIRTDLGKRFV
KLLNPLVASQNFEYKMSNILDKTTESNFGFITVLPGAFSAYRFEAVRGQPLQKYFYGEIMENEGFHFFSSNMYLAEDRIL
CFEVVTKKNCNWILKYCRSSYASTDVPERVPEFILQRRRWLNGSFFASVYSFCHFYRVWSSGHNIGRKLLLTVEFFYLFF
NTLISWFSLSSFFLVFRILTVSIALAYHSAFNVLSVIFLWLYGICTLSTFILSLGNKPKSTEKFYVLTCVIFAVMMIYMI
FCSIFMSVKSFQNILKNDTISFEGLITTEAFRDIVISLGSTYCLYLISSIIYLQPWHMLTSFIQYILLSPSYINVLNIYA
FCNVHDLSWGTKGAMANPLGKINTTEDGTFKMEVLVSSSEIQANYDKYLKVLNDFDPKSESRPTEPSYDEKKTGYYANVR
SLVIIFWVITNFIIVAVVLETGGIADYIAMKSISTDDTLETAKKAEIPLMTSKASIYFNVILWLVALSALIRFIGCSIYM
IVRFFKKVTFR
;
_entity_poly.pdbx_strand_id   B,A
#
# COMPACT_ATOMS: atom_id res chain seq x y z
N PHE A 378 40.59 24.81 -23.57
CA PHE A 378 41.36 24.03 -22.61
C PHE A 378 41.78 22.69 -23.21
N LYS A 379 42.78 22.07 -22.59
CA LYS A 379 43.28 20.75 -22.99
C LYS A 379 42.96 19.78 -21.86
N LEU A 380 41.84 19.08 -21.97
CA LEU A 380 41.41 18.16 -20.92
C LEU A 380 42.40 17.01 -20.74
N TRP A 381 42.56 16.57 -19.49
CA TRP A 381 43.59 15.62 -19.10
C TRP A 381 43.15 14.18 -19.31
N ASN A 382 43.68 13.54 -20.36
CA ASN A 382 43.47 12.11 -20.62
C ASN A 382 41.98 11.75 -20.66
N GLY A 383 41.20 12.57 -21.35
CA GLY A 383 39.78 12.30 -21.47
C GLY A 383 38.98 12.64 -20.22
N ASN A 384 39.51 13.49 -19.35
CA ASN A 384 38.86 13.83 -18.09
C ASN A 384 38.90 15.33 -17.89
N PHE A 385 37.80 15.89 -17.38
CA PHE A 385 37.71 17.32 -17.13
C PHE A 385 38.20 17.60 -15.72
N VAL A 386 39.43 18.09 -15.62
CA VAL A 386 40.03 18.46 -14.34
C VAL A 386 40.31 19.95 -14.35
N PHE A 387 39.52 20.71 -13.58
CA PHE A 387 39.71 22.16 -13.56
C PHE A 387 40.25 22.60 -12.20
N ASP A 388 40.92 23.74 -12.21
CA ASP A 388 41.62 24.25 -11.02
C ASP A 388 41.30 25.73 -10.87
N SER A 389 40.44 26.06 -9.90
CA SER A 389 39.96 27.41 -9.66
C SER A 389 40.62 27.99 -8.42
N PRO A 390 40.76 29.33 -8.36
CA PRO A 390 41.29 29.94 -7.14
C PRO A 390 40.19 30.21 -6.11
N ILE A 391 40.56 30.78 -4.97
CA ILE A 391 39.61 31.04 -3.89
C ILE A 391 39.30 32.53 -3.84
N SER A 392 38.31 32.91 -3.03
CA SER A 392 37.92 34.30 -2.91
C SER A 392 39.03 35.12 -2.25
N LYS A 393 39.12 36.39 -2.63
CA LYS A 393 40.16 37.26 -2.09
C LYS A 393 40.00 37.47 -0.59
N THR A 394 38.77 37.52 -0.10
CA THR A 394 38.52 37.68 1.33
C THR A 394 39.07 36.51 2.16
N LEU A 395 39.05 35.30 1.62
CA LEU A 395 39.52 34.12 2.33
C LEU A 395 41.04 34.00 2.38
N LEU A 396 41.74 34.47 1.34
CA LEU A 396 43.19 34.34 1.32
C LEU A 396 43.85 35.24 2.35
N ASP A 397 43.26 36.39 2.63
CA ASP A 397 43.84 37.32 3.60
C ASP A 397 43.89 36.69 4.99
N GLN A 398 42.87 35.91 5.35
CA GLN A 398 42.88 35.22 6.64
C GLN A 398 44.06 34.25 6.73
N TYR A 399 44.31 33.50 5.66
CA TYR A 399 45.46 32.59 5.64
C TYR A 399 46.77 33.37 5.71
N ALA A 400 46.81 34.55 5.08
CA ALA A 400 48.05 35.31 5.01
C ALA A 400 48.53 35.73 6.39
N THR A 401 47.61 36.03 7.29
CA THR A 401 47.98 36.48 8.63
C THR A 401 48.69 35.38 9.42
N THR A 402 48.50 34.11 9.05
CA THR A 402 49.10 33.02 9.82
C THR A 402 50.60 32.96 9.63
N THR A 403 51.07 33.06 8.39
CA THR A 403 52.49 32.90 8.11
C THR A 403 53.29 34.11 8.61
N GLU A 404 54.60 33.89 8.78
CA GLU A 404 55.52 34.93 9.22
C GLU A 404 56.03 35.78 8.05
N ASN A 405 55.66 35.42 6.82
CA ASN A 405 56.04 36.19 5.64
C ASN A 405 54.94 36.09 4.59
N ALA A 406 54.07 37.10 4.55
CA ALA A 406 52.92 37.08 3.64
C ALA A 406 53.34 37.43 2.22
N ASN A 407 54.11 36.56 1.58
CA ASN A 407 54.52 36.78 0.20
C ASN A 407 54.12 35.59 -0.67
N THR A 408 54.32 34.39 -0.16
CA THR A 408 54.00 33.16 -0.87
C THR A 408 53.19 32.23 0.04
N LEU A 409 52.42 31.36 -0.60
CA LEU A 409 51.67 30.32 0.11
C LEU A 409 51.68 29.06 -0.75
N PRO A 410 51.68 27.87 -0.14
CA PRO A 410 51.64 26.65 -0.94
C PRO A 410 50.40 26.57 -1.82
N ASN A 411 50.55 25.97 -3.00
CA ASN A 411 49.45 25.91 -3.97
C ASN A 411 48.26 25.14 -3.41
N GLU A 412 48.51 24.26 -2.44
CA GLU A 412 47.44 23.48 -1.83
C GLU A 412 46.51 24.32 -0.96
N PHE A 413 46.92 25.52 -0.56
CA PHE A 413 46.13 26.36 0.33
C PHE A 413 45.31 27.42 -0.39
N LYS A 414 45.50 27.60 -1.70
CA LYS A 414 44.85 28.70 -2.40
C LYS A 414 44.28 28.23 -3.74
N PHE A 415 43.74 27.02 -3.78
CA PHE A 415 43.15 26.48 -5.00
C PHE A 415 42.08 25.48 -4.62
N MET A 416 41.23 25.11 -5.58
CA MET A 416 40.16 24.16 -5.36
C MET A 416 39.95 23.28 -6.59
N ARG A 417 40.51 22.07 -6.57
CA ARG A 417 40.44 21.18 -7.72
C ARG A 417 39.04 20.60 -7.90
N TYR A 418 38.46 20.80 -9.08
CA TYR A 418 37.18 20.19 -9.46
C TYR A 418 37.44 19.09 -10.48
N GLN A 419 36.74 17.97 -10.33
CA GLN A 419 36.82 16.95 -11.36
C GLN A 419 35.54 16.13 -11.42
N ALA A 420 35.17 15.74 -12.65
CA ALA A 420 34.01 14.89 -12.89
C ALA A 420 34.48 13.47 -13.13
N VAL A 421 33.70 12.51 -12.60
CA VAL A 421 34.15 11.12 -12.57
C VAL A 421 33.65 10.33 -13.78
N THR A 422 32.37 10.46 -14.11
CA THR A 422 31.71 9.80 -15.24
C THR A 422 32.22 8.37 -15.48
N CYS A 423 32.30 7.61 -14.38
CA CYS A 423 32.62 6.18 -14.50
C CYS A 423 32.10 5.48 -13.25
N GLU A 424 32.53 4.23 -13.04
CA GLU A 424 32.10 3.44 -11.89
C GLU A 424 33.15 3.49 -10.79
N PRO A 425 32.73 3.36 -9.52
CA PRO A 425 33.73 3.31 -8.43
C PRO A 425 34.65 2.12 -8.51
N ASN A 426 34.23 1.02 -9.13
CA ASN A 426 35.07 -0.16 -9.28
C ASN A 426 36.27 0.10 -10.18
N GLN A 427 36.11 0.93 -11.21
CA GLN A 427 37.14 1.18 -12.21
C GLN A 427 37.63 2.61 -12.14
N LEU A 428 37.69 3.18 -10.93
CA LEU A 428 38.13 4.56 -10.78
C LEU A 428 39.58 4.73 -11.20
N ALA A 429 40.45 3.79 -10.82
CA ALA A 429 41.86 3.87 -11.15
C ALA A 429 42.18 3.44 -12.57
N GLU A 430 41.24 2.78 -13.25
CA GLU A 430 41.47 2.29 -14.60
C GLU A 430 41.31 3.38 -15.65
N LYS A 431 40.52 4.42 -15.36
CA LYS A 431 40.26 5.49 -16.32
C LYS A 431 41.20 6.67 -16.11
N ASN A 432 42.41 6.41 -15.63
CA ASN A 432 43.45 7.43 -15.45
C ASN A 432 42.96 8.57 -14.55
N PHE A 433 42.20 8.21 -13.52
CA PHE A 433 41.77 9.17 -12.51
C PHE A 433 42.75 9.18 -11.35
N THR A 434 42.75 10.29 -10.61
CA THR A 434 43.76 10.50 -9.58
C THR A 434 43.21 11.44 -8.53
N VAL A 435 43.87 11.45 -7.38
CA VAL A 435 43.53 12.37 -6.29
C VAL A 435 44.67 13.37 -6.14
N ARG A 436 44.47 14.36 -5.27
CA ARG A 436 45.40 15.47 -5.10
C ARG A 436 46.61 15.09 -4.24
N GLN A 437 46.56 13.93 -3.57
CA GLN A 437 47.64 13.48 -2.72
C GLN A 437 48.75 12.76 -3.46
N LEU A 438 48.45 12.19 -4.63
CA LEU A 438 49.44 11.39 -5.34
C LEU A 438 50.49 12.27 -6.03
N LYS A 439 50.07 13.40 -6.59
CA LYS A 439 50.95 14.26 -7.38
C LYS A 439 51.63 15.29 -6.47
N TYR A 440 52.57 14.81 -5.66
CA TYR A 440 53.39 15.70 -4.86
C TYR A 440 54.85 15.36 -5.09
N LEU A 441 55.73 16.26 -4.67
CA LEU A 441 57.16 16.01 -4.78
C LEU A 441 57.54 14.79 -3.95
N THR A 442 56.99 14.69 -2.74
CA THR A 442 57.12 13.48 -1.91
C THR A 442 55.71 12.95 -1.67
N PRO A 443 55.37 11.77 -2.19
CA PRO A 443 54.01 11.24 -2.02
C PRO A 443 53.61 11.10 -0.56
N ARG A 444 52.36 11.44 -0.24
CA ARG A 444 51.88 11.37 1.12
C ARG A 444 51.23 10.03 1.41
N GLU A 445 51.46 9.52 2.61
CA GLU A 445 50.81 8.32 3.10
C GLU A 445 49.62 8.70 3.99
N THR A 446 48.66 7.80 4.06
CA THR A 446 47.43 8.01 4.82
C THR A 446 47.33 7.01 5.95
N GLU A 447 47.01 7.51 7.15
CA GLU A 447 46.87 6.67 8.32
C GLU A 447 45.42 6.55 8.77
N LEU A 448 44.59 7.56 8.52
CA LEU A 448 43.18 7.52 8.89
C LEU A 448 42.38 8.16 7.77
N MET A 449 41.34 7.47 7.31
CA MET A 449 40.42 8.01 6.31
C MET A 449 39.03 8.07 6.94
N LEU A 450 38.58 9.27 7.30
CA LEU A 450 37.32 9.45 8.00
C LEU A 450 36.21 9.67 6.97
N VAL A 451 35.23 8.78 6.96
CA VAL A 451 34.10 8.88 6.05
C VAL A 451 32.91 9.43 6.80
N VAL A 452 32.25 10.44 6.24
CA VAL A 452 31.12 11.11 6.87
C VAL A 452 29.96 11.20 5.87
N THR A 453 28.99 10.30 6.00
CA THR A 453 27.85 10.32 5.09
C THR A 453 26.74 11.21 5.63
N MET A 454 25.94 11.78 4.73
CA MET A 454 24.82 12.62 5.13
C MET A 454 23.74 12.56 4.05
N TYR A 455 22.54 12.98 4.45
CA TYR A 455 21.40 13.02 3.52
C TYR A 455 20.41 14.03 4.08
N ASN A 456 20.33 15.20 3.43
CA ASN A 456 19.48 16.33 3.81
C ASN A 456 19.41 16.57 5.33
N GLU A 457 20.57 16.55 5.98
CA GLU A 457 20.64 17.00 7.36
C GLU A 457 20.78 18.51 7.42
N ASP A 458 20.42 19.08 8.57
CA ASP A 458 20.52 20.51 8.80
C ASP A 458 22.00 20.91 8.90
N HIS A 459 22.25 22.22 8.89
CA HIS A 459 23.62 22.72 9.01
C HIS A 459 24.10 22.75 10.45
N ILE A 460 23.24 22.46 11.42
CA ILE A 460 23.66 22.30 12.80
C ILE A 460 24.13 20.88 13.09
N LEU A 461 23.45 19.86 12.55
CA LEU A 461 23.90 18.49 12.72
C LEU A 461 25.25 18.25 12.05
N LEU A 462 25.46 18.84 10.87
CA LEU A 462 26.74 18.68 10.18
C LEU A 462 27.89 19.35 10.90
N GLY A 463 27.66 20.54 11.47
CA GLY A 463 28.73 21.23 12.19
C GLY A 463 29.19 20.52 13.44
N ARG A 464 28.29 19.80 14.11
CA ARG A 464 28.65 19.07 15.32
C ARG A 464 29.68 17.99 15.06
N THR A 465 29.54 17.23 13.97
CA THR A 465 30.53 16.22 13.62
C THR A 465 31.86 16.83 13.22
N LEU A 466 31.84 17.91 12.45
CA LEU A 466 33.08 18.56 12.02
C LEU A 466 33.84 19.16 13.19
N LYS A 467 33.14 19.77 14.14
CA LYS A 467 33.80 20.29 15.34
C LYS A 467 34.45 19.20 16.17
N GLY A 468 33.80 18.05 16.31
CA GLY A 468 34.39 16.93 17.02
C GLY A 468 35.59 16.37 16.30
N ILE A 469 35.52 16.28 14.97
CA ILE A 469 36.66 15.79 14.20
C ILE A 469 37.85 16.73 14.29
N MET A 470 37.65 18.04 14.18
CA MET A 470 38.74 18.99 14.23
C MET A 470 39.47 19.00 15.58
N ASP A 471 38.74 18.91 16.69
CA ASP A 471 39.37 18.87 18.00
C ASP A 471 40.26 17.66 18.20
N ASN A 472 39.85 16.50 17.70
CA ASN A 472 40.70 15.31 17.80
C ASN A 472 41.99 15.46 17.02
N VAL A 473 41.91 16.03 15.81
CA VAL A 473 43.11 16.25 15.00
C VAL A 473 44.02 17.25 15.70
N LYS A 474 43.44 18.30 16.30
CA LYS A 474 44.25 19.25 17.06
C LYS A 474 44.92 18.58 18.25
N TYR A 475 44.20 17.69 18.94
CA TYR A 475 44.78 16.96 20.07
C TYR A 475 45.93 16.06 19.63
N MET A 476 45.79 15.38 18.51
CA MET A 476 46.81 14.44 18.05
C MET A 476 48.07 15.13 17.54
N VAL A 477 48.02 16.46 17.32
CA VAL A 477 49.21 17.20 16.90
C VAL A 477 50.11 17.57 18.06
N LYS A 478 49.55 17.85 19.23
CA LYS A 478 50.32 18.32 20.37
C LYS A 478 50.98 17.20 21.17
N LYS A 479 50.81 15.95 20.76
CA LYS A 479 51.46 14.84 21.45
C LYS A 479 52.98 14.99 21.38
N LYS A 480 53.64 14.83 22.53
CA LYS A 480 55.08 15.02 22.61
C LYS A 480 55.85 13.79 22.13
N ASN A 481 55.67 12.67 22.82
CA ASN A 481 56.40 11.45 22.49
C ASN A 481 55.52 10.49 21.71
N SER A 482 55.79 10.34 20.41
CA SER A 482 55.05 9.42 19.57
C SER A 482 55.89 9.08 18.34
N SER A 483 55.86 7.81 17.96
CA SER A 483 56.57 7.36 16.76
C SER A 483 55.73 7.51 15.50
N THR A 484 54.45 7.87 15.62
CA THR A 484 53.59 8.05 14.47
C THR A 484 53.13 9.50 14.36
N TRP A 485 52.57 10.03 15.45
CA TRP A 485 52.05 11.38 15.45
C TRP A 485 53.13 12.38 15.84
N GLY A 486 52.77 13.67 15.77
CA GLY A 486 53.68 14.74 16.09
C GLY A 486 53.17 16.08 15.61
N PRO A 487 54.05 17.07 15.49
CA PRO A 487 53.64 18.39 15.03
C PRO A 487 53.34 18.48 13.55
N ASP A 488 53.73 17.48 12.76
CA ASP A 488 53.47 17.45 11.32
C ASP A 488 52.63 16.23 10.97
N ALA A 489 51.65 15.91 11.81
CA ALA A 489 50.85 14.71 11.68
C ALA A 489 49.50 14.96 11.02
N TRP A 490 49.21 16.21 10.64
CA TRP A 490 47.95 16.53 9.99
C TRP A 490 47.93 16.14 8.52
N LYS A 491 49.06 15.68 7.98
CA LYS A 491 49.13 15.20 6.61
C LYS A 491 48.67 13.76 6.47
N LYS A 492 48.35 13.09 7.57
CA LYS A 492 47.89 11.70 7.53
C LYS A 492 46.37 11.62 7.46
N ILE A 493 45.67 12.37 8.31
CA ILE A 493 44.23 12.30 8.37
C ILE A 493 43.63 12.97 7.13
N VAL A 494 42.68 12.29 6.50
CA VAL A 494 41.98 12.82 5.34
C VAL A 494 40.48 12.71 5.55
N VAL A 495 39.80 13.85 5.66
CA VAL A 495 38.35 13.83 5.83
C VAL A 495 37.68 13.68 4.48
N CYS A 496 36.60 12.90 4.44
CA CYS A 496 35.91 12.61 3.18
C CYS A 496 34.42 12.66 3.43
N ILE A 497 33.77 13.73 2.98
CA ILE A 497 32.32 13.90 3.10
C ILE A 497 31.67 13.39 1.83
N ILE A 498 30.71 12.49 1.96
CA ILE A 498 30.02 11.89 0.83
C ILE A 498 28.55 12.20 0.97
N SER A 499 28.10 13.26 0.29
CA SER A 499 26.68 13.58 0.27
C SER A 499 25.95 12.70 -0.74
N ASP A 500 24.63 12.67 -0.61
CA ASP A 500 23.78 11.83 -1.45
C ASP A 500 22.73 12.70 -2.13
N GLY A 501 22.79 12.78 -3.44
CA GLY A 501 21.79 13.52 -4.20
C GLY A 501 22.13 14.99 -4.31
N ARG A 502 22.17 15.51 -5.53
CA ARG A 502 22.41 16.93 -5.75
C ARG A 502 21.16 17.77 -5.58
N SER A 503 19.98 17.18 -5.80
CA SER A 503 18.71 17.88 -5.66
C SER A 503 18.07 17.68 -4.29
N LYS A 504 18.73 16.95 -3.40
CA LYS A 504 18.19 16.68 -2.07
C LYS A 504 19.03 17.25 -0.94
N ILE A 505 20.28 17.63 -1.20
CA ILE A 505 21.13 18.19 -0.15
C ILE A 505 20.52 19.47 0.38
N ASN A 506 20.64 19.70 1.68
CA ASN A 506 20.11 20.92 2.29
C ASN A 506 20.83 22.13 1.73
N GLU A 507 20.07 23.20 1.47
CA GLU A 507 20.65 24.42 0.91
C GLU A 507 21.56 25.11 1.91
N ARG A 508 21.19 25.10 3.19
CA ARG A 508 21.99 25.78 4.21
C ARG A 508 23.25 24.99 4.57
N SER A 509 23.17 23.66 4.54
CA SER A 509 24.34 22.84 4.86
C SER A 509 25.45 23.01 3.84
N LEU A 510 25.10 23.13 2.56
CA LEU A 510 26.10 23.35 1.51
C LEU A 510 26.79 24.71 1.67
N ALA A 511 26.09 25.70 2.21
CA ALA A 511 26.71 26.99 2.45
C ALA A 511 27.80 26.91 3.50
N LEU A 512 27.67 26.01 4.47
CA LEU A 512 28.73 25.82 5.45
C LEU A 512 30.00 25.28 4.80
N LEU A 513 29.85 24.34 3.87
CA LEU A 513 31.01 23.87 3.11
C LEU A 513 31.59 24.96 2.24
N SER A 514 30.74 25.77 1.60
CA SER A 514 31.23 26.89 0.81
C SER A 514 31.96 27.92 1.66
N SER A 515 31.61 28.07 2.93
CA SER A 515 32.30 28.99 3.82
C SER A 515 33.64 28.45 4.31
N LEU A 516 33.89 27.15 4.12
CA LEU A 516 35.17 26.55 4.49
C LEU A 516 36.16 26.56 3.34
N GLY A 517 35.77 27.03 2.16
CA GLY A 517 36.65 27.05 1.02
C GLY A 517 36.70 25.73 0.27
N CYS A 518 35.62 24.95 0.35
CA CYS A 518 35.59 23.64 -0.31
C CYS A 518 34.43 23.52 -1.29
N TYR A 519 33.84 24.64 -1.70
CA TYR A 519 32.77 24.62 -2.69
C TYR A 519 32.74 25.95 -3.41
N GLN A 520 32.52 25.91 -4.73
CA GLN A 520 32.35 27.09 -5.54
C GLN A 520 31.20 26.87 -6.50
N ASP A 521 30.20 27.76 -6.46
CA ASP A 521 29.09 27.69 -7.40
C ASP A 521 29.62 27.93 -8.81
N GLY A 522 28.99 27.29 -9.80
CA GLY A 522 29.55 27.33 -11.13
C GLY A 522 29.63 25.96 -11.79
N PHE A 523 30.85 25.50 -12.04
CA PHE A 523 31.08 24.31 -12.85
C PHE A 523 30.29 23.12 -12.33
N ALA A 524 29.29 22.70 -13.11
CA ALA A 524 28.48 21.54 -12.79
C ALA A 524 28.20 20.71 -14.04
N LYS A 525 29.23 20.48 -14.86
CA LYS A 525 29.04 19.78 -16.12
C LYS A 525 28.44 18.41 -15.87
N ASP A 526 27.34 18.11 -16.59
CA ASP A 526 26.61 16.87 -16.38
C ASP A 526 26.93 15.80 -17.42
N GLU A 527 27.68 16.13 -18.46
CA GLU A 527 27.97 15.17 -19.51
C GLU A 527 29.26 15.60 -20.19
N ILE A 528 30.03 14.63 -20.67
CA ILE A 528 31.27 14.87 -21.40
C ILE A 528 31.36 13.83 -22.50
N ASN A 529 31.18 14.26 -23.75
CA ASN A 529 31.31 13.40 -24.92
C ASN A 529 30.39 12.18 -24.83
N GLU A 530 29.09 12.41 -24.65
CA GLU A 530 28.10 11.35 -24.51
C GLU A 530 28.44 10.41 -23.36
N LYS A 531 28.76 11.01 -22.21
CA LYS A 531 29.05 10.25 -21.00
C LYS A 531 28.54 11.08 -19.82
N LYS A 532 27.44 10.63 -19.21
CA LYS A 532 26.89 11.31 -18.05
C LYS A 532 27.82 11.19 -16.85
N VAL A 533 28.02 12.28 -16.13
CA VAL A 533 28.91 12.25 -14.97
C VAL A 533 28.23 11.48 -13.84
N ALA A 534 29.03 10.69 -13.12
CA ALA A 534 28.48 9.92 -12.01
C ALA A 534 28.45 10.75 -10.74
N MET A 535 29.55 11.44 -10.43
CA MET A 535 29.63 12.23 -9.21
C MET A 535 30.69 13.31 -9.37
N HIS A 536 30.53 14.39 -8.62
CA HIS A 536 31.43 15.54 -8.70
C HIS A 536 32.40 15.52 -7.51
N VAL A 537 33.65 15.88 -7.77
CA VAL A 537 34.68 15.85 -6.73
C VAL A 537 35.25 17.23 -6.54
N TYR A 538 35.18 17.71 -5.29
CA TYR A 538 35.71 18.99 -4.84
C TYR A 538 36.77 18.67 -3.78
N GLU A 539 37.84 19.45 -3.73
CA GLU A 539 38.86 19.19 -2.72
C GLU A 539 39.75 20.40 -2.49
N HIS A 540 40.12 20.62 -1.23
CA HIS A 540 40.87 21.80 -0.82
C HIS A 540 41.37 21.58 0.60
N THR A 541 42.52 22.15 0.92
CA THR A 541 43.08 22.09 2.27
C THR A 541 42.81 23.40 2.99
N THR A 542 41.81 23.40 3.86
CA THR A 542 41.38 24.62 4.52
C THR A 542 42.17 24.83 5.82
N MET A 543 42.08 26.06 6.35
CA MET A 543 42.70 26.34 7.64
C MET A 543 41.75 26.98 8.63
N ILE A 544 40.44 26.84 8.45
CA ILE A 544 39.44 27.44 9.33
C ILE A 544 38.74 26.29 10.05
N ASN A 545 38.81 26.27 11.38
CA ASN A 545 38.12 25.27 12.16
C ASN A 545 37.12 25.93 13.11
N ILE A 546 35.99 25.23 13.32
CA ILE A 546 34.93 25.77 14.14
C ILE A 546 35.35 25.83 15.60
N THR A 547 34.83 26.83 16.31
CA THR A 547 35.16 27.02 17.72
C THR A 547 34.01 26.67 18.66
N ASN A 548 32.78 27.07 18.33
CA ASN A 548 31.64 26.79 19.20
C ASN A 548 30.38 26.70 18.36
N ILE A 549 29.58 25.66 18.62
CA ILE A 549 28.29 25.48 17.99
C ILE A 549 27.21 25.85 18.98
N SER A 550 26.48 26.93 18.69
CA SER A 550 25.35 27.32 19.53
C SER A 550 24.09 26.68 18.97
N GLU A 551 22.93 27.08 19.47
CA GLU A 551 21.65 26.54 19.02
C GLU A 551 21.18 27.17 17.72
N SER A 552 21.76 28.30 17.32
CA SER A 552 21.32 28.98 16.10
C SER A 552 22.47 29.58 15.31
N GLU A 553 23.71 29.36 15.74
CA GLU A 553 24.86 30.02 15.11
C GLU A 553 26.06 29.10 15.13
N VAL A 554 26.99 29.35 14.22
CA VAL A 554 28.24 28.60 14.10
C VAL A 554 29.41 29.58 14.09
N SER A 555 30.35 29.41 15.01
CA SER A 555 31.47 30.33 15.14
C SER A 555 32.71 29.80 14.43
N LEU A 556 33.20 30.57 13.47
CA LEU A 556 34.38 30.22 12.67
C LEU A 556 35.52 31.18 13.00
N GLU A 557 36.72 30.64 13.14
CA GLU A 557 37.90 31.44 13.49
C GLU A 557 39.12 30.92 12.76
N CYS A 558 40.14 31.78 12.68
CA CYS A 558 41.41 31.43 12.07
C CYS A 558 42.56 32.12 12.80
N ASN A 559 43.27 31.38 13.65
CA ASN A 559 44.34 31.97 14.46
C ASN A 559 45.62 31.17 14.36
N GLN A 560 46.61 31.50 15.20
CA GLN A 560 47.87 30.78 15.23
C GLN A 560 47.75 29.40 15.85
N GLY A 561 46.64 29.09 16.51
CA GLY A 561 46.47 27.80 17.14
C GLY A 561 45.45 26.91 16.45
N THR A 562 45.44 26.94 15.12
CA THR A 562 44.53 26.15 14.33
C THR A 562 45.33 25.23 13.41
N VAL A 563 44.81 24.02 13.18
CA VAL A 563 45.49 23.04 12.34
C VAL A 563 44.78 22.95 11.01
N PRO A 564 45.50 22.76 9.90
CA PRO A 564 44.83 22.63 8.60
C PRO A 564 44.18 21.26 8.47
N ILE A 565 43.01 21.25 7.83
CA ILE A 565 42.24 20.04 7.60
C ILE A 565 42.01 19.91 6.10
N GLN A 566 42.48 18.82 5.51
CA GLN A 566 42.34 18.60 4.08
C GLN A 566 41.03 17.85 3.81
N LEU A 567 40.12 18.50 3.10
CA LEU A 567 38.80 17.97 2.84
C LEU A 567 38.72 17.36 1.44
N LEU A 568 37.81 16.40 1.27
CA LEU A 568 37.63 15.75 -0.02
C LEU A 568 36.13 15.64 -0.31
N PHE A 569 35.41 16.76 -0.16
CA PHE A 569 33.97 16.77 -0.37
C PHE A 569 33.60 16.27 -1.76
N CYS A 570 32.87 15.15 -1.81
CA CYS A 570 32.47 14.52 -3.08
C CYS A 570 30.96 14.38 -3.08
N LEU A 571 30.32 15.05 -4.03
CA LEU A 571 28.86 15.12 -4.08
C LEU A 571 28.31 14.24 -5.19
N LYS A 572 27.31 13.44 -4.86
CA LYS A 572 26.74 12.49 -5.80
C LYS A 572 25.66 13.15 -6.65
N GLU A 573 25.29 12.50 -7.75
CA GLU A 573 24.35 13.08 -8.71
C GLU A 573 22.92 12.74 -8.36
N GLN A 574 22.59 11.46 -8.25
CA GLN A 574 21.23 11.02 -8.01
C GLN A 574 21.15 10.13 -6.77
N ASN A 575 19.96 10.08 -6.18
CA ASN A 575 19.75 9.32 -4.95
C ASN A 575 19.90 7.83 -5.20
N GLN A 576 20.81 7.20 -4.45
CA GLN A 576 21.09 5.78 -4.62
C GLN A 576 21.24 5.06 -3.28
N LYS A 577 20.35 5.34 -2.34
CA LYS A 577 20.32 4.69 -1.02
C LYS A 577 21.63 4.98 -0.30
N LYS A 578 22.05 4.07 0.59
CA LYS A 578 23.24 4.28 1.41
C LYS A 578 24.34 3.25 1.20
N ILE A 579 24.01 2.01 0.83
CA ILE A 579 25.05 1.03 0.55
C ILE A 579 25.94 1.46 -0.60
N ASN A 580 25.37 2.11 -1.62
CA ASN A 580 26.17 2.66 -2.70
C ASN A 580 27.14 3.74 -2.23
N SER A 581 26.80 4.48 -1.17
CA SER A 581 27.71 5.48 -0.65
C SER A 581 28.98 4.83 -0.09
N HIS A 582 28.85 3.70 0.60
CA HIS A 582 30.02 2.99 1.08
C HIS A 582 30.82 2.36 -0.04
N ARG A 583 30.18 2.05 -1.17
CA ARG A 583 30.88 1.53 -2.33
C ARG A 583 31.79 2.56 -2.97
N TRP A 584 31.39 3.84 -2.96
CA TRP A 584 32.23 4.90 -3.47
C TRP A 584 33.47 5.14 -2.62
N ALA A 585 33.44 4.73 -1.35
CA ALA A 585 34.58 4.94 -0.45
C ALA A 585 35.49 3.72 -0.43
N PHE A 586 34.94 2.56 -0.07
CA PHE A 586 35.76 1.36 0.08
C PHE A 586 36.37 0.91 -1.24
N GLU A 587 35.57 0.90 -2.31
CA GLU A 587 36.07 0.52 -3.62
C GLU A 587 36.57 1.70 -4.44
N GLY A 588 36.38 2.93 -3.96
CA GLY A 588 36.74 4.09 -4.73
C GLY A 588 38.02 4.76 -4.25
N PHE A 589 37.87 5.83 -3.47
CA PHE A 589 39.01 6.64 -3.07
C PHE A 589 40.00 5.85 -2.22
N ALA A 590 39.49 4.94 -1.38
CA ALA A 590 40.35 4.14 -0.52
C ALA A 590 41.31 3.28 -1.34
N GLU A 591 40.93 2.99 -2.58
CA GLU A 591 41.80 2.21 -3.47
C GLU A 591 42.98 3.03 -3.99
N LEU A 592 42.89 4.35 -3.97
CA LEU A 592 43.98 5.22 -4.39
C LEU A 592 44.80 5.73 -3.21
N LEU A 593 44.15 6.20 -2.15
CA LEU A 593 44.88 6.67 -0.98
C LEU A 593 45.55 5.53 -0.23
N ARG A 594 44.91 4.35 -0.20
CA ARG A 594 45.40 3.16 0.48
C ARG A 594 45.67 3.45 1.95
N PRO A 595 44.64 3.70 2.75
CA PRO A 595 44.86 4.02 4.16
C PRO A 595 45.09 2.75 4.99
N ASN A 596 45.40 2.97 6.26
CA ASN A 596 45.56 1.88 7.22
C ASN A 596 44.25 1.54 7.91
N ILE A 597 43.54 2.56 8.39
CA ILE A 597 42.27 2.39 9.09
C ILE A 597 41.22 3.20 8.35
N VAL A 598 39.99 2.68 8.33
CA VAL A 598 38.87 3.37 7.71
C VAL A 598 37.76 3.54 8.73
N THR A 599 37.50 4.78 9.14
CA THR A 599 36.52 5.07 10.16
C THR A 599 35.22 5.56 9.55
N LEU A 600 34.10 5.08 10.08
CA LEU A 600 32.78 5.42 9.56
C LEU A 600 32.06 6.33 10.55
N LEU A 601 31.41 7.37 10.03
CA LEU A 601 30.64 8.31 10.84
C LEU A 601 29.27 8.54 10.21
N ASP A 602 28.51 9.44 10.81
CA ASP A 602 27.19 9.81 10.32
C ASP A 602 26.88 11.21 10.82
N ALA A 603 26.41 12.07 9.93
CA ALA A 603 26.16 13.46 10.27
C ALA A 603 25.19 13.57 11.45
N GLY A 604 25.65 14.20 12.53
CA GLY A 604 24.87 14.29 13.74
C GLY A 604 25.61 13.71 14.93
N THR A 605 26.35 12.63 14.70
CA THR A 605 27.14 12.03 15.76
C THR A 605 28.36 12.89 16.05
N MET A 606 28.58 13.21 17.31
CA MET A 606 29.69 14.07 17.72
C MET A 606 30.70 13.28 18.53
N PRO A 607 31.90 13.03 18.02
CA PRO A 607 32.91 12.31 18.81
C PRO A 607 33.39 13.15 19.98
N GLY A 608 34.02 12.48 20.93
CA GLY A 608 34.47 13.12 22.14
C GLY A 608 35.75 13.91 21.93
N LYS A 609 36.33 14.34 23.06
CA LYS A 609 37.53 15.18 23.02
C LYS A 609 38.70 14.44 22.39
N ASP A 610 38.90 13.18 22.76
CA ASP A 610 40.00 12.38 22.25
C ASP A 610 39.52 10.95 21.93
N SER A 611 38.32 10.86 21.37
CA SER A 611 37.77 9.56 21.00
C SER A 611 38.44 8.95 19.78
N ILE A 612 38.89 9.78 18.83
CA ILE A 612 39.61 9.25 17.68
C ILE A 612 40.91 8.56 18.07
N TYR A 613 41.70 9.18 18.96
CA TYR A 613 42.98 8.62 19.36
C TYR A 613 42.84 7.34 20.19
N GLN A 614 41.83 7.28 21.06
CA GLN A 614 41.66 6.10 21.89
C GLN A 614 41.24 4.87 21.09
N LEU A 615 40.45 5.07 20.03
CA LEU A 615 40.06 3.96 19.18
C LEU A 615 41.19 3.48 18.28
N TRP A 616 42.14 4.36 17.95
CA TRP A 616 43.28 3.96 17.15
C TRP A 616 44.30 3.15 17.92
N ARG A 617 44.35 3.29 19.24
CA ARG A 617 45.26 2.52 20.08
C ARG A 617 44.86 1.05 20.19
N GLU A 618 43.66 0.69 19.75
CA GLU A 618 43.20 -0.68 19.82
C GLU A 618 43.79 -1.56 18.72
N PHE A 619 44.45 -0.97 17.73
CA PHE A 619 45.08 -1.71 16.65
C PHE A 619 46.56 -1.94 16.89
N ARG A 620 47.02 -1.80 18.14
CA ARG A 620 48.42 -2.03 18.44
C ARG A 620 48.83 -3.47 18.14
N ASN A 621 48.05 -4.43 18.64
CA ASN A 621 48.28 -5.83 18.31
C ASN A 621 47.71 -6.16 16.94
N PRO A 622 48.32 -7.11 16.23
CA PRO A 622 47.90 -7.41 14.85
C PRO A 622 46.72 -8.36 14.71
N ASN A 623 46.02 -8.69 15.80
CA ASN A 623 44.88 -9.58 15.73
C ASN A 623 43.55 -8.85 15.56
N VAL A 624 43.49 -7.58 15.97
CA VAL A 624 42.24 -6.83 15.86
C VAL A 624 41.97 -6.46 14.42
N GLY A 625 40.72 -6.68 13.98
CA GLY A 625 40.32 -6.33 12.63
C GLY A 625 39.12 -5.41 12.59
N GLY A 626 38.84 -4.75 13.71
CA GLY A 626 37.72 -3.83 13.78
C GLY A 626 37.40 -3.45 15.21
N ALA A 627 36.79 -2.29 15.42
CA ALA A 627 36.46 -1.84 16.77
C ALA A 627 35.36 -0.79 16.71
N CYS A 628 34.75 -0.54 17.87
CA CYS A 628 33.79 0.55 18.00
C CYS A 628 33.74 0.98 19.47
N GLY A 629 33.31 2.21 19.68
CA GLY A 629 33.18 2.76 21.01
C GLY A 629 31.75 2.66 21.53
N GLU A 630 31.41 3.57 22.44
CA GLU A 630 30.09 3.62 23.03
C GLU A 630 29.37 4.90 22.59
N ILE A 631 28.05 4.85 22.62
CA ILE A 631 27.20 5.95 22.15
C ILE A 631 26.32 6.40 23.30
N ARG A 632 26.16 7.72 23.42
CA ARG A 632 25.40 8.33 24.51
C ARG A 632 24.34 9.25 23.94
N THR A 633 23.31 9.49 24.75
CA THR A 633 22.27 10.45 24.41
C THR A 633 22.65 11.84 24.90
N ASP A 634 22.19 12.85 24.16
CA ASP A 634 22.43 14.24 24.54
C ASP A 634 21.25 14.74 25.36
N LEU A 635 21.55 15.32 26.53
CA LEU A 635 20.52 15.79 27.44
C LEU A 635 20.32 17.30 27.36
N GLY A 636 20.59 17.89 26.21
CA GLY A 636 20.37 19.32 26.04
C GLY A 636 21.28 20.14 26.92
N LYS A 637 20.75 21.26 27.42
CA LYS A 637 21.49 22.18 28.27
C LYS A 637 20.98 22.08 29.69
N ARG A 638 21.91 21.86 30.64
CA ARG A 638 21.59 21.76 32.06
C ARG A 638 20.58 20.66 32.33
N PHE A 639 20.70 19.55 31.59
CA PHE A 639 19.89 18.35 31.79
C PHE A 639 18.40 18.67 31.70
N VAL A 640 18.02 19.44 30.67
CA VAL A 640 16.65 19.90 30.53
C VAL A 640 15.77 18.90 29.78
N LYS A 641 16.36 17.98 29.02
CA LYS A 641 15.61 17.04 28.21
C LYS A 641 15.34 15.73 28.96
N LEU A 642 15.31 15.78 30.28
CA LEU A 642 14.97 14.61 31.10
C LEU A 642 13.52 14.62 31.55
N LEU A 643 12.80 15.72 31.34
CA LEU A 643 11.38 15.78 31.68
C LEU A 643 10.51 15.04 30.68
N ASN A 644 11.02 14.78 29.48
CA ASN A 644 10.27 14.05 28.48
C ASN A 644 10.29 12.56 28.80
N PRO A 645 9.12 11.93 28.98
CA PRO A 645 9.11 10.49 29.28
C PRO A 645 9.65 9.62 28.17
N LEU A 646 9.69 10.13 26.93
CA LEU A 646 10.18 9.34 25.81
C LEU A 646 11.67 9.54 25.56
N VAL A 647 12.29 10.51 26.21
CA VAL A 647 13.74 10.72 26.08
C VAL A 647 14.44 10.04 27.25
N ALA A 648 13.87 10.18 28.45
CA ALA A 648 14.42 9.51 29.61
C ALA A 648 14.35 7.99 29.49
N SER A 649 13.34 7.47 28.81
CA SER A 649 13.24 6.03 28.58
C SER A 649 14.41 5.51 27.74
N GLN A 650 14.79 6.27 26.71
CA GLN A 650 15.88 5.83 25.84
C GLN A 650 17.24 6.08 26.46
N ASN A 651 17.33 6.91 27.49
CA ASN A 651 18.57 7.11 28.22
C ASN A 651 18.96 5.90 29.05
N PHE A 652 18.00 5.10 29.50
CA PHE A 652 18.28 3.89 30.26
C PHE A 652 18.53 2.69 29.38
N GLU A 653 17.96 2.66 28.17
CA GLU A 653 18.20 1.56 27.25
C GLU A 653 19.59 1.62 26.63
N TYR A 654 20.09 2.82 26.34
CA TYR A 654 21.45 2.95 25.81
C TYR A 654 22.49 2.52 26.83
N LYS A 655 22.28 2.86 28.10
CA LYS A 655 23.24 2.49 29.14
C LYS A 655 23.30 0.98 29.33
N MET A 656 22.14 0.33 29.41
CA MET A 656 22.09 -1.11 29.65
C MET A 656 22.62 -1.92 28.47
N SER A 657 22.75 -1.32 27.29
CA SER A 657 23.32 -2.01 26.14
C SER A 657 24.84 -1.92 26.08
N ASN A 658 25.42 -0.85 26.61
CA ASN A 658 26.86 -0.67 26.65
C ASN A 658 27.50 -1.24 27.90
N ILE A 659 26.69 -1.77 28.82
CA ILE A 659 27.22 -2.32 30.07
C ILE A 659 27.01 -3.82 30.19
N LEU A 660 25.97 -4.39 29.62
CA LEU A 660 25.70 -5.81 29.79
C LEU A 660 25.88 -6.61 28.52
N ASP A 661 25.61 -6.02 27.36
CA ASP A 661 25.64 -6.79 26.11
C ASP A 661 26.98 -6.68 25.41
N LYS A 662 27.47 -5.45 25.20
CA LYS A 662 28.68 -5.26 24.40
C LYS A 662 29.89 -5.90 25.05
N THR A 663 30.01 -5.80 26.38
CA THR A 663 31.15 -6.41 27.07
C THR A 663 31.12 -7.93 26.94
N THR A 664 29.93 -8.53 27.11
CA THR A 664 29.79 -9.97 26.98
C THR A 664 30.13 -10.43 25.56
N GLU A 665 29.66 -9.70 24.55
CA GLU A 665 30.02 -10.06 23.18
C GLU A 665 31.51 -9.89 22.91
N SER A 666 32.13 -8.84 23.45
CA SER A 666 33.56 -8.62 23.23
C SER A 666 34.41 -9.67 23.92
N ASN A 667 33.89 -10.28 25.00
CA ASN A 667 34.65 -11.31 25.68
C ASN A 667 34.93 -12.49 24.75
N PHE A 668 33.92 -12.92 24.00
CA PHE A 668 34.10 -14.05 23.09
C PHE A 668 34.94 -13.66 21.88
N GLY A 669 34.65 -12.51 21.28
CA GLY A 669 35.41 -12.04 20.14
C GLY A 669 34.59 -11.69 18.92
N PHE A 670 33.28 -11.51 19.12
CA PHE A 670 32.39 -11.15 18.01
C PHE A 670 31.35 -10.17 18.54
N ILE A 671 31.28 -8.99 17.93
CA ILE A 671 30.35 -7.95 18.34
C ILE A 671 29.65 -7.39 17.11
N THR A 672 28.48 -6.79 17.35
CA THR A 672 27.70 -6.12 16.32
C THR A 672 27.51 -4.66 16.75
N VAL A 673 27.93 -3.73 15.89
CA VAL A 673 27.90 -2.32 16.26
C VAL A 673 26.46 -1.82 16.32
N LEU A 674 26.14 -1.04 17.34
CA LEU A 674 24.81 -0.47 17.45
C LEU A 674 24.63 0.59 16.36
N PRO A 675 23.40 0.79 15.87
CA PRO A 675 23.18 1.83 14.86
C PRO A 675 23.49 3.21 15.42
N GLY A 676 24.11 4.06 14.59
CA GLY A 676 24.48 5.40 14.97
C GLY A 676 25.80 5.52 15.70
N ALA A 677 26.47 4.40 15.96
CA ALA A 677 27.68 4.41 16.77
C ALA A 677 28.88 4.83 15.92
N PHE A 678 30.07 4.61 16.49
CA PHE A 678 31.33 5.10 15.94
C PHE A 678 32.29 3.92 15.79
N SER A 679 32.50 3.48 14.54
CA SER A 679 33.22 2.24 14.27
C SER A 679 34.38 2.47 13.31
N ALA A 680 35.35 1.57 13.38
CA ALA A 680 36.56 1.64 12.56
C ALA A 680 36.95 0.23 12.14
N TYR A 681 37.39 0.09 10.90
CA TYR A 681 37.84 -1.18 10.34
C TYR A 681 39.27 -1.06 9.82
N ARG A 682 39.95 -2.19 9.77
CA ARG A 682 41.25 -2.27 9.13
C ARG A 682 41.08 -2.62 7.65
N PHE A 683 41.71 -1.83 6.79
CA PHE A 683 41.55 -2.00 5.36
C PHE A 683 42.12 -3.32 4.86
N GLU A 684 43.06 -3.92 5.58
CA GLU A 684 43.59 -5.22 5.18
C GLU A 684 42.63 -6.36 5.48
N ALA A 685 41.89 -6.28 6.59
CA ALA A 685 40.94 -7.33 6.93
C ALA A 685 39.74 -7.31 5.98
N VAL A 686 39.16 -6.14 5.76
CA VAL A 686 38.03 -6.01 4.83
C VAL A 686 38.56 -5.72 3.43
N ARG A 687 38.94 -6.77 2.71
CA ARG A 687 39.40 -6.62 1.33
C ARG A 687 39.31 -7.99 0.65
N GLY A 688 38.41 -8.11 -0.31
CA GLY A 688 38.23 -9.37 -1.00
C GLY A 688 36.85 -9.95 -0.78
N GLN A 689 36.79 -11.11 -0.13
CA GLN A 689 35.53 -11.79 0.15
C GLN A 689 34.61 -10.98 1.06
N PRO A 690 35.10 -10.41 2.18
CA PRO A 690 34.19 -9.63 3.04
C PRO A 690 33.51 -8.47 2.31
N LEU A 691 34.22 -7.79 1.41
CA LEU A 691 33.62 -6.69 0.67
C LEU A 691 32.85 -7.16 -0.56
N GLN A 692 33.14 -8.35 -1.08
CA GLN A 692 32.42 -8.88 -2.23
C GLN A 692 31.01 -9.34 -1.88
N LYS A 693 30.81 -9.87 -0.67
CA LYS A 693 29.51 -10.35 -0.25
C LYS A 693 28.74 -9.31 0.55
N TYR A 694 29.31 -8.12 0.74
CA TYR A 694 28.60 -7.01 1.37
C TYR A 694 27.89 -6.15 0.34
N PHE A 695 28.59 -5.72 -0.71
CA PHE A 695 28.00 -4.86 -1.72
C PHE A 695 27.12 -5.64 -2.67
N TYR A 696 27.69 -6.62 -3.37
CA TYR A 696 26.93 -7.37 -4.36
C TYR A 696 26.11 -8.46 -3.69
N GLY A 697 26.80 -9.41 -3.06
CA GLY A 697 26.12 -10.50 -2.36
C GLY A 697 25.29 -11.39 -3.27
N GLU A 698 25.54 -11.33 -4.57
CA GLU A 698 24.77 -12.10 -5.56
C GLU A 698 23.27 -11.87 -5.42
N GLY A 704 16.69 -15.06 -9.90
CA GLY A 704 17.20 -15.72 -8.71
C GLY A 704 16.18 -15.80 -7.60
N PHE A 705 16.08 -14.72 -6.82
CA PHE A 705 15.11 -14.63 -5.72
C PHE A 705 15.28 -15.75 -4.72
N HIS A 706 16.42 -15.79 -4.04
CA HIS A 706 16.68 -16.75 -2.97
C HIS A 706 16.60 -16.05 -1.63
N PHE A 707 16.24 -16.81 -0.59
CA PHE A 707 15.97 -16.22 0.72
C PHE A 707 17.21 -15.54 1.31
N PHE A 708 18.36 -16.20 1.22
CA PHE A 708 19.57 -15.70 1.85
C PHE A 708 20.40 -14.83 0.92
N SER A 709 19.80 -14.38 -0.18
CA SER A 709 20.51 -13.53 -1.12
C SER A 709 19.71 -12.28 -1.44
N SER A 710 18.39 -12.37 -1.34
CA SER A 710 17.53 -11.24 -1.68
C SER A 710 17.11 -10.42 -0.47
N ASN A 711 17.18 -10.99 0.72
CA ASN A 711 16.82 -10.27 1.94
C ASN A 711 18.05 -9.89 2.76
N MET A 712 19.24 -10.14 2.25
CA MET A 712 20.47 -9.92 2.99
C MET A 712 20.83 -8.44 3.13
N TYR A 713 20.19 -7.56 2.37
CA TYR A 713 20.42 -6.13 2.50
C TYR A 713 19.78 -5.55 3.75
N LEU A 714 18.94 -6.32 4.44
CA LEU A 714 18.26 -5.83 5.64
C LEU A 714 19.18 -5.78 6.84
N ALA A 715 20.31 -6.48 6.80
CA ALA A 715 21.23 -6.55 7.93
C ALA A 715 22.27 -5.44 7.92
N GLU A 716 22.17 -4.51 6.97
CA GLU A 716 23.11 -3.40 6.85
C GLU A 716 24.56 -3.89 6.79
N ASP A 717 25.39 -3.41 7.70
CA ASP A 717 26.81 -3.76 7.73
C ASP A 717 27.13 -4.85 8.74
N ARG A 718 26.11 -5.47 9.34
CA ARG A 718 26.35 -6.55 10.28
C ARG A 718 26.92 -7.79 9.60
N ILE A 719 26.76 -7.92 8.29
CA ILE A 719 27.41 -9.01 7.56
C ILE A 719 28.92 -8.79 7.46
N LEU A 720 29.36 -7.54 7.35
CA LEU A 720 30.78 -7.25 7.28
C LEU A 720 31.51 -7.67 8.55
N CYS A 721 30.87 -7.50 9.71
CA CYS A 721 31.48 -7.92 10.96
C CYS A 721 31.54 -9.44 11.08
N PHE A 722 30.58 -10.15 10.50
CA PHE A 722 30.56 -11.61 10.53
C PHE A 722 31.54 -12.24 9.57
N GLU A 723 31.76 -11.63 8.39
CA GLU A 723 32.69 -12.20 7.43
C GLU A 723 34.15 -11.94 7.76
N VAL A 724 34.43 -11.04 8.71
CA VAL A 724 35.81 -10.78 9.10
C VAL A 724 36.31 -11.85 10.05
N VAL A 725 35.49 -12.23 11.03
CA VAL A 725 35.91 -13.21 12.02
C VAL A 725 36.08 -14.58 11.39
N THR A 726 35.20 -14.93 10.46
CA THR A 726 35.21 -16.26 9.86
C THR A 726 35.94 -16.27 8.51
N LYS A 727 36.94 -15.42 8.37
CA LYS A 727 37.70 -15.34 7.12
C LYS A 727 38.60 -16.56 7.00
N LYS A 728 38.72 -17.08 5.78
CA LYS A 728 39.47 -18.32 5.55
C LYS A 728 40.96 -18.09 5.75
N ASN A 729 41.58 -18.98 6.52
CA ASN A 729 43.03 -19.02 6.73
C ASN A 729 43.54 -17.70 7.29
N CYS A 730 42.72 -17.09 8.15
CA CYS A 730 43.09 -15.84 8.81
C CYS A 730 42.49 -15.85 10.21
N ASN A 731 42.95 -14.93 11.05
CA ASN A 731 42.42 -14.83 12.41
C ASN A 731 42.25 -13.38 12.83
N TRP A 732 41.06 -12.83 12.63
CA TRP A 732 40.73 -11.48 13.06
C TRP A 732 39.63 -11.54 14.11
N ILE A 733 39.72 -10.65 15.09
CA ILE A 733 38.71 -10.57 16.14
C ILE A 733 38.25 -9.12 16.26
N LEU A 734 37.03 -8.95 16.77
CA LEU A 734 36.44 -7.63 16.96
C LEU A 734 36.44 -7.28 18.45
N LYS A 735 36.95 -6.10 18.77
CA LYS A 735 37.10 -5.67 20.16
C LYS A 735 36.30 -4.41 20.41
N TYR A 736 35.80 -4.27 21.64
CA TYR A 736 34.92 -3.17 22.03
C TYR A 736 35.71 -2.24 22.96
N CYS A 737 36.02 -1.04 22.48
CA CYS A 737 36.71 -0.06 23.30
C CYS A 737 35.71 0.67 24.19
N ARG A 738 36.15 1.00 25.40
CA ARG A 738 35.30 1.64 26.39
C ARG A 738 35.67 3.08 26.69
N SER A 739 36.91 3.49 26.42
CA SER A 739 37.36 4.84 26.69
C SER A 739 37.18 5.78 25.50
N SER A 740 36.20 5.50 24.64
CA SER A 740 35.89 6.36 23.52
C SER A 740 34.37 6.40 23.34
N TYR A 741 33.80 7.59 23.45
CA TYR A 741 32.35 7.76 23.43
C TYR A 741 31.97 8.76 22.34
N ALA A 742 30.69 8.74 21.96
CA ALA A 742 30.17 9.65 20.94
C ALA A 742 28.69 9.91 21.24
N SER A 743 28.36 11.17 21.52
CA SER A 743 26.99 11.53 21.85
C SER A 743 26.19 11.83 20.60
N THR A 744 24.86 11.70 20.72
CA THR A 744 23.96 11.95 19.61
C THR A 744 22.58 12.33 20.16
N ASP A 745 21.74 12.88 19.29
CA ASP A 745 20.37 13.20 19.66
C ASP A 745 19.48 11.99 19.41
N VAL A 746 18.28 12.05 19.99
CA VAL A 746 17.31 10.97 19.89
C VAL A 746 15.94 11.54 19.58
N PRO A 747 15.03 10.78 18.95
CA PRO A 747 13.69 11.30 18.69
C PRO A 747 12.94 11.58 19.98
N GLU A 748 12.08 12.60 19.94
CA GLU A 748 11.27 12.98 21.08
C GLU A 748 9.77 12.92 20.82
N ARG A 749 9.35 12.63 19.60
CA ARG A 749 7.95 12.44 19.27
C ARG A 749 7.68 10.96 19.03
N VAL A 750 6.40 10.59 19.08
CA VAL A 750 6.03 9.18 18.94
C VAL A 750 6.05 8.74 17.48
N PRO A 751 5.44 9.47 16.54
CA PRO A 751 5.50 9.01 15.13
C PRO A 751 6.91 8.91 14.59
N GLU A 752 7.82 9.79 15.01
CA GLU A 752 9.20 9.75 14.55
C GLU A 752 10.00 8.64 15.23
N PHE A 753 9.66 8.28 16.47
CA PHE A 753 10.33 7.23 17.19
C PHE A 753 9.95 5.83 16.71
N ILE A 754 8.72 5.64 16.24
CA ILE A 754 8.32 4.36 15.67
C ILE A 754 9.01 4.05 14.36
N LEU A 755 9.18 5.04 13.48
CA LEU A 755 9.81 4.82 12.19
C LEU A 755 11.29 4.48 12.28
N GLN A 756 11.96 4.85 13.37
CA GLN A 756 13.37 4.56 13.50
C GLN A 756 13.66 3.14 13.94
N ARG A 757 12.98 2.66 14.99
CA ARG A 757 13.17 1.30 15.48
C ARG A 757 12.72 0.26 14.46
N ARG A 758 11.87 0.65 13.51
CA ARG A 758 11.48 -0.21 12.40
C ARG A 758 12.66 -0.70 11.60
N ARG A 759 13.70 0.13 11.41
CA ARG A 759 14.91 -0.29 10.73
C ARG A 759 15.81 -1.16 11.60
N TRP A 760 15.86 -0.88 12.90
CA TRP A 760 16.74 -1.64 13.79
C TRP A 760 16.23 -3.07 14.01
N LEU A 761 14.93 -3.21 14.29
CA LEU A 761 14.39 -4.52 14.62
C LEU A 761 14.44 -5.47 13.42
N ASN A 762 14.14 -4.94 12.23
CA ASN A 762 14.15 -5.79 11.03
C ASN A 762 15.56 -6.25 10.68
N GLY A 763 16.58 -5.55 11.17
CA GLY A 763 17.95 -5.89 10.85
C GLY A 763 18.62 -6.76 11.90
N SER A 764 18.27 -6.54 13.17
CA SER A 764 18.83 -7.35 14.25
C SER A 764 18.18 -8.71 14.35
N PHE A 765 17.01 -8.91 13.75
CA PHE A 765 16.36 -10.22 13.71
C PHE A 765 16.87 -11.09 12.57
N PHE A 766 17.17 -10.50 11.42
CA PHE A 766 17.70 -11.26 10.29
C PHE A 766 19.18 -11.53 10.41
N ALA A 767 19.94 -10.67 11.07
CA ALA A 767 21.38 -10.88 11.21
C ALA A 767 21.72 -12.01 12.15
N SER A 768 20.81 -12.40 13.04
CA SER A 768 21.05 -13.52 13.94
C SER A 768 20.53 -14.84 13.40
N VAL A 769 19.55 -14.80 12.49
CA VAL A 769 19.13 -16.00 11.79
C VAL A 769 20.15 -16.41 10.74
N TYR A 770 20.76 -15.46 10.04
CA TYR A 770 21.82 -15.75 9.08
C TYR A 770 23.07 -16.31 9.76
N SER A 771 23.44 -15.79 10.92
CA SER A 771 24.63 -16.27 11.62
C SER A 771 24.45 -17.65 12.21
N PHE A 772 23.26 -17.99 12.68
CA PHE A 772 23.03 -19.31 13.26
C PHE A 772 23.03 -20.41 12.22
N CYS A 773 22.51 -20.14 11.02
CA CYS A 773 22.45 -21.16 9.98
C CYS A 773 23.77 -21.32 9.24
N HIS A 774 24.74 -20.44 9.47
CA HIS A 774 26.05 -20.53 8.83
C HIS A 774 27.16 -20.59 9.88
N PHE A 775 26.88 -21.15 11.05
CA PHE A 775 27.89 -21.21 12.11
C PHE A 775 28.99 -22.22 11.82
N TYR A 776 28.79 -23.11 10.84
CA TYR A 776 29.79 -24.10 10.48
C TYR A 776 31.00 -23.48 9.76
N ARG A 777 30.90 -22.24 9.33
CA ARG A 777 31.97 -21.58 8.60
C ARG A 777 33.11 -21.11 9.49
N VAL A 778 32.91 -21.11 10.81
CA VAL A 778 34.00 -20.77 11.72
C VAL A 778 35.13 -21.80 11.68
N TRP A 779 34.78 -23.09 11.56
CA TRP A 779 35.77 -24.16 11.64
C TRP A 779 36.67 -24.22 10.43
N SER A 780 36.34 -23.50 9.36
CA SER A 780 37.20 -23.41 8.18
C SER A 780 38.13 -22.22 8.22
N SER A 781 38.15 -21.48 9.34
CA SER A 781 38.99 -20.30 9.49
C SER A 781 40.36 -20.68 10.02
N GLY A 782 41.16 -19.69 10.42
CA GLY A 782 42.51 -19.95 10.87
C GLY A 782 42.77 -19.66 12.33
N HIS A 783 41.73 -19.72 13.16
CA HIS A 783 41.89 -19.51 14.59
C HIS A 783 42.51 -20.76 15.21
N ASN A 784 42.76 -20.70 16.52
CA ASN A 784 43.22 -21.85 17.26
C ASN A 784 42.01 -22.70 17.66
N ILE A 785 42.22 -23.68 18.53
CA ILE A 785 41.12 -24.55 18.95
C ILE A 785 40.22 -23.90 19.99
N GLY A 786 40.77 -23.08 20.87
CA GLY A 786 39.97 -22.43 21.89
C GLY A 786 39.01 -21.38 21.34
N ARG A 787 39.48 -20.59 20.38
CA ARG A 787 38.65 -19.52 19.84
C ARG A 787 37.45 -20.08 19.09
N LYS A 788 37.65 -21.18 18.36
CA LYS A 788 36.53 -21.77 17.61
C LYS A 788 35.43 -22.24 18.55
N LEU A 789 35.81 -22.92 19.63
CA LEU A 789 34.85 -23.36 20.63
C LEU A 789 34.20 -22.20 21.36
N LEU A 790 34.95 -21.12 21.63
CA LEU A 790 34.36 -19.95 22.25
C LEU A 790 33.38 -19.22 21.35
N LEU A 791 33.64 -19.21 20.04
CA LEU A 791 32.74 -18.55 19.11
C LEU A 791 31.48 -19.37 18.85
N THR A 792 31.62 -20.70 18.81
CA THR A 792 30.45 -21.56 18.60
C THR A 792 29.44 -21.41 19.74
N VAL A 793 29.92 -21.28 20.97
CA VAL A 793 29.03 -21.04 22.11
C VAL A 793 28.30 -19.72 22.00
N GLU A 794 29.00 -18.65 21.61
CA GLU A 794 28.37 -17.34 21.48
C GLU A 794 27.32 -17.31 20.37
N PHE A 795 27.58 -18.00 19.26
CA PHE A 795 26.61 -18.06 18.19
C PHE A 795 25.33 -18.78 18.59
N PHE A 796 25.39 -19.66 19.59
CA PHE A 796 24.17 -20.27 20.13
C PHE A 796 23.52 -19.38 21.18
N TYR A 797 24.32 -18.72 22.01
CA TYR A 797 23.78 -17.83 23.03
C TYR A 797 23.04 -16.65 22.42
N LEU A 798 23.47 -16.16 21.25
CA LEU A 798 22.74 -15.10 20.59
C LEU A 798 21.41 -15.58 20.01
N PHE A 799 21.38 -16.79 19.44
CA PHE A 799 20.12 -17.32 18.92
C PHE A 799 19.13 -17.61 20.04
N PHE A 800 19.62 -18.00 21.21
CA PHE A 800 18.72 -18.16 22.35
C PHE A 800 18.05 -16.85 22.73
N ASN A 801 18.81 -15.76 22.75
CA ASN A 801 18.24 -14.44 23.02
C ASN A 801 17.24 -14.04 21.94
N THR A 802 17.55 -14.33 20.67
CA THR A 802 16.60 -14.04 19.60
C THR A 802 15.30 -14.83 19.75
N LEU A 803 15.38 -16.12 20.08
CA LEU A 803 14.19 -16.92 20.33
C LEU A 803 13.36 -16.40 21.50
N ILE A 804 14.01 -15.92 22.57
CA ILE A 804 13.25 -15.31 23.65
C ILE A 804 12.46 -14.10 23.17
N SER A 805 13.05 -13.26 22.32
CA SER A 805 12.36 -12.07 21.82
C SER A 805 11.31 -12.39 20.77
N TRP A 806 11.41 -13.52 20.09
CA TRP A 806 10.39 -13.89 19.11
C TRP A 806 9.08 -14.29 19.78
N PHE A 807 9.14 -14.81 21.01
CA PHE A 807 7.97 -15.31 21.72
C PHE A 807 7.50 -14.33 22.81
N SER A 808 7.87 -13.07 22.70
CA SER A 808 7.55 -12.07 23.71
C SER A 808 6.16 -11.47 23.56
N LEU A 809 5.48 -11.73 22.43
CA LEU A 809 4.12 -11.25 22.27
C LEU A 809 3.13 -12.05 23.10
N SER A 810 3.30 -13.37 23.15
CA SER A 810 2.42 -14.25 23.91
C SER A 810 2.86 -14.42 25.36
N SER A 811 4.05 -13.97 25.71
CA SER A 811 4.50 -14.04 27.10
C SER A 811 3.91 -12.94 27.97
N PHE A 812 3.89 -11.71 27.46
CA PHE A 812 3.31 -10.60 28.22
C PHE A 812 1.82 -10.79 28.48
N PHE A 813 1.06 -11.26 27.49
CA PHE A 813 -0.36 -11.51 27.70
C PHE A 813 -0.60 -12.60 28.73
N LEU A 814 0.18 -13.68 28.68
CA LEU A 814 0.03 -14.75 29.66
C LEU A 814 0.37 -14.26 31.06
N VAL A 815 1.45 -13.50 31.20
CA VAL A 815 1.79 -12.94 32.51
C VAL A 815 0.71 -12.01 33.02
N PHE A 816 0.16 -11.15 32.16
CA PHE A 816 -0.91 -10.25 32.52
C PHE A 816 -2.22 -10.95 32.86
N ARG A 817 -2.52 -12.09 32.23
CA ARG A 817 -3.78 -12.77 32.45
C ARG A 817 -3.76 -13.74 33.61
N ILE A 818 -2.67 -14.49 33.83
CA ILE A 818 -2.59 -15.39 34.98
C ILE A 818 -2.45 -14.63 36.29
N LEU A 819 -2.17 -13.34 36.24
CA LEU A 819 -1.99 -12.54 37.45
C LEU A 819 -3.25 -11.80 37.88
N THR A 820 -4.03 -11.28 36.93
CA THR A 820 -5.26 -10.58 37.30
C THR A 820 -6.37 -11.54 37.69
N VAL A 821 -6.42 -12.72 37.07
CA VAL A 821 -7.43 -13.70 37.43
C VAL A 821 -7.15 -14.28 38.81
N SER A 822 -5.88 -14.58 39.11
CA SER A 822 -5.52 -15.21 40.36
C SER A 822 -5.81 -14.33 41.57
N ILE A 823 -5.84 -13.01 41.40
CA ILE A 823 -6.17 -12.11 42.49
C ILE A 823 -7.67 -11.91 42.65
N ALA A 824 -8.47 -12.41 41.70
CA ALA A 824 -9.91 -12.35 41.81
C ALA A 824 -10.51 -13.61 42.41
N LEU A 825 -9.77 -14.71 42.45
CA LEU A 825 -10.21 -15.96 43.06
C LEU A 825 -9.78 -16.07 44.51
N ALA A 826 -9.19 -15.01 45.06
CA ALA A 826 -8.68 -15.06 46.43
C ALA A 826 -9.30 -13.96 47.29
N TYR A 827 -9.67 -12.84 46.68
CA TYR A 827 -10.16 -11.70 47.44
C TYR A 827 -11.44 -11.09 46.89
N HIS A 828 -11.87 -11.46 45.68
CA HIS A 828 -13.13 -11.02 45.11
C HIS A 828 -13.28 -9.49 45.17
N SER A 829 -14.37 -9.03 45.79
CA SER A 829 -14.65 -7.60 45.91
C SER A 829 -14.67 -6.91 44.56
N ALA A 830 -13.77 -5.95 44.36
CA ALA A 830 -13.70 -5.19 43.12
C ALA A 830 -12.70 -5.77 42.14
N PHE A 831 -12.08 -6.91 42.47
CA PHE A 831 -11.13 -7.57 41.58
C PHE A 831 -11.82 -8.44 40.54
N ASN A 832 -13.14 -8.56 40.60
CA ASN A 832 -13.90 -9.34 39.64
C ASN A 832 -14.29 -8.55 38.41
N VAL A 833 -14.59 -7.25 38.55
CA VAL A 833 -14.93 -6.42 37.42
C VAL A 833 -13.70 -5.85 36.72
N LEU A 834 -12.66 -5.53 37.47
CA LEU A 834 -11.44 -5.00 36.88
C LEU A 834 -10.73 -6.01 35.98
N SER A 835 -10.92 -7.31 36.21
CA SER A 835 -10.29 -8.32 35.38
C SER A 835 -11.00 -8.53 34.05
N VAL A 836 -12.21 -7.98 33.88
CA VAL A 836 -12.92 -8.04 32.62
C VAL A 836 -12.79 -6.77 31.81
N ILE A 837 -12.73 -5.61 32.46
CA ILE A 837 -12.50 -4.36 31.75
C ILE A 837 -11.13 -4.29 31.11
N PHE A 838 -10.09 -4.83 31.76
CA PHE A 838 -8.74 -4.75 31.23
C PHE A 838 -8.49 -5.67 30.05
N LEU A 839 -9.17 -6.82 29.99
CA LEU A 839 -9.04 -7.69 28.82
C LEU A 839 -9.65 -7.07 27.58
N TRP A 840 -10.84 -6.49 27.70
CA TRP A 840 -11.47 -5.79 26.59
C TRP A 840 -10.72 -4.54 26.19
N LEU A 841 -10.07 -3.87 27.14
CA LEU A 841 -9.25 -2.71 26.85
C LEU A 841 -7.91 -3.08 26.22
N TYR A 842 -7.47 -4.33 26.39
CA TYR A 842 -6.30 -4.85 25.73
C TYR A 842 -6.56 -5.33 24.32
N GLY A 843 -7.67 -6.06 24.12
CA GLY A 843 -7.99 -6.60 22.81
C GLY A 843 -8.38 -5.55 21.80
N ILE A 844 -8.94 -4.42 22.26
CA ILE A 844 -9.26 -3.33 21.35
C ILE A 844 -8.02 -2.56 20.91
N CYS A 845 -7.07 -2.31 21.81
CA CYS A 845 -5.84 -1.63 21.45
C CYS A 845 -4.88 -2.52 20.65
N THR A 846 -4.89 -3.83 20.86
CA THR A 846 -4.06 -4.71 20.06
C THR A 846 -4.58 -4.88 18.64
N LEU A 847 -5.90 -4.98 18.45
CA LEU A 847 -6.48 -5.12 17.13
C LEU A 847 -6.31 -3.87 16.27
N SER A 848 -6.42 -2.68 16.86
CA SER A 848 -6.29 -1.44 16.10
C SER A 848 -4.86 -1.17 15.65
N THR A 849 -3.86 -1.79 16.26
CA THR A 849 -2.49 -1.63 15.85
C THR A 849 -2.13 -2.46 14.63
N PHE A 850 -2.81 -3.60 14.43
CA PHE A 850 -2.65 -4.39 13.21
C PHE A 850 -3.32 -3.76 12.01
N ILE A 851 -4.46 -3.08 12.19
CA ILE A 851 -5.15 -2.45 11.08
C ILE A 851 -4.50 -1.12 10.70
N LEU A 852 -3.93 -0.38 11.64
CA LEU A 852 -3.30 0.90 11.37
C LEU A 852 -1.86 0.76 10.90
N SER A 853 -1.29 -0.45 10.91
CA SER A 853 0.06 -0.67 10.45
C SER A 853 0.14 -1.33 9.08
N LEU A 854 -0.92 -2.03 8.66
CA LEU A 854 -0.94 -2.68 7.36
C LEU A 854 -1.49 -1.78 6.26
N GLY A 855 -2.29 -0.78 6.60
CA GLY A 855 -2.90 0.06 5.60
C GLY A 855 -2.94 1.54 5.92
N ASN A 856 -1.97 2.04 6.68
CA ASN A 856 -1.96 3.45 7.04
C ASN A 856 -0.55 3.84 7.43
N LYS A 857 -0.31 5.17 7.47
CA LYS A 857 0.96 5.78 7.86
C LYS A 857 0.90 6.24 9.31
N PRO A 858 2.03 6.19 10.03
CA PRO A 858 2.01 6.58 11.44
C PRO A 858 2.02 8.09 11.67
N LYS A 859 2.24 8.89 10.63
CA LYS A 859 2.22 10.35 10.77
C LYS A 859 0.82 10.93 10.75
N SER A 860 -0.12 10.25 10.08
CA SER A 860 -1.49 10.74 9.99
C SER A 860 -2.20 10.63 11.32
N THR A 861 -2.28 9.40 11.86
CA THR A 861 -2.98 9.15 13.12
C THR A 861 -1.96 9.13 14.26
N GLU A 862 -1.56 10.32 14.68
CA GLU A 862 -0.58 10.48 15.75
C GLU A 862 -1.22 10.45 17.14
N LYS A 863 -2.43 10.98 17.29
CA LYS A 863 -3.08 11.05 18.59
C LYS A 863 -3.47 9.69 19.15
N PHE A 864 -3.69 8.69 18.29
CA PHE A 864 -4.09 7.38 18.78
C PHE A 864 -2.94 6.61 19.43
N TYR A 865 -1.73 6.72 18.88
CA TYR A 865 -0.58 6.03 19.45
C TYR A 865 -0.26 6.52 20.87
N VAL A 866 -0.39 7.83 21.09
CA VAL A 866 -0.20 8.37 22.44
C VAL A 866 -1.21 7.79 23.43
N LEU A 867 -2.48 7.69 23.03
CA LEU A 867 -3.49 7.07 23.89
C LEU A 867 -3.19 5.60 24.16
N THR A 868 -2.75 4.86 23.14
CA THR A 868 -2.39 3.46 23.32
C THR A 868 -1.25 3.29 24.31
N CYS A 869 -0.21 4.12 24.20
CA CYS A 869 0.89 4.07 25.15
C CYS A 869 0.44 4.36 26.59
N VAL A 870 -0.44 5.33 26.78
CA VAL A 870 -0.95 5.63 28.12
C VAL A 870 -1.76 4.46 28.67
N ILE A 871 -2.58 3.84 27.83
CA ILE A 871 -3.38 2.70 28.28
C ILE A 871 -2.47 1.56 28.73
N PHE A 872 -1.44 1.27 27.92
CA PHE A 872 -0.50 0.22 28.31
C PHE A 872 0.26 0.57 29.58
N ALA A 873 0.64 1.85 29.76
CA ALA A 873 1.29 2.26 31.00
C ALA A 873 0.40 2.03 32.21
N VAL A 874 -0.89 2.37 32.11
CA VAL A 874 -1.82 2.13 33.21
C VAL A 874 -1.97 0.64 33.50
N MET A 875 -2.11 -0.19 32.46
CA MET A 875 -2.12 -1.63 32.65
C MET A 875 -0.89 -2.13 33.40
N MET A 876 0.29 -1.60 33.06
CA MET A 876 1.52 -1.96 33.77
C MET A 876 1.48 -1.57 35.24
N ILE A 877 0.96 -0.39 35.57
CA ILE A 877 0.86 0.02 36.97
C ILE A 877 -0.05 -0.93 37.74
N TYR A 878 -1.21 -1.27 37.16
CA TYR A 878 -2.11 -2.20 37.83
C TYR A 878 -1.46 -3.57 38.03
N MET A 879 -0.76 -4.06 37.01
CA MET A 879 -0.08 -5.34 37.12
C MET A 879 1.02 -5.34 38.17
N ILE A 880 1.75 -4.23 38.30
CA ILE A 880 2.73 -4.11 39.38
C ILE A 880 2.08 -4.08 40.76
N PHE A 881 1.00 -3.32 40.93
CA PHE A 881 0.32 -3.27 42.24
C PHE A 881 -0.24 -4.61 42.67
N CYS A 882 -0.82 -5.39 41.74
CA CYS A 882 -1.40 -6.67 42.11
C CYS A 882 -0.39 -7.63 42.73
N SER A 883 0.80 -7.73 42.16
CA SER A 883 1.84 -8.62 42.68
C SER A 883 2.29 -8.22 44.08
N ILE A 884 2.48 -6.93 44.32
CA ILE A 884 2.87 -6.47 45.65
C ILE A 884 1.78 -6.79 46.67
N PHE A 885 0.52 -6.55 46.30
CA PHE A 885 -0.59 -6.86 47.20
C PHE A 885 -0.61 -8.35 47.55
N MET A 886 -0.52 -9.21 46.54
CA MET A 886 -0.57 -10.65 46.79
C MET A 886 0.61 -11.09 47.63
N SER A 887 1.80 -10.56 47.34
CA SER A 887 2.99 -10.98 48.09
C SER A 887 2.92 -10.55 49.54
N VAL A 888 2.47 -9.32 49.81
CA VAL A 888 2.41 -8.87 51.19
C VAL A 888 1.35 -9.65 51.96
N LYS A 889 0.23 -9.98 51.31
CA LYS A 889 -0.74 -10.87 51.97
C LYS A 889 -0.16 -12.24 52.25
N SER A 890 0.61 -12.79 51.31
CA SER A 890 1.21 -14.11 51.52
C SER A 890 2.17 -14.09 52.70
N PHE A 891 2.99 -13.04 52.80
CA PHE A 891 3.89 -12.92 53.94
C PHE A 891 3.13 -12.76 55.25
N GLN A 892 2.09 -11.92 55.26
CA GLN A 892 1.33 -11.69 56.50
C GLN A 892 0.53 -12.91 56.93
N ASN A 893 0.18 -13.80 56.01
CA ASN A 893 -0.61 -14.98 56.33
C ASN A 893 0.27 -16.17 56.73
N ILE A 894 1.59 -15.97 56.79
CA ILE A 894 2.49 -17.05 57.18
C ILE A 894 3.39 -16.58 58.31
N LEU A 895 3.50 -15.27 58.51
CA LEU A 895 4.33 -14.73 59.58
C LEU A 895 3.56 -14.33 60.82
N LYS A 896 2.30 -13.92 60.68
CA LYS A 896 1.49 -13.55 61.84
C LYS A 896 0.89 -14.78 62.50
N THR A 908 4.33 -21.88 46.69
CA THR A 908 3.57 -20.64 46.50
C THR A 908 4.15 -19.82 45.36
N GLU A 909 3.31 -19.47 44.38
CA GLU A 909 3.78 -18.73 43.22
C GLU A 909 4.18 -17.30 43.59
N ALA A 910 3.52 -16.71 44.59
CA ALA A 910 3.80 -15.34 44.99
C ALA A 910 4.84 -15.23 46.08
N PHE A 911 5.38 -16.36 46.56
CA PHE A 911 6.40 -16.34 47.59
C PHE A 911 7.79 -16.11 47.01
N ARG A 912 8.14 -16.85 45.95
CA ARG A 912 9.41 -16.67 45.26
C ARG A 912 9.32 -15.65 44.14
N ASP A 913 8.16 -15.04 43.96
CA ASP A 913 7.97 -13.95 43.00
C ASP A 913 8.61 -12.64 43.46
N ILE A 914 8.90 -12.50 44.75
CA ILE A 914 9.52 -11.31 45.28
C ILE A 914 10.97 -11.63 45.61
N VAL A 915 11.39 -12.85 45.27
CA VAL A 915 12.74 -13.31 45.55
C VAL A 915 13.60 -13.43 44.30
N ILE A 916 13.04 -13.74 43.14
CA ILE A 916 13.82 -13.91 41.92
C ILE A 916 13.58 -12.81 40.90
N SER A 917 12.41 -12.18 40.91
CA SER A 917 12.08 -11.15 39.93
C SER A 917 12.35 -9.74 40.43
N LEU A 918 12.76 -9.59 41.68
CA LEU A 918 13.06 -8.26 42.22
C LEU A 918 14.34 -8.28 43.04
N GLY A 919 14.81 -9.48 43.41
CA GLY A 919 15.98 -9.57 44.24
C GLY A 919 17.22 -10.01 43.48
N SER A 920 17.03 -10.81 42.43
CA SER A 920 18.13 -11.29 41.62
C SER A 920 18.20 -10.65 40.24
N THR A 921 17.20 -9.88 39.86
CA THR A 921 17.20 -9.15 38.59
C THR A 921 17.56 -7.69 38.76
N TYR A 922 16.89 -6.99 39.68
CA TYR A 922 17.16 -5.58 39.92
C TYR A 922 18.47 -5.34 40.65
N CYS A 923 18.88 -6.25 41.53
CA CYS A 923 20.14 -6.11 42.23
C CYS A 923 21.36 -6.24 41.32
N LEU A 924 21.37 -7.21 40.41
CA LEU A 924 22.47 -7.40 39.49
C LEU A 924 22.66 -6.24 38.53
N TYR A 925 21.57 -5.61 38.09
CA TYR A 925 21.68 -4.39 37.30
C TYR A 925 22.43 -3.30 38.03
N LEU A 926 22.08 -3.06 39.30
CA LEU A 926 22.75 -2.05 40.10
C LEU A 926 24.21 -2.40 40.36
N ILE A 927 24.50 -3.68 40.64
CA ILE A 927 25.89 -4.08 40.86
C ILE A 927 26.72 -3.88 39.59
N SER A 928 26.18 -4.28 38.44
CA SER A 928 26.90 -4.08 37.18
C SER A 928 27.10 -2.61 36.87
N SER A 929 26.09 -1.78 37.14
CA SER A 929 26.26 -0.33 36.93
C SER A 929 27.33 0.23 37.84
N ILE A 930 27.37 -0.19 39.10
CA ILE A 930 28.39 0.31 40.02
C ILE A 930 29.78 -0.13 39.57
N ILE A 931 29.93 -1.39 39.12
CA ILE A 931 31.21 -1.86 38.63
C ILE A 931 31.67 -1.08 37.40
N TYR A 932 30.76 -0.72 36.51
CA TYR A 932 31.07 0.08 35.32
C TYR A 932 31.43 1.52 35.67
N LEU A 933 31.24 1.92 36.93
CA LEU A 933 31.56 3.27 37.40
C LEU A 933 30.71 4.33 36.70
N GLN A 934 29.46 3.97 36.40
CA GLN A 934 28.47 4.95 35.96
C GLN A 934 27.14 4.68 36.65
N PRO A 935 27.07 4.70 38.00
CA PRO A 935 25.83 4.35 38.68
C PRO A 935 24.92 5.53 38.94
N TRP A 936 24.65 6.36 37.93
CA TRP A 936 23.80 7.52 38.10
C TRP A 936 22.56 7.47 37.22
N HIS A 937 22.19 6.29 36.73
CA HIS A 937 21.03 6.14 35.87
C HIS A 937 20.07 5.08 36.38
N MET A 938 20.28 4.58 37.59
CA MET A 938 19.41 3.56 38.19
C MET A 938 18.27 4.19 38.99
N LEU A 939 18.23 5.51 39.10
CA LEU A 939 17.13 6.19 39.76
C LEU A 939 16.67 7.39 38.93
N THR A 940 17.56 7.90 38.08
CA THR A 940 17.25 9.09 37.30
C THR A 940 16.15 8.82 36.28
N SER A 941 16.30 7.76 35.50
CA SER A 941 15.36 7.45 34.42
C SER A 941 15.06 5.95 34.39
N PHE A 942 14.89 5.36 35.57
CA PHE A 942 14.55 3.95 35.66
C PHE A 942 13.04 3.72 35.80
N ILE A 943 12.31 4.67 36.36
CA ILE A 943 10.86 4.55 36.44
C ILE A 943 10.20 4.69 35.07
N GLN A 944 10.64 5.65 34.26
CA GLN A 944 10.06 5.86 32.94
C GLN A 944 10.26 4.69 32.00
N TYR A 945 11.38 3.98 32.11
CA TYR A 945 11.62 2.81 31.26
C TYR A 945 10.70 1.66 31.61
N ILE A 946 10.29 1.53 32.87
CA ILE A 946 9.36 0.49 33.26
C ILE A 946 7.96 0.75 32.72
N LEU A 947 7.50 1.99 32.75
CA LEU A 947 6.15 2.30 32.29
C LEU A 947 6.00 2.17 30.79
N LEU A 948 7.08 2.38 30.03
CA LEU A 948 7.05 2.25 28.57
C LEU A 948 7.53 0.88 28.11
N SER A 949 7.76 -0.04 29.05
CA SER A 949 8.16 -1.40 28.73
C SER A 949 7.09 -2.14 27.92
N PRO A 950 5.80 -2.08 28.27
CA PRO A 950 4.79 -2.76 27.45
C PRO A 950 4.67 -2.22 26.04
N SER A 951 5.11 -0.99 25.78
CA SER A 951 5.03 -0.38 24.46
C SER A 951 6.24 -0.70 23.59
N TYR A 952 7.21 -1.43 24.11
CA TYR A 952 8.35 -1.88 23.32
C TYR A 952 8.12 -3.23 22.67
N ILE A 953 7.09 -3.97 23.09
CA ILE A 953 6.80 -5.29 22.56
C ILE A 953 5.37 -5.40 22.03
N ASN A 954 4.61 -4.32 22.01
CA ASN A 954 3.24 -4.35 21.52
C ASN A 954 2.89 -3.20 20.59
N VAL A 955 3.79 -2.22 20.41
CA VAL A 955 3.53 -1.13 19.49
C VAL A 955 4.70 -1.04 18.51
N LEU A 956 5.88 -1.48 18.93
CA LEU A 956 7.07 -1.41 18.10
C LEU A 956 7.37 -2.71 17.36
N ASN A 957 7.08 -3.86 17.95
CA ASN A 957 7.25 -5.12 17.24
C ASN A 957 6.12 -5.40 16.25
N ILE A 958 4.91 -4.91 16.53
CA ILE A 958 3.82 -5.10 15.59
C ILE A 958 4.04 -4.27 14.33
N TYR A 959 4.49 -3.02 14.47
CA TYR A 959 4.73 -2.19 13.30
C TYR A 959 5.95 -2.62 12.51
N ALA A 960 6.97 -3.18 13.16
CA ALA A 960 8.19 -3.60 12.48
C ALA A 960 8.03 -4.89 11.70
N PHE A 961 7.04 -5.71 12.02
CA PHE A 961 6.80 -6.95 11.29
C PHE A 961 5.83 -6.78 10.14
N CYS A 962 4.94 -5.78 10.20
CA CYS A 962 4.03 -5.53 9.10
C CYS A 962 4.67 -4.71 7.98
N ASN A 963 5.83 -4.13 8.22
CA ASN A 963 6.57 -3.34 7.23
C ASN A 963 7.99 -3.87 7.19
N VAL A 964 8.21 -4.89 6.38
CA VAL A 964 9.52 -5.52 6.32
C VAL A 964 10.36 -5.00 5.17
N HIS A 965 9.76 -4.84 3.99
CA HIS A 965 10.54 -4.54 2.79
C HIS A 965 10.24 -3.19 2.17
N ASP A 966 9.18 -2.50 2.59
CA ASP A 966 8.84 -1.17 2.09
C ASP A 966 8.69 -1.17 0.57
N LEU A 967 7.70 -1.92 0.12
CA LEU A 967 7.40 -2.09 -1.30
C LEU A 967 6.59 -0.90 -1.81
N SER A 968 6.58 -0.76 -3.15
CA SER A 968 5.90 0.37 -3.78
C SER A 968 5.11 -0.03 -5.01
N TRP A 969 4.96 -1.33 -5.28
CA TRP A 969 4.22 -1.84 -6.43
C TRP A 969 4.70 -1.23 -7.73
N GLY A 970 3.84 -0.50 -8.42
CA GLY A 970 4.22 0.13 -9.67
C GLY A 970 3.04 0.63 -10.48
N THR A 971 3.19 1.81 -11.08
CA THR A 971 2.14 2.41 -11.90
C THR A 971 2.56 2.43 -13.37
N LYS A 972 3.71 3.01 -13.68
CA LYS A 972 4.22 3.08 -15.05
C LYS A 972 3.22 3.72 -15.99
N GLY A 973 3.31 3.38 -17.28
CA GLY A 973 2.39 3.90 -18.27
C GLY A 973 3.05 4.02 -19.63
N ALA A 974 2.37 3.56 -20.67
CA ALA A 974 2.89 3.58 -22.02
C ALA A 974 2.18 4.70 -22.79
N MET A 975 2.69 5.91 -22.66
CA MET A 975 2.15 7.06 -23.38
C MET A 975 2.42 6.90 -24.87
N ALA A 976 1.50 7.39 -25.69
CA ALA A 976 1.63 7.26 -27.12
C ALA A 976 2.83 8.05 -27.63
N ASN A 977 3.90 7.34 -28.01
CA ASN A 977 5.09 8.02 -28.52
C ASN A 977 4.76 8.83 -29.77
N PRO A 978 4.04 8.30 -30.75
CA PRO A 978 3.61 9.14 -31.87
C PRO A 978 2.56 10.14 -31.42
N LEU A 979 2.93 11.42 -31.38
CA LEU A 979 2.05 12.47 -30.89
C LEU A 979 2.60 13.81 -31.36
N GLY A 980 2.00 14.89 -30.89
CA GLY A 980 2.44 16.21 -31.30
C GLY A 980 2.24 16.47 -32.78
N LYS A 981 1.12 16.03 -33.33
CA LYS A 981 0.88 16.20 -34.76
C LYS A 981 0.63 17.67 -35.06
N ILE A 982 1.67 18.36 -35.53
CA ILE A 982 1.56 19.78 -35.85
C ILE A 982 1.00 20.54 -34.64
N ASN A 983 1.00 21.87 -34.73
CA ASN A 983 0.49 22.68 -33.63
C ASN A 983 -0.59 23.62 -34.14
N THR A 984 -0.74 23.72 -35.46
CA THR A 984 -1.68 24.63 -36.11
C THR A 984 -1.55 26.04 -35.52
N THR A 985 -0.31 26.47 -35.31
CA THR A 985 -0.05 27.76 -34.68
C THR A 985 -0.49 28.90 -35.57
N GLU A 986 -0.42 28.72 -36.89
CA GLU A 986 -0.84 29.76 -37.82
C GLU A 986 -2.32 30.07 -37.63
N ASP A 987 -2.64 31.37 -37.59
CA ASP A 987 -4.02 31.79 -37.39
C ASP A 987 -4.91 31.32 -38.54
N GLY A 988 -4.40 31.41 -39.76
CA GLY A 988 -5.16 30.97 -40.92
C GLY A 988 -4.30 30.65 -42.11
N THR A 989 -4.93 30.46 -43.27
CA THR A 989 -4.24 30.27 -44.55
C THR A 989 -3.40 29.00 -44.57
N PHE A 990 -2.30 28.99 -43.80
CA PHE A 990 -1.32 27.91 -43.82
C PHE A 990 -1.97 26.54 -43.68
N LYS A 991 -1.82 25.70 -44.71
CA LYS A 991 -2.46 24.40 -44.77
C LYS A 991 -1.50 23.26 -44.45
N MET A 992 -0.20 23.54 -44.35
CA MET A 992 0.84 22.53 -44.09
C MET A 992 0.69 21.44 -45.14
N GLU A 993 0.78 20.16 -44.78
CA GLU A 993 0.66 19.05 -45.72
C GLU A 993 -0.64 18.31 -45.47
N VAL A 994 -1.46 18.18 -46.51
CA VAL A 994 -2.76 17.50 -46.43
C VAL A 994 -2.71 16.38 -47.46
N LEU A 995 -2.81 15.13 -46.99
CA LEU A 995 -2.79 13.99 -47.89
C LEU A 995 -4.13 13.85 -48.59
N VAL A 996 -4.10 13.82 -49.93
CA VAL A 996 -5.32 13.72 -50.74
C VAL A 996 -5.12 12.55 -51.70
N SER A 997 -3.98 11.87 -51.60
CA SER A 997 -3.66 10.76 -52.47
C SER A 997 -4.67 9.63 -52.32
N SER A 998 -5.49 9.39 -53.35
CA SER A 998 -6.52 8.37 -53.26
C SER A 998 -5.91 6.98 -53.10
N SER A 999 -4.83 6.70 -53.83
CA SER A 999 -4.17 5.41 -53.69
C SER A 999 -3.62 5.20 -52.28
N GLU A 1000 -3.02 6.24 -51.69
CA GLU A 1000 -2.52 6.12 -50.33
C GLU A 1000 -3.66 5.92 -49.34
N ILE A 1001 -4.79 6.61 -49.55
CA ILE A 1001 -5.94 6.44 -48.68
C ILE A 1001 -6.46 5.01 -48.74
N GLN A 1002 -6.58 4.46 -49.96
CA GLN A 1002 -7.02 3.09 -50.11
C GLN A 1002 -6.03 2.09 -49.51
N ALA A 1003 -4.74 2.35 -49.65
CA ALA A 1003 -3.74 1.47 -49.04
C ALA A 1003 -3.87 1.49 -47.51
N ASN A 1004 -4.08 2.67 -46.94
CA ASN A 1004 -4.28 2.77 -45.49
C ASN A 1004 -5.52 2.00 -45.05
N TYR A 1005 -6.63 2.20 -45.78
CA TYR A 1005 -7.87 1.51 -45.44
C TYR A 1005 -7.71 -0.01 -45.54
N ASP A 1006 -6.99 -0.49 -46.55
CA ASP A 1006 -6.69 -1.90 -46.65
C ASP A 1006 -5.65 -2.35 -45.64
N LYS A 1007 -4.85 -1.43 -45.10
CA LYS A 1007 -3.88 -1.76 -44.07
C LYS A 1007 -4.54 -1.96 -42.70
N TYR A 1008 -5.57 -1.19 -42.38
CA TYR A 1008 -6.42 -1.50 -41.23
C TYR A 1008 -7.37 -2.67 -41.47
N LEU A 1009 -7.72 -2.97 -42.72
CA LEU A 1009 -8.58 -4.12 -42.98
C LEU A 1009 -7.85 -5.44 -42.84
N LYS A 1010 -6.53 -5.45 -43.01
CA LYS A 1010 -5.72 -6.67 -42.92
C LYS A 1010 -5.50 -7.11 -41.49
N VAL A 1011 -5.62 -6.21 -40.52
CA VAL A 1011 -5.37 -6.55 -39.12
C VAL A 1011 -6.40 -7.54 -38.60
N LEU A 1012 -7.66 -7.41 -39.00
CA LEU A 1012 -8.71 -8.32 -38.58
C LEU A 1012 -8.57 -9.72 -39.16
N ASN A 1013 -7.70 -9.91 -40.16
CA ASN A 1013 -7.58 -11.21 -40.82
C ASN A 1013 -6.68 -12.14 -40.02
N ASP A 1014 -5.43 -11.77 -39.81
CA ASP A 1014 -4.46 -12.60 -39.10
C ASP A 1014 -4.62 -12.43 -37.60
N PHE A 1015 -5.65 -13.07 -37.04
CA PHE A 1015 -5.96 -12.96 -35.62
C PHE A 1015 -5.96 -14.30 -34.89
N ASP A 1016 -5.97 -15.42 -35.60
CA ASP A 1016 -6.19 -16.76 -35.04
C ASP A 1016 -5.47 -16.97 -33.71
N PRO A 1017 -6.21 -17.18 -32.63
CA PRO A 1017 -5.58 -17.32 -31.31
C PRO A 1017 -5.20 -18.75 -30.98
N LYS A 1018 -5.15 -19.62 -31.99
CA LYS A 1018 -4.82 -21.02 -31.78
C LYS A 1018 -3.49 -21.16 -31.05
N SER A 1019 -2.47 -20.44 -31.52
CA SER A 1019 -1.17 -20.41 -30.86
C SER A 1019 -1.22 -19.35 -29.76
N GLU A 1020 -1.77 -19.74 -28.61
CA GLU A 1020 -1.89 -18.84 -27.48
C GLU A 1020 -0.51 -18.49 -26.93
N SER A 1021 -0.02 -17.29 -27.22
CA SER A 1021 1.28 -16.87 -26.73
C SER A 1021 1.24 -16.70 -25.22
N ARG A 1022 2.39 -16.89 -24.59
CA ARG A 1022 2.51 -16.71 -23.15
C ARG A 1022 2.17 -15.26 -22.78
N PRO A 1023 1.35 -15.03 -21.76
CA PRO A 1023 0.99 -13.66 -21.40
C PRO A 1023 2.23 -12.85 -21.04
N THR A 1024 2.15 -11.53 -21.26
CA THR A 1024 3.29 -10.65 -21.05
C THR A 1024 3.71 -10.67 -19.58
N GLU A 1025 4.84 -11.31 -19.29
CA GLU A 1025 5.30 -11.47 -17.93
C GLU A 1025 5.80 -10.13 -17.37
N PRO A 1026 5.76 -9.99 -16.04
CA PRO A 1026 6.23 -8.74 -15.42
C PRO A 1026 7.67 -8.41 -15.75
N SER A 1027 7.97 -7.12 -15.89
CA SER A 1027 9.34 -6.73 -16.21
C SER A 1027 10.22 -7.43 -15.19
N TYR A 1028 11.10 -6.68 -14.54
CA TYR A 1028 11.96 -7.24 -13.51
C TYR A 1028 11.78 -6.43 -12.26
N ASP A 1029 11.38 -5.16 -12.45
CA ASP A 1029 11.19 -4.25 -11.34
C ASP A 1029 9.79 -4.44 -10.73
N GLU A 1030 8.84 -4.93 -11.53
CA GLU A 1030 7.51 -5.15 -10.98
C GLU A 1030 7.27 -6.60 -10.59
N LYS A 1031 8.20 -7.50 -10.93
CA LYS A 1031 8.14 -8.89 -10.51
C LYS A 1031 8.87 -9.12 -9.19
N LYS A 1032 9.95 -8.38 -8.93
CA LYS A 1032 10.62 -8.43 -7.64
C LYS A 1032 9.76 -7.89 -6.51
N THR A 1033 8.99 -6.84 -6.75
CA THR A 1033 8.04 -6.34 -5.76
C THR A 1033 7.00 -7.37 -5.39
N GLY A 1034 6.54 -8.17 -6.34
CA GLY A 1034 5.63 -9.26 -6.03
C GLY A 1034 6.23 -10.37 -5.22
N TYR A 1035 7.56 -10.42 -5.12
CA TYR A 1035 8.24 -11.37 -4.26
C TYR A 1035 8.47 -10.83 -2.85
N TYR A 1036 8.73 -9.53 -2.72
CA TYR A 1036 8.85 -8.93 -1.40
C TYR A 1036 7.53 -8.89 -0.65
N ALA A 1037 6.41 -8.81 -1.36
CA ALA A 1037 5.10 -8.85 -0.74
C ALA A 1037 4.69 -10.25 -0.31
N ASN A 1038 5.31 -11.29 -0.88
CA ASN A 1038 5.00 -12.66 -0.51
C ASN A 1038 5.82 -13.14 0.67
N VAL A 1039 7.08 -12.72 0.77
CA VAL A 1039 7.93 -13.09 1.90
C VAL A 1039 7.63 -12.24 3.14
N ARG A 1040 6.74 -11.25 3.01
CA ARG A 1040 6.34 -10.42 4.13
C ARG A 1040 5.01 -10.85 4.74
N SER A 1041 4.08 -11.35 3.93
CA SER A 1041 2.84 -11.92 4.44
C SER A 1041 3.02 -13.29 5.05
N LEU A 1042 4.11 -13.99 4.72
CA LEU A 1042 4.42 -15.29 5.30
C LEU A 1042 5.12 -15.17 6.65
N VAL A 1043 5.64 -13.99 6.98
CA VAL A 1043 6.26 -13.78 8.29
C VAL A 1043 5.24 -13.33 9.33
N ILE A 1044 4.28 -12.49 8.95
CA ILE A 1044 3.21 -12.08 9.85
C ILE A 1044 2.31 -13.24 10.25
N ILE A 1045 2.06 -14.18 9.34
CA ILE A 1045 1.22 -15.33 9.65
C ILE A 1045 1.92 -16.32 10.59
N PHE A 1046 3.19 -16.63 10.35
CA PHE A 1046 3.93 -17.54 11.22
C PHE A 1046 4.28 -16.92 12.57
N TRP A 1047 4.17 -15.61 12.71
CA TRP A 1047 4.41 -14.96 13.99
C TRP A 1047 3.18 -14.93 14.88
N VAL A 1048 1.99 -15.03 14.29
CA VAL A 1048 0.74 -14.97 15.05
C VAL A 1048 0.31 -16.40 15.40
N ILE A 1049 0.46 -17.32 14.46
CA ILE A 1049 0.03 -18.70 14.69
C ILE A 1049 0.91 -19.41 15.71
N THR A 1050 2.22 -19.24 15.65
CA THR A 1050 3.12 -19.89 16.60
C THR A 1050 3.13 -19.22 17.97
N ASN A 1051 2.50 -18.05 18.11
CA ASN A 1051 2.34 -17.43 19.41
C ASN A 1051 1.00 -17.77 20.06
N PHE A 1052 -0.03 -18.06 19.26
CA PHE A 1052 -1.31 -18.47 19.80
C PHE A 1052 -1.30 -19.93 20.26
N ILE A 1053 -0.42 -20.76 19.71
CA ILE A 1053 -0.30 -22.13 20.19
C ILE A 1053 0.19 -22.20 21.62
N ILE A 1054 1.15 -21.35 22.00
CA ILE A 1054 1.60 -21.28 23.40
C ILE A 1054 0.49 -20.87 24.34
N VAL A 1055 -0.45 -20.04 23.90
CA VAL A 1055 -1.58 -19.63 24.72
C VAL A 1055 -2.64 -20.73 24.82
N ALA A 1056 -2.79 -21.57 23.79
CA ALA A 1056 -3.78 -22.62 23.78
C ALA A 1056 -3.25 -23.94 24.36
N VAL A 1057 -2.15 -23.87 25.11
CA VAL A 1057 -1.61 -25.05 25.78
C VAL A 1057 -1.52 -24.75 27.27
N VAL A 1058 -1.40 -23.47 27.61
CA VAL A 1058 -1.37 -23.04 28.99
C VAL A 1058 -2.76 -22.66 29.51
N LEU A 1059 -3.54 -21.91 28.75
CA LEU A 1059 -4.88 -21.50 29.16
C LEU A 1059 -5.96 -22.45 28.68
N GLU A 1060 -5.61 -23.48 27.90
CA GLU A 1060 -6.57 -24.44 27.36
C GLU A 1060 -7.70 -23.74 26.61
N THR A 1061 -7.34 -22.75 25.81
CA THR A 1061 -8.28 -22.08 24.94
C THR A 1061 -8.22 -22.73 23.55
N GLY A 1062 -8.95 -22.15 22.60
CA GLY A 1062 -8.97 -22.74 21.27
C GLY A 1062 -9.86 -23.95 21.13
N GLY A 1063 -10.81 -24.14 22.03
CA GLY A 1063 -11.70 -25.28 21.97
C GLY A 1063 -11.14 -26.56 22.55
N ILE A 1064 -10.03 -26.50 23.27
CA ILE A 1064 -9.43 -27.70 23.84
C ILE A 1064 -10.08 -28.10 25.16
N ALA A 1065 -10.43 -27.15 26.03
CA ALA A 1065 -11.11 -27.48 27.26
C ALA A 1065 -12.47 -28.14 26.99
N ASP A 1066 -13.17 -27.70 25.96
CA ASP A 1066 -14.42 -28.36 25.58
C ASP A 1066 -14.19 -29.80 25.18
N TYR A 1067 -13.08 -30.08 24.50
CA TYR A 1067 -12.77 -31.46 24.11
C TYR A 1067 -12.60 -32.34 25.35
N ILE A 1068 -11.87 -31.85 26.35
CA ILE A 1068 -11.68 -32.61 27.58
C ILE A 1068 -13.00 -32.80 28.29
N ALA A 1069 -13.84 -31.75 28.33
CA ALA A 1069 -15.13 -31.86 29.00
C ALA A 1069 -16.02 -32.90 28.32
N MET A 1070 -16.07 -32.90 26.99
CA MET A 1070 -16.88 -33.88 26.28
C MET A 1070 -16.32 -35.28 26.43
N LYS A 1071 -15.00 -35.42 26.53
CA LYS A 1071 -14.43 -36.74 26.83
C LYS A 1071 -14.75 -37.19 28.24
N SER A 1072 -14.92 -36.27 29.17
CA SER A 1072 -15.23 -36.59 30.56
C SER A 1072 -16.71 -36.81 30.82
N ILE A 1073 -17.59 -36.50 29.86
CA ILE A 1073 -19.02 -36.65 30.07
C ILE A 1073 -19.53 -38.02 29.62
N SER A 1074 -18.68 -38.83 28.98
CA SER A 1074 -19.05 -40.18 28.57
C SER A 1074 -18.74 -41.21 29.65
N THR A 1075 -17.51 -41.20 30.15
CA THR A 1075 -17.11 -42.14 31.19
C THR A 1075 -17.32 -41.53 32.57
N ALA A 1085 -17.89 -32.78 33.06
CA ALA A 1085 -18.92 -32.09 32.28
C ALA A 1085 -18.86 -30.58 32.54
N GLU A 1086 -17.83 -30.15 33.26
CA GLU A 1086 -17.67 -28.75 33.59
C GLU A 1086 -16.20 -28.37 33.41
N ILE A 1087 -15.93 -27.06 33.35
CA ILE A 1087 -14.61 -26.56 33.03
C ILE A 1087 -14.05 -25.77 34.20
N PRO A 1088 -12.90 -26.15 34.75
CA PRO A 1088 -12.30 -25.36 35.83
C PRO A 1088 -11.84 -24.00 35.33
N LEU A 1089 -11.87 -23.01 36.23
CA LEU A 1089 -11.42 -21.66 35.86
C LEU A 1089 -9.92 -21.61 35.63
N MET A 1090 -9.14 -22.17 36.56
CA MET A 1090 -7.70 -22.14 36.48
C MET A 1090 -7.15 -23.54 36.72
N THR A 1091 -6.16 -23.93 35.91
CA THR A 1091 -5.55 -25.25 36.00
C THR A 1091 -4.19 -25.15 36.71
N SER A 1092 -3.48 -26.27 36.77
CA SER A 1092 -2.16 -26.31 37.38
C SER A 1092 -1.03 -26.03 36.40
N LYS A 1093 -1.34 -25.89 35.12
CA LYS A 1093 -0.34 -25.53 34.12
C LYS A 1093 -0.05 -24.04 34.09
N ALA A 1094 -0.90 -23.22 34.71
CA ALA A 1094 -0.68 -21.79 34.80
C ALA A 1094 0.23 -21.40 35.96
N SER A 1095 0.59 -22.35 36.82
CA SER A 1095 1.55 -22.11 37.88
C SER A 1095 2.94 -22.62 37.57
N ILE A 1096 3.05 -23.69 36.77
CA ILE A 1096 4.36 -24.12 36.30
C ILE A 1096 4.95 -23.14 35.29
N TYR A 1097 4.16 -22.67 34.33
CA TYR A 1097 4.62 -21.72 33.33
C TYR A 1097 4.96 -20.35 33.93
N PHE A 1098 4.19 -19.88 34.90
CA PHE A 1098 4.44 -18.57 35.49
C PHE A 1098 5.77 -18.50 36.22
N ASN A 1099 6.33 -19.64 36.60
CA ASN A 1099 7.65 -19.69 37.22
C ASN A 1099 8.77 -19.89 36.20
N VAL A 1100 8.53 -20.67 35.15
CA VAL A 1100 9.52 -20.87 34.10
C VAL A 1100 9.85 -19.57 33.37
N ILE A 1101 8.85 -18.75 33.03
CA ILE A 1101 9.10 -17.51 32.30
C ILE A 1101 9.79 -16.47 33.16
N LEU A 1102 9.73 -16.59 34.49
CA LEU A 1102 10.47 -15.68 35.37
C LEU A 1102 11.83 -16.23 35.77
N TRP A 1103 12.06 -17.53 35.62
CA TRP A 1103 13.39 -18.08 35.82
C TRP A 1103 14.33 -17.73 34.67
N LEU A 1104 13.83 -17.76 33.44
CA LEU A 1104 14.63 -17.38 32.28
C LEU A 1104 14.99 -15.91 32.29
N VAL A 1105 14.11 -15.04 32.78
CA VAL A 1105 14.42 -13.61 32.85
C VAL A 1105 15.56 -13.30 33.80
N ALA A 1106 15.59 -13.93 34.97
CA ALA A 1106 16.67 -13.73 35.92
C ALA A 1106 17.92 -14.53 35.59
N LEU A 1107 17.78 -15.65 34.86
CA LEU A 1107 18.95 -16.39 34.43
C LEU A 1107 19.74 -15.65 33.37
N SER A 1108 19.04 -15.03 32.41
CA SER A 1108 19.73 -14.26 31.38
C SER A 1108 20.38 -13.00 31.93
N ALA A 1109 19.94 -12.51 33.09
CA ALA A 1109 20.57 -11.38 33.75
C ALA A 1109 21.72 -11.81 34.64
N LEU A 1110 21.97 -13.11 34.79
CA LEU A 1110 23.11 -13.60 35.54
C LEU A 1110 24.35 -13.78 34.68
N ILE A 1111 24.20 -14.21 33.43
CA ILE A 1111 25.31 -14.28 32.51
C ILE A 1111 25.88 -12.90 32.18
N ARG A 1112 25.02 -11.91 31.98
CA ARG A 1112 25.43 -10.55 31.66
C ARG A 1112 26.19 -9.88 32.78
N PHE A 1113 26.11 -10.39 34.01
CA PHE A 1113 26.89 -9.87 35.13
C PHE A 1113 28.28 -10.49 35.18
N ILE A 1114 28.39 -11.80 35.02
CA ILE A 1114 29.69 -12.45 34.97
C ILE A 1114 30.49 -11.94 33.78
N GLY A 1115 29.84 -11.83 32.61
CA GLY A 1115 30.53 -11.31 31.45
C GLY A 1115 30.99 -9.89 31.60
N CYS A 1116 30.17 -9.03 32.22
CA CYS A 1116 30.56 -7.66 32.48
C CYS A 1116 31.70 -7.56 33.49
N SER A 1117 31.71 -8.41 34.51
CA SER A 1117 32.76 -8.38 35.51
C SER A 1117 34.10 -8.90 34.98
N ILE A 1118 34.09 -9.95 34.16
CA ILE A 1118 35.33 -10.48 33.63
C ILE A 1118 36.04 -9.44 32.77
N TYR A 1119 35.27 -8.73 31.94
CA TYR A 1119 35.85 -7.72 31.06
C TYR A 1119 36.55 -6.62 31.87
N MET A 1120 35.89 -6.10 32.91
CA MET A 1120 36.49 -5.10 33.76
C MET A 1120 37.69 -5.62 34.53
N ILE A 1121 37.64 -6.86 35.01
CA ILE A 1121 38.78 -7.44 35.72
C ILE A 1121 39.99 -7.55 34.79
N VAL A 1122 39.80 -8.03 33.56
CA VAL A 1122 40.89 -8.10 32.62
C VAL A 1122 41.44 -6.72 32.24
N ARG A 1123 40.54 -5.75 32.01
CA ARG A 1123 41.00 -4.40 31.67
C ARG A 1123 41.75 -3.74 32.80
N PHE A 1124 41.38 -4.00 34.05
CA PHE A 1124 42.12 -3.43 35.17
C PHE A 1124 43.55 -3.95 35.23
N PHE A 1125 43.74 -5.25 35.03
CA PHE A 1125 45.09 -5.80 34.97
C PHE A 1125 45.87 -5.28 33.77
N LYS A 1126 45.20 -5.10 32.62
CA LYS A 1126 45.87 -4.49 31.47
C LYS A 1126 46.34 -3.08 31.80
N LYS A 1127 45.48 -2.30 32.47
CA LYS A 1127 45.85 -0.94 32.86
C LYS A 1127 47.02 -0.95 33.83
N VAL A 1128 47.01 -1.86 34.80
CA VAL A 1128 48.10 -1.95 35.77
C VAL A 1128 49.41 -2.31 35.08
N THR A 1129 49.39 -3.31 34.19
CA THR A 1129 50.59 -3.74 33.50
C THR A 1129 51.13 -2.65 32.56
N PHE A 1130 50.24 -1.96 31.85
CA PHE A 1130 50.68 -0.94 30.89
C PHE A 1130 50.99 0.39 31.54
N ARG A 1131 50.74 0.56 32.84
CA ARG A 1131 51.05 1.80 33.53
C ARG A 1131 52.55 1.90 33.79
N PHE B 378 -5.98 26.87 -45.40
CA PHE B 378 -7.39 26.70 -45.08
C PHE B 378 -7.92 27.87 -44.26
N LYS B 379 -9.24 28.02 -44.23
CA LYS B 379 -9.92 29.06 -43.46
C LYS B 379 -10.73 28.35 -42.38
N LEU B 380 -10.16 28.25 -41.18
CA LEU B 380 -10.80 27.56 -40.08
C LEU B 380 -12.10 28.26 -39.66
N TRP B 381 -13.08 27.46 -39.26
CA TRP B 381 -14.44 27.92 -39.00
C TRP B 381 -14.61 28.46 -37.59
N ASN B 382 -14.67 29.79 -37.45
CA ASN B 382 -14.97 30.46 -36.19
C ASN B 382 -14.03 30.01 -35.07
N GLY B 383 -12.74 29.96 -35.38
CA GLY B 383 -11.75 29.56 -34.39
C GLY B 383 -11.73 28.08 -34.10
N ASN B 384 -12.25 27.25 -35.00
CA ASN B 384 -12.33 25.82 -34.79
C ASN B 384 -11.85 25.09 -36.03
N PHE B 385 -11.10 24.00 -35.83
CA PHE B 385 -10.57 23.21 -36.94
C PHE B 385 -11.59 22.14 -37.30
N VAL B 386 -12.31 22.38 -38.40
CA VAL B 386 -13.29 21.42 -38.90
C VAL B 386 -12.86 20.96 -40.29
N PHE B 387 -12.43 19.71 -40.41
CA PHE B 387 -11.99 19.20 -41.69
C PHE B 387 -12.97 18.16 -42.22
N ASP B 388 -12.98 18.00 -43.55
CA ASP B 388 -13.93 17.12 -44.22
C ASP B 388 -13.16 16.29 -45.24
N SER B 389 -12.96 15.01 -44.93
CA SER B 389 -12.19 14.09 -45.75
C SER B 389 -13.11 13.12 -46.49
N PRO B 390 -12.68 12.63 -47.66
CA PRO B 390 -13.47 11.61 -48.34
C PRO B 390 -13.14 10.21 -47.85
N ILE B 391 -13.80 9.19 -48.42
CA ILE B 391 -13.60 7.81 -47.99
C ILE B 391 -12.78 7.07 -49.05
N SER B 392 -12.35 5.85 -48.73
CA SER B 392 -11.57 5.07 -49.65
C SER B 392 -12.39 4.67 -50.87
N LYS B 393 -11.71 4.54 -52.01
CA LYS B 393 -12.40 4.21 -53.26
C LYS B 393 -13.02 2.82 -53.19
N THR B 394 -12.39 1.87 -52.49
CA THR B 394 -12.94 0.54 -52.33
C THR B 394 -14.26 0.54 -51.58
N LEU B 395 -14.45 1.46 -50.62
CA LEU B 395 -15.65 1.51 -49.82
C LEU B 395 -16.83 2.14 -50.54
N LEU B 396 -16.58 3.12 -51.42
CA LEU B 396 -17.68 3.78 -52.12
C LEU B 396 -18.35 2.85 -53.13
N ASP B 397 -17.57 1.92 -53.71
CA ASP B 397 -18.13 1.01 -54.70
C ASP B 397 -19.21 0.12 -54.09
N GLN B 398 -19.01 -0.30 -52.84
CA GLN B 398 -20.02 -1.10 -52.16
C GLN B 398 -21.32 -0.32 -52.01
N TYR B 399 -21.22 0.95 -51.64
CA TYR B 399 -22.42 1.78 -51.53
C TYR B 399 -23.08 1.98 -52.88
N ALA B 400 -22.28 2.07 -53.95
CA ALA B 400 -22.81 2.36 -55.28
C ALA B 400 -23.76 1.26 -55.74
N THR B 401 -23.47 0.01 -55.38
CA THR B 401 -24.30 -1.11 -55.81
C THR B 401 -25.71 -1.06 -55.22
N THR B 402 -25.89 -0.34 -54.10
CA THR B 402 -27.20 -0.31 -53.45
C THR B 402 -28.21 0.49 -54.26
N THR B 403 -27.82 1.66 -54.73
CA THR B 403 -28.76 2.55 -55.41
C THR B 403 -29.11 2.00 -56.79
N GLU B 404 -30.24 2.49 -57.33
CA GLU B 404 -30.72 2.12 -58.65
C GLU B 404 -30.09 2.97 -59.75
N ASN B 405 -29.28 3.96 -59.38
CA ASN B 405 -28.59 4.81 -60.34
C ASN B 405 -27.25 5.25 -59.77
N ALA B 406 -26.18 4.54 -60.13
CA ALA B 406 -24.86 4.82 -59.56
C ALA B 406 -24.23 6.03 -60.23
N ASN B 407 -24.80 7.22 -60.01
CA ASN B 407 -24.23 8.45 -60.54
C ASN B 407 -23.97 9.45 -59.43
N THR B 408 -24.91 9.57 -58.49
CA THR B 408 -24.81 10.49 -57.38
C THR B 408 -25.08 9.76 -56.07
N LEU B 409 -24.58 10.34 -54.98
CA LEU B 409 -24.81 9.82 -53.63
C LEU B 409 -24.84 11.00 -52.67
N PRO B 410 -25.69 10.97 -51.64
CA PRO B 410 -25.73 12.09 -50.69
C PRO B 410 -24.39 12.34 -50.02
N ASN B 411 -24.08 13.60 -49.75
CA ASN B 411 -22.79 13.97 -49.18
C ASN B 411 -22.55 13.32 -47.83
N GLU B 412 -23.63 12.97 -47.13
CA GLU B 412 -23.50 12.33 -45.83
C GLU B 412 -22.97 10.90 -45.92
N PHE B 413 -23.00 10.29 -47.10
CA PHE B 413 -22.60 8.89 -47.27
C PHE B 413 -21.18 8.71 -47.78
N LYS B 414 -20.50 9.79 -48.18
CA LYS B 414 -19.18 9.67 -48.80
C LYS B 414 -18.23 10.71 -48.24
N PHE B 415 -18.31 10.99 -46.94
CA PHE B 415 -17.43 11.95 -46.30
C PHE B 415 -17.30 11.58 -44.82
N MET B 416 -16.32 12.17 -44.15
CA MET B 416 -16.10 11.90 -42.73
C MET B 416 -15.59 13.15 -42.02
N ARG B 417 -16.49 13.83 -41.31
CA ARG B 417 -16.15 15.10 -40.66
C ARG B 417 -15.29 14.90 -39.42
N TYR B 418 -14.14 15.56 -39.39
CA TYR B 418 -13.26 15.58 -38.23
C TYR B 418 -13.32 16.94 -37.55
N GLN B 419 -13.35 16.94 -36.22
CA GLN B 419 -13.23 18.21 -35.52
C GLN B 419 -12.59 18.04 -34.15
N ALA B 420 -11.81 19.04 -33.75
CA ALA B 420 -11.20 19.09 -32.44
C ALA B 420 -12.01 20.01 -31.53
N VAL B 421 -12.16 19.62 -30.27
CA VAL B 421 -13.09 20.31 -29.38
C VAL B 421 -12.39 21.40 -28.57
N THR B 422 -11.22 21.09 -28.00
CA THR B 422 -10.40 22.01 -27.21
C THR B 422 -11.23 22.96 -26.33
N CYS B 423 -12.20 22.38 -25.63
CA CYS B 423 -12.97 23.15 -24.65
C CYS B 423 -13.59 22.17 -23.65
N GLU B 424 -14.53 22.66 -22.84
CA GLU B 424 -15.18 21.83 -21.83
C GLU B 424 -16.53 21.34 -22.34
N PRO B 425 -16.98 20.17 -21.87
CA PRO B 425 -18.32 19.70 -22.26
C PRO B 425 -19.44 20.60 -21.80
N ASN B 426 -19.25 21.36 -20.72
CA ASN B 426 -20.27 22.28 -20.23
C ASN B 426 -20.52 23.42 -21.20
N GLN B 427 -19.50 23.89 -21.91
CA GLN B 427 -19.60 25.04 -22.79
C GLN B 427 -19.39 24.65 -24.24
N LEU B 428 -19.87 23.46 -24.61
CA LEU B 428 -19.70 22.98 -25.99
C LEU B 428 -20.44 23.87 -26.97
N ALA B 429 -21.66 24.28 -26.65
CA ALA B 429 -22.46 25.11 -27.53
C ALA B 429 -22.08 26.57 -27.49
N GLU B 430 -21.32 27.01 -26.48
CA GLU B 430 -20.93 28.40 -26.36
C GLU B 430 -19.79 28.78 -27.29
N LYS B 431 -18.94 27.83 -27.66
CA LYS B 431 -17.77 28.09 -28.49
C LYS B 431 -18.07 27.86 -29.97
N ASN B 432 -19.33 28.06 -30.37
CA ASN B 432 -19.73 27.95 -31.78
C ASN B 432 -19.41 26.57 -32.35
N PHE B 433 -19.58 25.54 -31.53
CA PHE B 433 -19.43 24.17 -31.98
C PHE B 433 -20.78 23.61 -32.40
N THR B 434 -20.73 22.58 -33.25
CA THR B 434 -21.95 22.06 -33.85
C THR B 434 -21.74 20.60 -34.23
N VAL B 435 -22.86 19.93 -34.50
CA VAL B 435 -22.84 18.54 -34.96
C VAL B 435 -23.32 18.50 -36.40
N ARG B 436 -23.24 17.34 -37.01
CA ARG B 436 -23.55 17.16 -38.43
C ARG B 436 -25.05 17.09 -38.69
N GLN B 437 -25.87 16.95 -37.64
CA GLN B 437 -27.30 16.86 -37.79
C GLN B 437 -27.99 18.22 -37.88
N LEU B 438 -27.37 19.28 -37.37
CA LEU B 438 -28.03 20.58 -37.33
C LEU B 438 -28.04 21.24 -38.70
N LYS B 439 -26.95 21.11 -39.46
CA LYS B 439 -26.81 21.80 -40.74
C LYS B 439 -27.36 20.93 -41.86
N TYR B 440 -28.70 20.86 -41.93
CA TYR B 440 -29.37 20.18 -43.02
C TYR B 440 -30.43 21.11 -43.58
N LEU B 441 -30.92 20.78 -44.77
CA LEU B 441 -32.01 21.54 -45.36
C LEU B 441 -33.24 21.50 -44.48
N THR B 442 -33.56 20.31 -43.97
CA THR B 442 -34.60 20.13 -42.95
C THR B 442 -33.95 19.56 -41.71
N PRO B 443 -33.90 20.30 -40.59
CA PRO B 443 -33.24 19.79 -39.39
C PRO B 443 -33.81 18.47 -38.90
N ARG B 444 -32.95 17.57 -38.46
CA ARG B 444 -33.39 16.27 -38.00
C ARG B 444 -33.63 16.27 -36.49
N GLU B 445 -34.68 15.56 -36.08
CA GLU B 445 -34.98 15.35 -34.67
C GLU B 445 -34.48 13.97 -34.24
N THR B 446 -34.15 13.87 -32.96
CA THR B 446 -33.60 12.64 -32.39
C THR B 446 -34.57 12.05 -31.38
N GLU B 447 -34.80 10.74 -31.50
CA GLU B 447 -35.69 10.02 -30.59
C GLU B 447 -34.95 9.09 -29.65
N LEU B 448 -33.79 8.57 -30.05
CA LEU B 448 -32.99 7.70 -29.19
C LEU B 448 -31.53 8.05 -29.40
N MET B 449 -30.81 8.26 -28.30
CA MET B 449 -29.36 8.50 -28.33
C MET B 449 -28.70 7.38 -27.55
N LEU B 450 -28.07 6.45 -28.26
CA LEU B 450 -27.46 5.27 -27.64
C LEU B 450 -26.01 5.58 -27.32
N VAL B 451 -25.67 5.53 -26.04
CA VAL B 451 -24.29 5.77 -25.59
C VAL B 451 -23.62 4.44 -25.31
N VAL B 452 -22.42 4.25 -25.84
CA VAL B 452 -21.67 3.00 -25.70
C VAL B 452 -20.25 3.32 -25.23
N THR B 453 -19.99 3.15 -23.94
CA THR B 453 -18.65 3.42 -23.41
C THR B 453 -17.78 2.17 -23.48
N MET B 454 -16.47 2.36 -23.61
CA MET B 454 -15.54 1.25 -23.64
C MET B 454 -14.19 1.72 -23.11
N TYR B 455 -13.36 0.74 -22.74
CA TYR B 455 -12.01 1.01 -22.25
C TYR B 455 -11.18 -0.24 -22.47
N ASN B 456 -10.27 -0.18 -23.45
CA ASN B 456 -9.40 -1.28 -23.89
C ASN B 456 -10.10 -2.64 -23.89
N GLU B 457 -11.30 -2.70 -24.45
CA GLU B 457 -11.93 -3.99 -24.71
C GLU B 457 -11.44 -4.55 -26.05
N ASP B 458 -11.59 -5.86 -26.20
CA ASP B 458 -11.19 -6.55 -27.42
C ASP B 458 -12.14 -6.18 -28.57
N HIS B 459 -11.77 -6.56 -29.78
CA HIS B 459 -12.61 -6.29 -30.94
C HIS B 459 -13.75 -7.29 -31.08
N ILE B 460 -13.79 -8.33 -30.25
CA ILE B 460 -14.92 -9.25 -30.21
C ILE B 460 -16.01 -8.75 -29.27
N LEU B 461 -15.64 -8.20 -28.11
CA LEU B 461 -16.64 -7.64 -27.20
C LEU B 461 -17.34 -6.43 -27.82
N LEU B 462 -16.60 -5.58 -28.54
CA LEU B 462 -17.20 -4.42 -29.18
C LEU B 462 -18.15 -4.80 -30.31
N GLY B 463 -17.81 -5.81 -31.11
CA GLY B 463 -18.69 -6.23 -32.19
C GLY B 463 -20.01 -6.80 -31.73
N ARG B 464 -20.03 -7.46 -30.56
CA ARG B 464 -21.27 -8.03 -30.05
C ARG B 464 -22.32 -6.98 -29.75
N THR B 465 -21.92 -5.85 -29.16
CA THR B 465 -22.85 -4.77 -28.89
C THR B 465 -23.35 -4.12 -30.18
N LEU B 466 -22.46 -3.89 -31.14
CA LEU B 466 -22.85 -3.27 -32.41
C LEU B 466 -23.80 -4.16 -33.20
N LYS B 467 -23.57 -5.47 -33.23
CA LYS B 467 -24.48 -6.38 -33.90
C LYS B 467 -25.86 -6.38 -33.27
N GLY B 468 -25.96 -6.33 -31.95
CA GLY B 468 -27.24 -6.25 -31.28
C GLY B 468 -27.95 -4.95 -31.55
N ILE B 469 -27.19 -3.84 -31.58
CA ILE B 469 -27.79 -2.54 -31.88
C ILE B 469 -28.32 -2.47 -33.30
N MET B 470 -27.56 -2.97 -34.28
CA MET B 470 -27.98 -2.92 -35.68
C MET B 470 -29.24 -3.74 -35.95
N ASP B 471 -29.37 -4.92 -35.35
CA ASP B 471 -30.57 -5.73 -35.54
C ASP B 471 -31.82 -5.06 -35.01
N ASN B 472 -31.74 -4.38 -33.87
CA ASN B 472 -32.90 -3.66 -33.35
C ASN B 472 -33.33 -2.53 -34.28
N VAL B 473 -32.37 -1.78 -34.81
CA VAL B 473 -32.70 -0.71 -35.75
C VAL B 473 -33.33 -1.29 -37.01
N LYS B 474 -32.81 -2.42 -37.49
CA LYS B 474 -33.42 -3.07 -38.64
C LYS B 474 -34.84 -3.52 -38.34
N TYR B 475 -35.07 -4.05 -37.14
CA TYR B 475 -36.42 -4.47 -36.74
C TYR B 475 -37.38 -3.29 -36.68
N MET B 476 -36.94 -2.16 -36.15
CA MET B 476 -37.81 -1.00 -35.99
C MET B 476 -38.15 -0.32 -37.31
N VAL B 477 -37.45 -0.66 -38.40
CA VAL B 477 -37.76 -0.10 -39.71
C VAL B 477 -38.90 -0.83 -40.39
N LYS B 478 -39.03 -2.14 -40.20
CA LYS B 478 -40.03 -2.94 -40.90
C LYS B 478 -41.40 -2.89 -40.26
N LYS B 479 -41.58 -2.16 -39.16
CA LYS B 479 -42.89 -2.03 -38.54
C LYS B 479 -43.88 -1.41 -39.52
N LYS B 480 -45.06 -2.02 -39.62
CA LYS B 480 -46.07 -1.56 -40.58
C LYS B 480 -46.87 -0.38 -40.03
N ASN B 481 -47.59 -0.59 -38.93
CA ASN B 481 -48.43 0.45 -38.37
C ASN B 481 -47.76 1.10 -37.17
N SER B 482 -47.30 2.34 -37.33
CA SER B 482 -46.68 3.07 -36.24
C SER B 482 -46.75 4.57 -36.56
N SER B 483 -47.05 5.36 -35.53
CA SER B 483 -47.07 6.81 -35.67
C SER B 483 -45.71 7.45 -35.45
N THR B 484 -44.71 6.67 -35.04
CA THR B 484 -43.37 7.19 -34.82
C THR B 484 -42.37 6.54 -35.78
N TRP B 485 -42.37 5.22 -35.82
CA TRP B 485 -41.41 4.49 -36.64
C TRP B 485 -41.99 4.23 -38.03
N GLY B 486 -41.15 3.68 -38.90
CA GLY B 486 -41.53 3.40 -40.26
C GLY B 486 -40.34 3.07 -41.14
N PRO B 487 -40.50 3.18 -42.46
CA PRO B 487 -39.40 2.85 -43.37
C PRO B 487 -38.30 3.89 -43.44
N ASP B 488 -38.53 5.09 -42.92
CA ASP B 488 -37.51 6.14 -42.89
C ASP B 488 -37.19 6.57 -41.46
N ALA B 489 -37.24 5.63 -40.51
CA ALA B 489 -37.09 5.91 -39.11
C ALA B 489 -35.66 5.76 -38.62
N TRP B 490 -34.72 5.43 -39.52
CA TRP B 490 -33.32 5.32 -39.16
C TRP B 490 -32.65 6.67 -38.97
N LYS B 491 -33.35 7.76 -39.29
CA LYS B 491 -32.84 9.11 -39.08
C LYS B 491 -33.02 9.59 -37.65
N LYS B 492 -33.70 8.81 -36.81
CA LYS B 492 -33.91 9.18 -35.41
C LYS B 492 -32.81 8.64 -34.51
N ILE B 493 -32.48 7.36 -34.66
CA ILE B 493 -31.48 6.74 -33.79
C ILE B 493 -30.10 7.25 -34.14
N VAL B 494 -29.34 7.65 -33.12
CA VAL B 494 -27.96 8.12 -33.30
C VAL B 494 -27.05 7.37 -32.34
N VAL B 495 -26.14 6.56 -32.89
CA VAL B 495 -25.19 5.82 -32.06
C VAL B 495 -24.02 6.72 -31.70
N CYS B 496 -23.55 6.60 -30.46
CA CYS B 496 -22.48 7.47 -29.98
C CYS B 496 -21.50 6.62 -29.16
N ILE B 497 -20.35 6.32 -29.74
CA ILE B 497 -19.31 5.55 -29.06
C ILE B 497 -18.34 6.53 -28.41
N ILE B 498 -18.10 6.37 -27.11
CA ILE B 498 -17.23 7.25 -26.36
C ILE B 498 -16.10 6.40 -25.79
N SER B 499 -14.96 6.38 -26.48
CA SER B 499 -13.79 5.67 -25.97
C SER B 499 -13.07 6.54 -24.94
N ASP B 500 -12.20 5.90 -24.17
CA ASP B 500 -11.47 6.56 -23.08
C ASP B 500 -9.98 6.35 -23.30
N GLY B 501 -9.25 7.44 -23.52
CA GLY B 501 -7.82 7.36 -23.66
C GLY B 501 -7.38 7.03 -25.07
N ARG B 502 -6.51 7.86 -25.64
CA ARG B 502 -5.98 7.60 -26.97
C ARG B 502 -4.81 6.62 -26.96
N SER B 503 -4.08 6.55 -25.86
CA SER B 503 -2.95 5.64 -25.72
C SER B 503 -3.33 4.33 -25.05
N LYS B 504 -4.61 4.15 -24.71
CA LYS B 504 -5.07 2.94 -24.04
C LYS B 504 -6.06 2.13 -24.85
N ILE B 505 -6.67 2.72 -25.88
CA ILE B 505 -7.63 1.99 -26.70
C ILE B 505 -6.94 0.83 -27.38
N ASN B 506 -7.64 -0.29 -27.50
CA ASN B 506 -7.10 -1.45 -28.19
C ASN B 506 -6.84 -1.11 -29.65
N GLU B 507 -5.65 -1.49 -30.13
CA GLU B 507 -5.29 -1.20 -31.52
C GLU B 507 -6.13 -2.01 -32.49
N ARG B 508 -6.50 -3.23 -32.11
CA ARG B 508 -7.28 -4.07 -33.00
C ARG B 508 -8.74 -3.67 -33.06
N SER B 509 -9.29 -3.18 -31.94
CA SER B 509 -10.68 -2.74 -31.92
C SER B 509 -10.89 -1.48 -32.75
N LEU B 510 -9.92 -0.57 -32.78
CA LEU B 510 -10.01 0.63 -33.59
C LEU B 510 -10.04 0.30 -35.08
N ALA B 511 -9.41 -0.80 -35.49
CA ALA B 511 -9.46 -1.21 -36.88
C ALA B 511 -10.87 -1.61 -37.30
N LEU B 512 -11.68 -2.12 -36.36
CA LEU B 512 -13.06 -2.43 -36.68
C LEU B 512 -13.84 -1.15 -37.00
N LEU B 513 -13.63 -0.09 -36.23
CA LEU B 513 -14.25 1.19 -36.56
C LEU B 513 -13.73 1.74 -37.88
N SER B 514 -12.42 1.61 -38.14
CA SER B 514 -11.88 2.04 -39.42
C SER B 514 -12.46 1.27 -40.59
N SER B 515 -12.84 0.00 -40.39
CA SER B 515 -13.45 -0.78 -41.45
C SER B 515 -14.90 -0.43 -41.69
N LEU B 516 -15.52 0.32 -40.78
CA LEU B 516 -16.89 0.78 -40.95
C LEU B 516 -16.98 2.15 -41.63
N GLY B 517 -15.84 2.78 -41.92
CA GLY B 517 -15.85 4.09 -42.54
C GLY B 517 -15.99 5.22 -41.55
N CYS B 518 -15.58 5.00 -40.31
CA CYS B 518 -15.73 6.02 -39.27
C CYS B 518 -14.39 6.41 -38.64
N TYR B 519 -13.28 6.07 -39.28
CA TYR B 519 -11.97 6.45 -38.77
C TYR B 519 -11.00 6.53 -39.93
N GLN B 520 -10.14 7.54 -39.93
CA GLN B 520 -9.07 7.69 -40.91
C GLN B 520 -7.80 8.12 -40.18
N ASP B 521 -6.74 7.33 -40.34
CA ASP B 521 -5.44 7.70 -39.78
C ASP B 521 -4.96 8.98 -40.44
N GLY B 522 -4.26 9.81 -39.68
CA GLY B 522 -3.89 11.12 -40.18
C GLY B 522 -4.11 12.24 -39.18
N PHE B 523 -5.01 13.16 -39.50
CA PHE B 523 -5.20 14.38 -38.71
C PHE B 523 -5.50 14.06 -37.26
N ALA B 524 -4.54 14.35 -36.39
CA ALA B 524 -4.68 14.17 -34.96
C ALA B 524 -4.08 15.35 -34.21
N LYS B 525 -4.39 16.58 -34.66
CA LYS B 525 -3.77 17.77 -34.10
C LYS B 525 -3.95 17.82 -32.59
N ASP B 526 -2.85 18.05 -31.88
CA ASP B 526 -2.85 18.03 -30.42
C ASP B 526 -2.95 19.41 -29.79
N GLU B 527 -2.91 20.47 -30.60
CA GLU B 527 -2.98 21.82 -30.06
C GLU B 527 -3.39 22.77 -31.19
N ILE B 528 -4.10 23.83 -30.84
CA ILE B 528 -4.51 24.86 -31.79
C ILE B 528 -4.41 26.21 -31.08
N ASN B 529 -3.42 27.02 -31.48
CA ASN B 529 -3.24 28.37 -30.95
C ASN B 529 -3.15 28.40 -29.43
N GLU B 530 -2.19 27.67 -28.88
CA GLU B 530 -2.00 27.58 -27.42
C GLU B 530 -3.28 27.12 -26.72
N LYS B 531 -3.90 26.08 -27.30
CA LYS B 531 -5.09 25.49 -26.69
C LYS B 531 -5.05 23.98 -26.98
N LYS B 532 -4.79 23.21 -25.93
CA LYS B 532 -4.74 21.75 -26.07
C LYS B 532 -6.11 21.19 -26.40
N VAL B 533 -6.17 20.26 -27.36
CA VAL B 533 -7.44 19.66 -27.73
C VAL B 533 -7.91 18.73 -26.61
N ALA B 534 -9.20 18.79 -26.30
CA ALA B 534 -9.74 17.96 -25.24
C ALA B 534 -10.12 16.58 -25.77
N MET B 535 -10.79 16.52 -26.90
CA MET B 535 -11.23 15.24 -27.46
C MET B 535 -11.47 15.41 -28.96
N HIS B 536 -11.31 14.31 -29.68
CA HIS B 536 -11.45 14.30 -31.14
C HIS B 536 -12.80 13.74 -31.53
N VAL B 537 -13.42 14.33 -32.55
CA VAL B 537 -14.75 13.93 -32.98
C VAL B 537 -14.69 13.46 -34.43
N TYR B 538 -15.11 12.23 -34.66
CA TYR B 538 -15.22 11.57 -35.96
C TYR B 538 -16.69 11.25 -36.16
N GLU B 539 -17.19 11.39 -37.39
CA GLU B 539 -18.59 11.09 -37.63
C GLU B 539 -18.85 10.80 -39.11
N HIS B 540 -19.74 9.84 -39.36
CA HIS B 540 -20.01 9.35 -40.71
C HIS B 540 -21.25 8.46 -40.66
N THR B 541 -22.04 8.48 -41.73
CA THR B 541 -23.23 7.63 -41.83
C THR B 541 -22.87 6.40 -42.65
N THR B 542 -22.58 5.30 -41.96
CA THR B 542 -22.15 4.08 -42.63
C THR B 542 -23.35 3.33 -43.18
N MET B 543 -23.05 2.31 -44.00
CA MET B 543 -24.12 1.47 -44.56
C MET B 543 -23.78 -0.01 -44.46
N ILE B 544 -22.74 -0.37 -43.71
CA ILE B 544 -22.30 -1.76 -43.59
C ILE B 544 -22.63 -2.21 -42.18
N ASN B 545 -23.44 -3.26 -42.05
CA ASN B 545 -23.78 -3.82 -40.76
C ASN B 545 -23.29 -5.26 -40.65
N ILE B 546 -22.92 -5.64 -39.43
CA ILE B 546 -22.37 -6.96 -39.19
C ILE B 546 -23.46 -8.02 -39.32
N THR B 547 -23.07 -9.21 -39.78
CA THR B 547 -24.00 -10.31 -39.97
C THR B 547 -23.83 -11.42 -38.95
N ASN B 548 -22.60 -11.81 -38.65
CA ASN B 548 -22.38 -12.91 -37.71
C ASN B 548 -21.04 -12.70 -37.01
N ILE B 549 -21.04 -12.87 -35.69
CA ILE B 549 -19.83 -12.82 -34.88
C ILE B 549 -19.45 -14.23 -34.48
N SER B 550 -18.32 -14.71 -35.00
CA SER B 550 -17.80 -16.01 -34.61
C SER B 550 -16.84 -15.83 -33.43
N GLU B 551 -16.12 -16.88 -33.08
CA GLU B 551 -15.18 -16.83 -31.97
C GLU B 551 -13.85 -16.19 -32.37
N SER B 552 -13.57 -16.06 -33.66
CA SER B 552 -12.30 -15.50 -34.10
C SER B 552 -12.44 -14.59 -35.32
N GLU B 553 -13.67 -14.35 -35.78
CA GLU B 553 -13.87 -13.61 -37.01
C GLU B 553 -15.14 -12.77 -36.92
N VAL B 554 -15.19 -11.72 -37.74
CA VAL B 554 -16.35 -10.83 -37.82
C VAL B 554 -16.78 -10.71 -39.28
N SER B 555 -18.05 -11.01 -39.55
CA SER B 555 -18.53 -10.99 -40.93
C SER B 555 -19.25 -9.70 -41.25
N LEU B 556 -18.76 -8.99 -42.26
CA LEU B 556 -19.31 -7.71 -42.70
C LEU B 556 -19.91 -7.88 -44.09
N GLU B 557 -21.08 -7.28 -44.31
CA GLU B 557 -21.79 -7.37 -45.58
C GLU B 557 -22.50 -6.07 -45.90
N CYS B 558 -22.83 -5.91 -47.19
CA CYS B 558 -23.56 -4.74 -47.66
C CYS B 558 -24.50 -5.14 -48.79
N ASN B 559 -25.80 -5.27 -48.48
CA ASN B 559 -26.77 -5.72 -49.46
C ASN B 559 -27.97 -4.79 -49.52
N GLN B 560 -29.02 -5.21 -50.24
CA GLN B 560 -30.25 -4.44 -50.34
C GLN B 560 -31.07 -4.46 -49.06
N GLY B 561 -30.75 -5.34 -48.11
CA GLY B 561 -31.50 -5.42 -46.87
C GLY B 561 -30.73 -4.92 -45.67
N THR B 562 -29.98 -3.84 -45.84
CA THR B 562 -29.20 -3.24 -44.77
C THR B 562 -29.66 -1.80 -44.55
N VAL B 563 -29.63 -1.37 -43.29
CA VAL B 563 -30.07 -0.02 -42.94
C VAL B 563 -28.86 0.82 -42.59
N PRO B 564 -28.84 2.10 -42.95
CA PRO B 564 -27.71 2.96 -42.58
C PRO B 564 -27.75 3.32 -41.10
N ILE B 565 -26.57 3.46 -40.51
CA ILE B 565 -26.42 3.78 -39.09
C ILE B 565 -25.53 5.01 -38.98
N GLN B 566 -26.02 6.03 -38.28
CA GLN B 566 -25.24 7.25 -38.08
C GLN B 566 -24.32 7.06 -36.88
N LEU B 567 -23.02 7.04 -37.13
CA LEU B 567 -22.04 6.87 -36.07
C LEU B 567 -21.46 8.22 -35.66
N LEU B 568 -21.13 8.35 -34.38
CA LEU B 568 -20.57 9.60 -33.86
C LEU B 568 -19.39 9.25 -32.95
N PHE B 569 -18.47 8.43 -33.45
CA PHE B 569 -17.32 7.99 -32.69
C PHE B 569 -16.50 9.19 -32.20
N CYS B 570 -16.42 9.37 -30.89
CA CYS B 570 -15.71 10.49 -30.28
C CYS B 570 -14.67 9.94 -29.31
N LEU B 571 -13.40 10.16 -29.64
CA LEU B 571 -12.29 9.57 -28.88
C LEU B 571 -11.64 10.61 -27.97
N LYS B 572 -11.44 10.23 -26.72
CA LYS B 572 -10.91 11.13 -25.70
C LYS B 572 -9.39 11.14 -25.74
N GLU B 573 -8.78 12.14 -25.12
CA GLU B 573 -7.34 12.32 -25.18
C GLU B 573 -6.63 11.58 -24.06
N GLN B 574 -7.00 11.84 -22.81
CA GLN B 574 -6.33 11.24 -21.67
C GLN B 574 -7.32 10.52 -20.77
N ASN B 575 -6.81 9.55 -20.01
CA ASN B 575 -7.66 8.74 -19.15
C ASN B 575 -8.25 9.58 -18.02
N GLN B 576 -9.58 9.57 -17.93
CA GLN B 576 -10.28 10.36 -16.92
C GLN B 576 -11.43 9.60 -16.27
N LYS B 577 -11.19 8.34 -15.91
CA LYS B 577 -12.17 7.49 -15.22
C LYS B 577 -13.40 7.32 -16.11
N LYS B 578 -14.57 7.11 -15.50
CA LYS B 578 -15.79 6.85 -16.26
C LYS B 578 -16.90 7.87 -16.03
N ILE B 579 -16.97 8.51 -14.86
CA ILE B 579 -17.97 9.54 -14.66
C ILE B 579 -17.80 10.70 -15.63
N ASN B 580 -16.56 11.06 -15.95
CA ASN B 580 -16.31 12.07 -16.96
C ASN B 580 -16.82 11.68 -18.34
N SER B 581 -16.85 10.38 -18.65
CA SER B 581 -17.39 9.95 -19.93
C SER B 581 -18.88 10.26 -20.05
N HIS B 582 -19.64 10.06 -18.97
CA HIS B 582 -21.04 10.42 -18.97
C HIS B 582 -21.26 11.92 -19.01
N ARG B 583 -20.30 12.70 -18.52
CA ARG B 583 -20.39 14.16 -18.59
C ARG B 583 -20.25 14.67 -20.01
N TRP B 584 -19.45 14.00 -20.85
CA TRP B 584 -19.33 14.37 -22.25
C TRP B 584 -20.60 14.09 -23.04
N ALA B 585 -21.45 13.19 -22.55
CA ALA B 585 -22.68 12.84 -23.27
C ALA B 585 -23.86 13.67 -22.76
N PHE B 586 -24.14 13.58 -21.46
CA PHE B 586 -25.32 14.25 -20.90
C PHE B 586 -25.21 15.76 -21.01
N GLU B 587 -24.05 16.32 -20.67
CA GLU B 587 -23.83 17.75 -20.77
C GLU B 587 -23.26 18.19 -22.10
N GLY B 588 -22.87 17.25 -22.96
CA GLY B 588 -22.24 17.59 -24.21
C GLY B 588 -23.14 17.47 -25.41
N PHE B 589 -23.02 16.35 -26.13
CA PHE B 589 -23.73 16.19 -27.39
C PHE B 589 -25.24 16.20 -27.20
N ALA B 590 -25.72 15.64 -26.08
CA ALA B 590 -27.15 15.59 -25.81
C ALA B 590 -27.74 16.99 -25.71
N GLU B 591 -26.91 17.97 -25.39
CA GLU B 591 -27.36 19.36 -25.32
C GLU B 591 -27.58 19.97 -26.69
N LEU B 592 -26.98 19.41 -27.74
CA LEU B 592 -27.18 19.88 -29.10
C LEU B 592 -28.21 19.06 -29.86
N LEU B 593 -28.13 17.73 -29.78
CA LEU B 593 -29.11 16.88 -30.46
C LEU B 593 -30.48 16.98 -29.80
N ARG B 594 -30.53 17.14 -28.47
CA ARG B 594 -31.75 17.23 -27.70
C ARG B 594 -32.64 16.02 -27.93
N PRO B 595 -32.23 14.83 -27.49
CA PRO B 595 -33.04 13.64 -27.72
C PRO B 595 -34.19 13.54 -26.72
N ASN B 596 -35.02 12.52 -26.93
CA ASN B 596 -36.12 12.22 -26.03
C ASN B 596 -35.70 11.23 -24.94
N ILE B 597 -35.03 10.15 -25.35
CA ILE B 597 -34.57 9.11 -24.43
C ILE B 597 -33.06 8.97 -24.59
N VAL B 598 -32.38 8.69 -23.48
CA VAL B 598 -30.94 8.47 -23.52
C VAL B 598 -30.64 7.10 -22.92
N THR B 599 -30.17 6.18 -23.76
CA THR B 599 -29.91 4.81 -23.34
C THR B 599 -28.41 4.60 -23.10
N LEU B 600 -28.11 3.88 -22.04
CA LEU B 600 -26.72 3.63 -21.64
C LEU B 600 -26.37 2.17 -21.89
N LEU B 601 -25.19 1.93 -22.44
CA LEU B 601 -24.69 0.59 -22.71
C LEU B 601 -23.25 0.45 -22.21
N ASP B 602 -22.66 -0.70 -22.47
CA ASP B 602 -21.28 -0.98 -22.09
C ASP B 602 -20.76 -2.06 -23.03
N ALA B 603 -19.57 -1.84 -23.57
CA ALA B 603 -19.00 -2.77 -24.55
C ALA B 603 -18.91 -4.18 -23.98
N GLY B 604 -19.56 -5.11 -24.65
CA GLY B 604 -19.65 -6.48 -24.16
C GLY B 604 -21.07 -6.94 -23.97
N THR B 605 -21.92 -6.03 -23.50
CA THR B 605 -23.34 -6.34 -23.35
C THR B 605 -24.02 -6.41 -24.70
N MET B 606 -24.74 -7.48 -24.95
CA MET B 606 -25.42 -7.68 -26.24
C MET B 606 -26.92 -7.64 -26.06
N PRO B 607 -27.61 -6.62 -26.57
CA PRO B 607 -29.07 -6.58 -26.45
C PRO B 607 -29.72 -7.67 -27.30
N GLY B 608 -30.99 -7.93 -26.98
CA GLY B 608 -31.72 -9.00 -27.64
C GLY B 608 -32.19 -8.59 -29.03
N LYS B 609 -33.05 -9.45 -29.58
CA LYS B 609 -33.54 -9.25 -30.94
C LYS B 609 -34.35 -7.96 -31.05
N ASP B 610 -35.23 -7.70 -30.08
CA ASP B 610 -36.07 -6.51 -30.09
C ASP B 610 -36.14 -5.91 -28.68
N SER B 611 -35.01 -5.90 -27.98
CA SER B 611 -34.95 -5.33 -26.64
C SER B 611 -35.00 -3.81 -26.64
N ILE B 612 -34.46 -3.15 -27.67
CA ILE B 612 -34.56 -1.71 -27.75
C ILE B 612 -36.01 -1.23 -27.86
N TYR B 613 -36.80 -1.87 -28.71
CA TYR B 613 -38.18 -1.45 -28.92
C TYR B 613 -39.07 -1.71 -27.71
N GLN B 614 -38.86 -2.83 -27.00
CA GLN B 614 -39.68 -3.14 -25.84
C GLN B 614 -39.44 -2.18 -24.68
N LEU B 615 -38.20 -1.71 -24.52
CA LEU B 615 -37.91 -0.74 -23.47
C LEU B 615 -38.43 0.65 -23.79
N TRP B 616 -38.57 0.98 -25.08
CA TRP B 616 -39.11 2.28 -25.46
C TRP B 616 -40.61 2.36 -25.27
N ARG B 617 -41.32 1.23 -25.29
CA ARG B 617 -42.76 1.22 -25.07
C ARG B 617 -43.14 1.52 -23.62
N GLU B 618 -42.18 1.52 -22.71
CA GLU B 618 -42.46 1.79 -21.30
C GLU B 618 -42.64 3.28 -21.02
N PHE B 619 -42.32 4.15 -21.98
CA PHE B 619 -42.49 5.58 -21.82
C PHE B 619 -43.78 6.09 -22.43
N ARG B 620 -44.75 5.19 -22.67
CA ARG B 620 -46.02 5.61 -23.23
C ARG B 620 -46.75 6.58 -22.28
N ASN B 621 -46.86 6.21 -21.01
CA ASN B 621 -47.43 7.10 -20.02
C ASN B 621 -46.40 8.13 -19.57
N PRO B 622 -46.84 9.33 -19.20
CA PRO B 622 -45.89 10.41 -18.86
C PRO B 622 -45.36 10.40 -17.43
N ASN B 623 -45.59 9.34 -16.66
CA ASN B 623 -45.09 9.25 -15.30
C ASN B 623 -43.74 8.57 -15.19
N VAL B 624 -43.38 7.72 -16.16
CA VAL B 624 -42.12 7.00 -16.10
C VAL B 624 -40.97 7.95 -16.40
N GLY B 625 -39.92 7.88 -15.59
CA GLY B 625 -38.74 8.69 -15.79
C GLY B 625 -37.47 7.88 -15.88
N GLY B 626 -37.61 6.58 -16.16
CA GLY B 626 -36.46 5.71 -16.29
C GLY B 626 -36.87 4.24 -16.29
N ALA B 627 -36.06 3.39 -16.89
CA ALA B 627 -36.38 1.97 -16.94
C ALA B 627 -35.12 1.16 -17.20
N CYS B 628 -35.22 -0.15 -16.95
CA CYS B 628 -34.15 -1.08 -17.30
C CYS B 628 -34.74 -2.46 -17.48
N GLY B 629 -34.03 -3.29 -18.23
CA GLY B 629 -34.43 -4.66 -18.49
C GLY B 629 -33.74 -5.64 -17.56
N GLU B 630 -33.62 -6.87 -18.03
CA GLU B 630 -32.97 -7.93 -17.29
C GLU B 630 -31.68 -8.36 -17.99
N ILE B 631 -30.75 -8.91 -17.21
CA ILE B 631 -29.44 -9.29 -17.69
C ILE B 631 -29.24 -10.78 -17.47
N ARG B 632 -28.65 -11.46 -18.45
CA ARG B 632 -28.46 -12.89 -18.42
C ARG B 632 -26.99 -13.23 -18.65
N THR B 633 -26.60 -14.41 -18.21
CA THR B 633 -25.26 -14.92 -18.45
C THR B 633 -25.23 -15.69 -19.76
N ASP B 634 -24.07 -15.66 -20.42
CA ASP B 634 -23.88 -16.40 -21.66
C ASP B 634 -23.27 -17.75 -21.34
N LEU B 635 -23.89 -18.82 -21.86
CA LEU B 635 -23.46 -20.18 -21.59
C LEU B 635 -22.64 -20.78 -22.73
N GLY B 636 -21.96 -19.93 -23.50
CA GLY B 636 -21.12 -20.43 -24.57
C GLY B 636 -21.93 -21.11 -25.66
N LYS B 637 -21.36 -22.16 -26.24
CA LYS B 637 -21.97 -22.90 -27.32
C LYS B 637 -22.44 -24.26 -26.81
N ARG B 638 -23.71 -24.57 -27.05
CA ARG B 638 -24.32 -25.84 -26.64
C ARG B 638 -24.19 -26.05 -25.13
N PHE B 639 -24.33 -24.96 -24.37
CA PHE B 639 -24.35 -25.01 -22.91
C PHE B 639 -23.10 -25.68 -22.35
N VAL B 640 -21.93 -25.27 -22.89
CA VAL B 640 -20.67 -25.90 -22.52
C VAL B 640 -20.04 -25.27 -21.28
N LYS B 641 -20.41 -24.04 -20.93
CA LYS B 641 -19.81 -23.33 -19.81
C LYS B 641 -20.58 -23.55 -18.51
N LEU B 642 -21.27 -24.69 -18.40
CA LEU B 642 -21.96 -25.06 -17.17
C LEU B 642 -21.16 -26.03 -16.32
N LEU B 643 -20.07 -26.58 -16.86
CA LEU B 643 -19.21 -27.48 -16.09
C LEU B 643 -18.33 -26.72 -15.10
N ASN B 644 -18.15 -25.42 -15.29
CA ASN B 644 -17.35 -24.62 -14.37
C ASN B 644 -18.16 -24.32 -13.12
N PRO B 645 -17.68 -24.71 -11.93
CA PRO B 645 -18.44 -24.42 -10.70
C PRO B 645 -18.57 -22.94 -10.40
N LEU B 646 -17.71 -22.10 -10.97
CA LEU B 646 -17.77 -20.67 -10.70
C LEU B 646 -18.62 -19.91 -11.72
N VAL B 647 -19.03 -20.56 -12.80
CA VAL B 647 -19.91 -19.94 -13.78
C VAL B 647 -21.34 -20.35 -13.49
N ALA B 648 -21.54 -21.63 -13.16
CA ALA B 648 -22.86 -22.11 -12.80
C ALA B 648 -23.38 -21.46 -11.52
N SER B 649 -22.48 -21.12 -10.60
CA SER B 649 -22.88 -20.43 -9.38
C SER B 649 -23.47 -19.06 -9.69
N GLN B 650 -22.86 -18.32 -10.62
CA GLN B 650 -23.35 -16.99 -10.96
C GLN B 650 -24.58 -17.03 -11.85
N ASN B 651 -24.87 -18.17 -12.47
CA ASN B 651 -26.09 -18.33 -13.25
C ASN B 651 -27.33 -18.39 -12.39
N PHE B 652 -27.22 -18.86 -11.15
CA PHE B 652 -28.34 -18.91 -10.23
C PHE B 652 -28.54 -17.61 -9.46
N GLU B 653 -27.46 -16.85 -9.24
CA GLU B 653 -27.59 -15.57 -8.56
C GLU B 653 -28.22 -14.50 -9.45
N TYR B 654 -27.92 -14.51 -10.74
CA TYR B 654 -28.55 -13.56 -11.65
C TYR B 654 -30.05 -13.80 -11.77
N LYS B 655 -30.46 -15.08 -11.81
CA LYS B 655 -31.88 -15.39 -11.93
C LYS B 655 -32.65 -14.95 -10.69
N MET B 656 -32.13 -15.25 -9.50
CA MET B 656 -32.83 -14.92 -8.26
C MET B 656 -32.89 -13.42 -8.00
N SER B 657 -32.09 -12.62 -8.70
CA SER B 657 -32.15 -11.18 -8.55
C SER B 657 -33.17 -10.53 -9.48
N ASN B 658 -33.44 -11.13 -10.63
CA ASN B 658 -34.43 -10.63 -11.57
C ASN B 658 -35.82 -11.19 -11.33
N ILE B 659 -35.97 -12.08 -10.35
CA ILE B 659 -37.27 -12.68 -10.05
C ILE B 659 -37.81 -12.30 -8.69
N LEU B 660 -36.97 -12.05 -7.70
CA LEU B 660 -37.47 -11.76 -6.36
C LEU B 660 -37.22 -10.32 -5.93
N ASP B 661 -36.13 -9.70 -6.38
CA ASP B 661 -35.78 -8.37 -5.90
C ASP B 661 -36.32 -7.27 -6.80
N LYS B 662 -36.05 -7.36 -8.11
CA LYS B 662 -36.40 -6.27 -9.01
C LYS B 662 -37.90 -6.06 -9.09
N THR B 663 -38.68 -7.14 -9.11
CA THR B 663 -40.14 -7.02 -9.16
C THR B 663 -40.67 -6.34 -7.89
N THR B 664 -40.16 -6.75 -6.73
CA THR B 664 -40.59 -6.14 -5.48
C THR B 664 -40.23 -4.66 -5.42
N GLU B 665 -39.04 -4.30 -5.88
CA GLU B 665 -38.67 -2.88 -5.91
C GLU B 665 -39.53 -2.09 -6.91
N SER B 666 -39.84 -2.69 -8.07
CA SER B 666 -40.65 -2.00 -9.06
C SER B 666 -42.09 -1.82 -8.60
N ASN B 667 -42.57 -2.69 -7.70
CA ASN B 667 -43.93 -2.53 -7.19
C ASN B 667 -44.10 -1.21 -6.47
N PHE B 668 -43.13 -0.83 -5.63
CA PHE B 668 -43.22 0.42 -4.89
C PHE B 668 -43.00 1.62 -5.80
N GLY B 669 -41.98 1.56 -6.66
CA GLY B 669 -41.72 2.63 -7.60
C GLY B 669 -40.30 3.16 -7.55
N PHE B 670 -39.38 2.40 -6.96
CA PHE B 670 -37.98 2.81 -6.89
C PHE B 670 -37.12 1.57 -7.07
N ILE B 671 -36.22 1.59 -8.05
CA ILE B 671 -35.35 0.48 -8.37
C ILE B 671 -33.93 0.97 -8.55
N THR B 672 -32.98 0.06 -8.37
CA THR B 672 -31.57 0.32 -8.60
C THR B 672 -31.07 -0.66 -9.65
N VAL B 673 -30.50 -0.14 -10.73
CA VAL B 673 -30.10 -0.98 -11.85
C VAL B 673 -28.89 -1.82 -11.45
N LEU B 674 -28.91 -3.09 -11.83
CA LEU B 674 -27.77 -3.95 -11.56
C LEU B 674 -26.60 -3.54 -12.44
N PRO B 675 -25.36 -3.71 -11.98
CA PRO B 675 -24.20 -3.37 -12.83
C PRO B 675 -24.17 -4.22 -14.08
N GLY B 676 -23.80 -3.60 -15.19
CA GLY B 676 -23.73 -4.28 -16.47
C GLY B 676 -25.03 -4.37 -17.22
N ALA B 677 -26.14 -3.90 -16.65
CA ALA B 677 -27.45 -4.04 -17.25
C ALA B 677 -27.67 -3.02 -18.34
N PHE B 678 -28.94 -2.90 -18.76
CA PHE B 678 -29.35 -2.12 -19.92
C PHE B 678 -30.43 -1.14 -19.49
N SER B 679 -30.08 0.13 -19.36
CA SER B 679 -30.95 1.13 -18.76
C SER B 679 -31.17 2.32 -19.69
N ALA B 680 -32.29 3.00 -19.49
CA ALA B 680 -32.67 4.16 -20.29
C ALA B 680 -33.32 5.20 -19.39
N TYR B 681 -33.01 6.47 -19.65
CA TYR B 681 -33.53 7.60 -18.90
C TYR B 681 -34.23 8.57 -19.84
N ARG B 682 -35.19 9.32 -19.29
CA ARG B 682 -35.80 10.42 -20.01
C ARG B 682 -35.00 11.70 -19.78
N PHE B 683 -34.65 12.36 -20.87
CA PHE B 683 -33.81 13.56 -20.78
C PHE B 683 -34.49 14.71 -20.06
N GLU B 684 -35.83 14.74 -20.02
CA GLU B 684 -36.52 15.78 -19.28
C GLU B 684 -36.46 15.56 -17.77
N ALA B 685 -36.53 14.31 -17.31
CA ALA B 685 -36.44 14.03 -15.89
C ALA B 685 -35.06 14.31 -15.33
N VAL B 686 -34.02 13.81 -16.00
CA VAL B 686 -32.65 14.07 -15.58
C VAL B 686 -32.13 15.34 -16.26
N ARG B 687 -32.45 16.48 -15.68
CA ARG B 687 -31.95 17.76 -16.20
C ARG B 687 -32.09 18.80 -15.10
N GLY B 688 -30.95 19.27 -14.57
CA GLY B 688 -30.97 20.23 -13.49
C GLY B 688 -30.32 19.70 -12.23
N GLN B 689 -31.10 19.59 -11.16
CA GLN B 689 -30.60 19.10 -9.89
C GLN B 689 -30.12 17.64 -9.97
N PRO B 690 -30.86 16.72 -10.59
CA PRO B 690 -30.35 15.33 -10.66
C PRO B 690 -29.01 15.20 -11.32
N LEU B 691 -28.73 15.99 -12.37
CA LEU B 691 -27.43 15.95 -13.01
C LEU B 691 -26.38 16.82 -12.33
N GLN B 692 -26.80 17.81 -11.57
CA GLN B 692 -25.86 18.67 -10.85
C GLN B 692 -25.24 17.97 -9.64
N LYS B 693 -25.98 17.09 -8.98
CA LYS B 693 -25.47 16.39 -7.81
C LYS B 693 -24.93 15.01 -8.16
N TYR B 694 -24.95 14.63 -9.43
CA TYR B 694 -24.34 13.40 -9.90
C TYR B 694 -22.89 13.62 -10.32
N PHE B 695 -22.63 14.63 -11.17
CA PHE B 695 -21.29 14.89 -11.66
C PHE B 695 -20.45 15.60 -10.62
N TYR B 696 -20.88 16.79 -10.20
CA TYR B 696 -20.10 17.58 -9.26
C TYR B 696 -20.33 17.10 -7.84
N GLY B 697 -21.57 17.23 -7.36
CA GLY B 697 -21.92 16.78 -6.02
C GLY B 697 -21.18 17.52 -4.92
N GLU B 698 -20.62 18.68 -5.24
CA GLU B 698 -19.84 19.47 -4.28
C GLU B 698 -18.74 18.65 -3.63
N GLY B 704 -12.83 20.84 2.19
CA GLY B 704 -14.12 20.32 2.58
C GLY B 704 -14.04 19.00 3.32
N PHE B 705 -13.95 17.91 2.57
CA PHE B 705 -13.82 16.56 3.14
C PHE B 705 -14.96 16.23 4.08
N HIS B 706 -16.17 16.15 3.55
CA HIS B 706 -17.35 15.75 4.31
C HIS B 706 -17.75 14.34 3.92
N PHE B 707 -18.38 13.62 4.84
CA PHE B 707 -18.66 12.20 4.64
C PHE B 707 -19.60 11.97 3.46
N PHE B 708 -20.65 12.77 3.35
CA PHE B 708 -21.68 12.56 2.33
C PHE B 708 -21.39 13.34 1.06
N SER B 709 -20.17 13.83 0.91
CA SER B 709 -19.81 14.59 -0.28
C SER B 709 -18.54 14.04 -0.91
N SER B 710 -17.67 13.44 -0.09
CA SER B 710 -16.40 12.94 -0.59
C SER B 710 -16.42 11.45 -0.91
N ASN B 711 -17.37 10.71 -0.35
CA ASN B 711 -17.49 9.28 -0.62
C ASN B 711 -18.67 8.96 -1.53
N MET B 712 -19.35 9.99 -2.03
CA MET B 712 -20.55 9.80 -2.83
C MET B 712 -20.28 9.27 -4.23
N TYR B 713 -19.03 9.30 -4.68
CA TYR B 713 -18.68 8.73 -5.98
C TYR B 713 -18.67 7.21 -5.98
N LEU B 714 -18.75 6.59 -4.81
CA LEU B 714 -18.73 5.13 -4.70
C LEU B 714 -20.04 4.50 -5.13
N ALA B 715 -21.13 5.27 -5.18
CA ALA B 715 -22.45 4.74 -5.52
C ALA B 715 -22.73 4.76 -7.01
N GLU B 716 -21.75 5.16 -7.83
CA GLU B 716 -21.90 5.22 -9.28
C GLU B 716 -23.11 6.05 -9.67
N ASP B 717 -24.02 5.45 -10.45
CA ASP B 717 -25.20 6.15 -10.94
C ASP B 717 -26.44 5.87 -10.11
N ARG B 718 -26.30 5.19 -8.97
CA ARG B 718 -27.45 4.93 -8.11
C ARG B 718 -27.99 6.19 -7.48
N ILE B 719 -27.21 7.26 -7.40
CA ILE B 719 -27.72 8.55 -6.95
C ILE B 719 -28.67 9.17 -7.97
N LEU B 720 -28.40 8.97 -9.26
CA LEU B 720 -29.26 9.52 -10.30
C LEU B 720 -30.67 8.92 -10.22
N CYS B 721 -30.78 7.64 -9.88
CA CYS B 721 -32.08 7.01 -9.74
C CYS B 721 -32.83 7.52 -8.51
N PHE B 722 -32.11 7.87 -7.45
CA PHE B 722 -32.72 8.39 -6.24
C PHE B 722 -33.16 9.84 -6.35
N GLU B 723 -32.41 10.66 -7.10
CA GLU B 723 -32.79 12.06 -7.25
C GLU B 723 -33.91 12.29 -8.24
N VAL B 724 -34.29 11.28 -9.02
CA VAL B 724 -35.38 11.43 -9.96
C VAL B 724 -36.72 11.24 -9.25
N VAL B 725 -36.82 10.22 -8.40
CA VAL B 725 -38.09 9.93 -7.72
C VAL B 725 -38.43 11.04 -6.74
N THR B 726 -37.44 11.59 -6.07
CA THR B 726 -37.66 12.61 -5.03
C THR B 726 -37.43 14.01 -5.57
N LYS B 727 -37.73 14.24 -6.85
CA LYS B 727 -37.52 15.54 -7.44
C LYS B 727 -38.58 16.51 -6.93
N LYS B 728 -38.16 17.75 -6.66
CA LYS B 728 -39.05 18.74 -6.05
C LYS B 728 -40.15 19.15 -7.03
N ASN B 729 -41.39 19.11 -6.55
CA ASN B 729 -42.57 19.54 -7.29
C ASN B 729 -42.71 18.81 -8.62
N CYS B 730 -42.38 17.52 -8.59
CA CYS B 730 -42.50 16.66 -9.77
C CYS B 730 -42.89 15.27 -9.29
N ASN B 731 -43.25 14.42 -10.25
CA ASN B 731 -43.60 13.03 -9.91
C ASN B 731 -43.12 12.06 -10.99
N TRP B 732 -41.95 11.48 -10.80
CA TRP B 732 -41.41 10.47 -11.69
C TRP B 732 -41.23 9.16 -10.94
N ILE B 733 -41.45 8.05 -11.62
CA ILE B 733 -41.28 6.73 -11.03
C ILE B 733 -40.41 5.89 -11.96
N LEU B 734 -39.74 4.90 -11.37
CA LEU B 734 -38.88 4.00 -12.12
C LEU B 734 -39.55 2.64 -12.25
N LYS B 735 -39.61 2.13 -13.48
CA LYS B 735 -40.31 0.89 -13.77
C LYS B 735 -39.34 -0.14 -14.35
N TYR B 736 -39.61 -1.41 -14.06
CA TYR B 736 -38.74 -2.52 -14.44
C TYR B 736 -39.43 -3.31 -15.55
N CYS B 737 -38.89 -3.25 -16.76
CA CYS B 737 -39.44 -4.01 -17.87
C CYS B 737 -38.90 -5.44 -17.83
N ARG B 738 -39.76 -6.38 -18.23
CA ARG B 738 -39.42 -7.79 -18.17
C ARG B 738 -39.26 -8.44 -19.54
N SER B 739 -39.82 -7.86 -20.59
CA SER B 739 -39.75 -8.41 -21.94
C SER B 739 -38.57 -7.85 -22.73
N SER B 740 -37.50 -7.45 -22.04
CA SER B 740 -36.29 -6.97 -22.70
C SER B 740 -35.09 -7.47 -21.92
N TYR B 741 -34.24 -8.25 -22.57
CA TYR B 741 -33.11 -8.90 -21.91
C TYR B 741 -31.81 -8.54 -22.63
N ALA B 742 -30.69 -8.76 -21.95
CA ALA B 742 -29.38 -8.48 -22.52
C ALA B 742 -28.37 -9.42 -21.89
N SER B 743 -27.77 -10.28 -22.71
CA SER B 743 -26.80 -11.25 -22.22
C SER B 743 -25.40 -10.66 -22.15
N THR B 744 -24.57 -11.26 -21.29
CA THR B 744 -23.19 -10.81 -21.11
C THR B 744 -22.35 -11.98 -20.61
N ASP B 745 -21.04 -11.82 -20.71
CA ASP B 745 -20.12 -12.82 -20.16
C ASP B 745 -19.84 -12.54 -18.69
N VAL B 746 -19.26 -13.55 -18.03
CA VAL B 746 -18.96 -13.44 -16.60
C VAL B 746 -17.55 -13.97 -16.35
N PRO B 747 -16.88 -13.52 -15.29
CA PRO B 747 -15.54 -14.05 -14.99
C PRO B 747 -15.58 -15.54 -14.69
N GLU B 748 -14.50 -16.23 -15.06
CA GLU B 748 -14.38 -17.66 -14.85
C GLU B 748 -13.16 -18.04 -14.01
N ARG B 749 -12.25 -17.11 -13.74
CA ARG B 749 -11.15 -17.32 -12.82
C ARG B 749 -11.51 -16.74 -11.45
N VAL B 750 -10.77 -17.15 -10.43
CA VAL B 750 -11.03 -16.68 -9.07
C VAL B 750 -10.44 -15.29 -8.83
N PRO B 751 -9.17 -15.02 -9.18
CA PRO B 751 -8.66 -13.65 -8.94
C PRO B 751 -9.42 -12.57 -9.70
N GLU B 752 -9.91 -12.87 -10.90
CA GLU B 752 -10.68 -11.91 -11.67
C GLU B 752 -12.09 -11.73 -11.14
N PHE B 753 -12.67 -12.76 -10.52
CA PHE B 753 -13.99 -12.68 -9.94
C PHE B 753 -14.02 -11.91 -8.62
N ILE B 754 -12.95 -11.96 -7.84
CA ILE B 754 -12.88 -11.17 -6.61
C ILE B 754 -12.78 -9.68 -6.86
N LEU B 755 -12.00 -9.25 -7.86
CA LEU B 755 -11.83 -7.84 -8.16
C LEU B 755 -13.09 -7.17 -8.68
N GLN B 756 -14.02 -7.93 -9.26
CA GLN B 756 -15.25 -7.35 -9.80
C GLN B 756 -16.28 -7.05 -8.72
N ARG B 757 -16.57 -8.02 -7.85
CA ARG B 757 -17.53 -7.82 -6.78
C ARG B 757 -17.09 -6.78 -5.77
N ARG B 758 -15.79 -6.49 -5.72
CA ARG B 758 -15.24 -5.41 -4.91
C ARG B 758 -15.86 -4.06 -5.24
N ARG B 759 -16.16 -3.80 -6.51
CA ARG B 759 -16.83 -2.57 -6.91
C ARG B 759 -18.32 -2.60 -6.60
N TRP B 760 -18.96 -3.75 -6.72
CA TRP B 760 -20.41 -3.83 -6.49
C TRP B 760 -20.75 -3.68 -5.01
N LEU B 761 -20.03 -4.40 -4.15
CA LEU B 761 -20.36 -4.40 -2.73
C LEU B 761 -20.12 -3.03 -2.09
N ASN B 762 -19.03 -2.36 -2.49
CA ASN B 762 -18.73 -1.05 -1.91
C ASN B 762 -19.74 0.00 -2.35
N GLY B 763 -20.46 -0.24 -3.44
CA GLY B 763 -21.42 0.72 -3.95
C GLY B 763 -22.84 0.45 -3.50
N SER B 764 -23.20 -0.82 -3.35
CA SER B 764 -24.54 -1.17 -2.89
C SER B 764 -24.70 -1.00 -1.38
N PHE B 765 -23.60 -0.93 -0.64
CA PHE B 765 -23.64 -0.66 0.80
C PHE B 765 -23.74 0.82 1.12
N PHE B 766 -23.08 1.68 0.35
CA PHE B 766 -23.15 3.12 0.57
C PHE B 766 -24.40 3.74 -0.01
N ALA B 767 -24.96 3.18 -1.08
CA ALA B 767 -26.16 3.74 -1.69
C ALA B 767 -27.40 3.54 -0.84
N SER B 768 -27.40 2.57 0.07
CA SER B 768 -28.53 2.36 0.96
C SER B 768 -28.40 3.09 2.29
N VAL B 769 -27.17 3.41 2.70
CA VAL B 769 -26.98 4.28 3.85
C VAL B 769 -27.31 5.73 3.52
N TYR B 770 -26.96 6.20 2.32
CA TYR B 770 -27.32 7.53 1.88
C TYR B 770 -28.82 7.71 1.72
N SER B 771 -29.52 6.70 1.20
CA SER B 771 -30.96 6.80 1.01
C SER B 771 -31.74 6.78 2.31
N PHE B 772 -31.28 6.01 3.30
CA PHE B 772 -31.99 5.93 4.57
C PHE B 772 -31.86 7.22 5.38
N CYS B 773 -30.71 7.89 5.32
CA CYS B 773 -30.51 9.11 6.09
C CYS B 773 -31.12 10.33 5.43
N HIS B 774 -31.59 10.21 4.18
CA HIS B 774 -32.23 11.31 3.47
C HIS B 774 -33.62 10.93 3.00
N PHE B 775 -34.31 10.06 3.74
CA PHE B 775 -35.64 9.63 3.34
C PHE B 775 -36.70 10.71 3.54
N TYR B 776 -36.38 11.77 4.28
CA TYR B 776 -37.32 12.86 4.51
C TYR B 776 -37.54 13.72 3.27
N ARG B 777 -36.71 13.57 2.24
CA ARG B 777 -36.81 14.37 1.03
C ARG B 777 -37.93 13.92 0.10
N VAL B 778 -38.51 12.75 0.35
CA VAL B 778 -39.67 12.32 -0.44
C VAL B 778 -40.88 13.21 -0.22
N TRP B 779 -41.09 13.66 1.02
CA TRP B 779 -42.31 14.40 1.36
C TRP B 779 -42.31 15.81 0.79
N SER B 780 -41.19 16.28 0.26
CA SER B 780 -41.11 17.57 -0.40
C SER B 780 -41.31 17.47 -1.90
N SER B 781 -41.63 16.28 -2.40
CA SER B 781 -41.84 16.06 -3.82
C SER B 781 -43.28 16.33 -4.21
N GLY B 782 -43.67 15.95 -5.43
CA GLY B 782 -45.00 16.25 -5.92
C GLY B 782 -45.88 15.04 -6.15
N HIS B 783 -45.60 13.94 -5.45
CA HIS B 783 -46.42 12.74 -5.55
C HIS B 783 -47.74 12.95 -4.81
N ASN B 784 -48.61 11.96 -4.87
CA ASN B 784 -49.84 11.98 -4.09
C ASN B 784 -49.54 11.46 -2.68
N ILE B 785 -50.58 11.18 -1.90
CA ILE B 785 -50.37 10.72 -0.52
C ILE B 785 -50.03 9.25 -0.44
N GLY B 786 -50.57 8.44 -1.34
CA GLY B 786 -50.29 7.01 -1.33
C GLY B 786 -48.86 6.67 -1.71
N ARG B 787 -48.34 7.36 -2.74
CA ARG B 787 -46.99 7.06 -3.22
C ARG B 787 -45.95 7.40 -2.17
N LYS B 788 -46.14 8.50 -1.44
CA LYS B 788 -45.16 8.88 -0.41
C LYS B 788 -45.09 7.82 0.68
N LEU B 789 -46.24 7.35 1.15
CA LEU B 789 -46.28 6.28 2.15
C LEU B 789 -45.72 4.97 1.61
N LEU B 790 -45.97 4.65 0.34
CA LEU B 790 -45.41 3.44 -0.25
C LEU B 790 -43.90 3.51 -0.39
N LEU B 791 -43.36 4.69 -0.68
CA LEU B 791 -41.91 4.84 -0.82
C LEU B 791 -41.21 4.85 0.53
N THR B 792 -41.84 5.45 1.54
CA THR B 792 -41.23 5.45 2.87
C THR B 792 -41.07 4.04 3.43
N VAL B 793 -42.05 3.17 3.18
CA VAL B 793 -41.94 1.77 3.60
C VAL B 793 -40.79 1.05 2.90
N GLU B 794 -40.63 1.24 1.60
CA GLU B 794 -39.55 0.59 0.85
C GLU B 794 -38.19 1.08 1.30
N PHE B 795 -38.06 2.38 1.61
CA PHE B 795 -36.78 2.88 2.09
C PHE B 795 -36.38 2.30 3.44
N PHE B 796 -37.34 1.82 4.23
CA PHE B 796 -37.01 1.11 5.45
C PHE B 796 -36.74 -0.37 5.19
N TYR B 797 -37.52 -0.98 4.29
CA TYR B 797 -37.32 -2.38 3.96
C TYR B 797 -35.95 -2.64 3.33
N LEU B 798 -35.42 -1.69 2.57
CA LEU B 798 -34.08 -1.84 2.02
C LEU B 798 -32.99 -1.73 3.09
N PHE B 799 -33.16 -0.81 4.04
CA PHE B 799 -32.19 -0.70 5.13
C PHE B 799 -32.21 -1.93 6.03
N PHE B 800 -33.38 -2.55 6.20
CA PHE B 800 -33.43 -3.81 6.96
C PHE B 800 -32.60 -4.89 6.28
N ASN B 801 -32.72 -5.01 4.95
CA ASN B 801 -31.90 -5.97 4.21
C ASN B 801 -30.41 -5.64 4.32
N THR B 802 -30.05 -4.35 4.26
CA THR B 802 -28.66 -3.98 4.44
C THR B 802 -28.13 -4.33 5.83
N LEU B 803 -28.90 -4.08 6.88
CA LEU B 803 -28.52 -4.49 8.23
C LEU B 803 -28.35 -5.98 8.37
N ILE B 804 -29.22 -6.79 7.73
CA ILE B 804 -29.01 -8.22 7.75
C ILE B 804 -27.67 -8.62 7.14
N SER B 805 -27.28 -8.00 6.03
CA SER B 805 -26.01 -8.32 5.38
C SER B 805 -24.80 -7.76 6.12
N TRP B 806 -24.96 -6.72 6.93
CA TRP B 806 -23.84 -6.21 7.70
C TRP B 806 -23.43 -7.15 8.82
N PHE B 807 -24.37 -7.95 9.34
CA PHE B 807 -24.13 -8.83 10.47
C PHE B 807 -23.99 -10.29 10.04
N SER B 808 -23.66 -10.52 8.78
CA SER B 808 -23.59 -11.88 8.24
C SER B 808 -22.24 -12.55 8.49
N LEU B 809 -21.24 -11.80 8.97
CA LEU B 809 -19.96 -12.42 9.31
C LEU B 809 -20.04 -13.21 10.60
N SER B 810 -20.74 -12.68 11.60
CA SER B 810 -20.89 -13.34 12.89
C SER B 810 -22.08 -14.29 12.94
N SER B 811 -22.95 -14.26 11.95
CA SER B 811 -24.08 -15.19 11.90
C SER B 811 -23.67 -16.57 11.40
N PHE B 812 -22.86 -16.64 10.34
CA PHE B 812 -22.39 -17.92 9.84
C PHE B 812 -21.55 -18.68 10.84
N PHE B 813 -20.64 -18.00 11.54
CA PHE B 813 -19.85 -18.67 12.56
C PHE B 813 -20.69 -19.20 13.70
N LEU B 814 -21.68 -18.42 14.16
CA LEU B 814 -22.55 -18.90 15.22
C LEU B 814 -23.37 -20.10 14.77
N VAL B 815 -23.92 -20.05 13.56
CA VAL B 815 -24.66 -21.21 13.05
C VAL B 815 -23.77 -22.44 12.93
N PHE B 816 -22.54 -22.26 12.43
CA PHE B 816 -21.59 -23.36 12.32
C PHE B 816 -21.13 -23.92 13.65
N ARG B 817 -21.03 -23.09 14.70
CA ARG B 817 -20.53 -23.53 15.98
C ARG B 817 -21.58 -24.12 16.89
N ILE B 818 -22.80 -23.56 16.93
CA ILE B 818 -23.87 -24.13 17.74
C ILE B 818 -24.38 -25.44 17.18
N LEU B 819 -24.02 -25.78 15.95
CA LEU B 819 -24.49 -27.01 15.32
C LEU B 819 -23.51 -28.17 15.44
N THR B 820 -22.21 -27.91 15.35
CA THR B 820 -21.23 -28.98 15.49
C THR B 820 -21.04 -29.40 16.94
N VAL B 821 -21.16 -28.46 17.88
CA VAL B 821 -21.03 -28.81 19.28
C VAL B 821 -22.24 -29.62 19.75
N SER B 822 -23.44 -29.22 19.32
CA SER B 822 -24.66 -29.87 19.77
C SER B 822 -24.75 -31.32 19.33
N ILE B 823 -24.09 -31.69 18.23
CA ILE B 823 -24.09 -33.08 17.79
C ILE B 823 -23.00 -33.90 18.47
N ALA B 824 -22.11 -33.26 19.22
CA ALA B 824 -21.10 -33.97 19.99
C ALA B 824 -21.52 -34.24 21.42
N LEU B 825 -22.54 -33.55 21.93
CA LEU B 825 -23.07 -33.76 23.27
C LEU B 825 -24.24 -34.73 23.27
N ALA B 826 -24.52 -35.35 22.13
CA ALA B 826 -25.67 -36.24 22.02
C ALA B 826 -25.25 -37.63 21.55
N TYR B 827 -24.18 -37.70 20.76
CA TYR B 827 -23.77 -38.97 20.17
C TYR B 827 -22.28 -39.28 20.32
N HIS B 828 -21.46 -38.32 20.73
CA HIS B 828 -20.05 -38.54 21.00
C HIS B 828 -19.34 -39.22 19.84
N SER B 829 -18.71 -40.37 20.12
CA SER B 829 -17.98 -41.13 19.11
C SER B 829 -16.93 -40.29 18.41
N ALA B 830 -17.07 -40.12 17.10
CA ALA B 830 -16.12 -39.35 16.30
C ALA B 830 -16.54 -37.90 16.13
N PHE B 831 -17.64 -37.48 16.76
CA PHE B 831 -18.11 -36.10 16.68
C PHE B 831 -17.40 -35.20 17.68
N ASN B 832 -16.53 -35.75 18.52
CA ASN B 832 -15.77 -34.98 19.48
C ASN B 832 -14.48 -34.42 18.92
N VAL B 833 -13.81 -35.16 18.03
CA VAL B 833 -12.58 -34.68 17.41
C VAL B 833 -12.85 -33.81 16.19
N LEU B 834 -13.89 -34.12 15.43
CA LEU B 834 -14.23 -33.33 14.25
C LEU B 834 -14.66 -31.91 14.60
N SER B 835 -15.18 -31.68 15.80
CA SER B 835 -15.60 -30.34 16.20
C SER B 835 -14.43 -29.47 16.64
N VAL B 836 -13.24 -30.04 16.83
CA VAL B 836 -12.05 -29.26 17.15
C VAL B 836 -11.17 -29.02 15.94
N ILE B 837 -11.10 -29.98 15.02
CA ILE B 837 -10.35 -29.77 13.78
C ILE B 837 -10.96 -28.69 12.90
N PHE B 838 -12.29 -28.60 12.84
CA PHE B 838 -12.94 -27.64 11.97
C PHE B 838 -12.85 -26.21 12.48
N LEU B 839 -12.80 -25.99 13.80
CA LEU B 839 -12.62 -24.65 14.31
C LEU B 839 -11.24 -24.10 14.02
N TRP B 840 -10.20 -24.92 14.21
CA TRP B 840 -8.84 -24.53 13.87
C TRP B 840 -8.64 -24.37 12.37
N LEU B 841 -9.35 -25.15 11.56
CA LEU B 841 -9.30 -25.00 10.11
C LEU B 841 -10.06 -23.79 9.62
N TYR B 842 -10.99 -23.27 10.43
CA TYR B 842 -11.71 -22.04 10.13
C TYR B 842 -10.92 -20.80 10.54
N GLY B 843 -10.32 -20.81 11.73
CA GLY B 843 -9.59 -19.66 12.22
C GLY B 843 -8.30 -19.39 11.47
N ILE B 844 -7.70 -20.43 10.89
CA ILE B 844 -6.51 -20.23 10.07
C ILE B 844 -6.84 -19.63 8.71
N CYS B 845 -7.92 -20.08 8.06
CA CYS B 845 -8.33 -19.53 6.78
C CYS B 845 -8.94 -18.13 6.91
N THR B 846 -9.60 -17.81 8.01
CA THR B 846 -10.12 -16.47 8.20
C THR B 846 -9.02 -15.45 8.49
N LEU B 847 -8.02 -15.81 9.28
CA LEU B 847 -6.92 -14.90 9.58
C LEU B 847 -6.05 -14.59 8.36
N SER B 848 -5.80 -15.58 7.50
CA SER B 848 -4.96 -15.37 6.33
C SER B 848 -5.62 -14.50 5.26
N THR B 849 -6.95 -14.36 5.29
CA THR B 849 -7.66 -13.52 4.34
C THR B 849 -7.58 -12.04 4.72
N PHE B 850 -7.44 -11.72 6.01
CA PHE B 850 -7.22 -10.35 6.45
C PHE B 850 -5.81 -9.87 6.17
N ILE B 851 -4.81 -10.75 6.27
CA ILE B 851 -3.43 -10.36 6.01
C ILE B 851 -3.12 -10.28 4.52
N LEU B 852 -3.76 -11.11 3.69
CA LEU B 852 -3.54 -11.11 2.25
C LEU B 852 -4.38 -10.07 1.51
N SER B 853 -5.29 -9.38 2.21
CA SER B 853 -6.11 -8.36 1.59
C SER B 853 -5.68 -6.94 1.96
N LEU B 854 -4.97 -6.76 3.07
CA LEU B 854 -4.51 -5.45 3.49
C LEU B 854 -3.13 -5.12 2.93
N GLY B 855 -2.32 -6.12 2.59
CA GLY B 855 -0.97 -5.85 2.12
C GLY B 855 -0.51 -6.70 0.96
N ASN B 856 -1.43 -7.12 0.09
CA ASN B 856 -1.05 -7.95 -1.04
C ASN B 856 -2.13 -7.84 -2.12
N LYS B 857 -1.77 -8.28 -3.34
CA LYS B 857 -2.64 -8.30 -4.50
C LYS B 857 -3.22 -9.69 -4.70
N PRO B 858 -4.46 -9.80 -5.22
CA PRO B 858 -5.05 -11.13 -5.39
C PRO B 858 -4.56 -11.89 -6.61
N LYS B 859 -3.82 -11.24 -7.50
CA LYS B 859 -3.29 -11.92 -8.69
C LYS B 859 -2.03 -12.70 -8.39
N SER B 860 -1.25 -12.30 -7.38
CA SER B 860 -0.02 -12.98 -7.03
C SER B 860 -0.30 -14.35 -6.42
N THR B 861 -1.05 -14.37 -5.31
CA THR B 861 -1.36 -15.60 -4.59
C THR B 861 -2.70 -16.16 -5.06
N GLU B 862 -2.69 -16.72 -6.26
CA GLU B 862 -3.89 -17.31 -6.84
C GLU B 862 -4.23 -18.68 -6.26
N LYS B 863 -3.22 -19.49 -5.92
CA LYS B 863 -3.45 -20.86 -5.49
C LYS B 863 -4.05 -20.96 -4.08
N PHE B 864 -3.86 -19.94 -3.24
CA PHE B 864 -4.39 -20.00 -1.88
C PHE B 864 -5.89 -19.78 -1.83
N TYR B 865 -6.42 -18.87 -2.66
CA TYR B 865 -7.86 -18.61 -2.67
C TYR B 865 -8.66 -19.83 -3.10
N VAL B 866 -8.15 -20.57 -4.09
CA VAL B 866 -8.80 -21.81 -4.50
C VAL B 866 -8.85 -22.83 -3.37
N LEU B 867 -7.77 -22.99 -2.61
CA LEU B 867 -7.77 -23.88 -1.46
C LEU B 867 -8.75 -23.42 -0.38
N THR B 868 -8.80 -22.12 -0.12
CA THR B 868 -9.75 -21.58 0.86
C THR B 868 -11.19 -21.85 0.47
N CYS B 869 -11.54 -21.66 -0.81
CA CYS B 869 -12.87 -21.97 -1.28
C CYS B 869 -13.23 -23.44 -1.11
N VAL B 870 -12.29 -24.35 -1.41
CA VAL B 870 -12.54 -25.77 -1.25
C VAL B 870 -12.75 -26.13 0.23
N ILE B 871 -11.94 -25.54 1.12
CA ILE B 871 -12.09 -25.80 2.54
C ILE B 871 -13.47 -25.36 3.03
N PHE B 872 -13.88 -24.16 2.62
CA PHE B 872 -15.21 -23.69 3.00
C PHE B 872 -16.32 -24.56 2.42
N ALA B 873 -16.16 -25.03 1.18
CA ALA B 873 -17.15 -25.94 0.61
C ALA B 873 -17.28 -27.23 1.41
N VAL B 874 -16.14 -27.81 1.83
CA VAL B 874 -16.18 -29.01 2.66
C VAL B 874 -16.85 -28.75 4.00
N MET B 875 -16.53 -27.63 4.65
CA MET B 875 -17.22 -27.25 5.87
C MET B 875 -18.72 -27.16 5.68
N MET B 876 -19.17 -26.61 4.55
CA MET B 876 -20.60 -26.54 4.25
C MET B 876 -21.22 -27.92 4.10
N ILE B 877 -20.55 -28.86 3.45
CA ILE B 877 -21.08 -30.21 3.32
C ILE B 877 -21.24 -30.87 4.67
N TYR B 878 -20.22 -30.73 5.54
CA TYR B 878 -20.33 -31.31 6.87
C TYR B 878 -21.47 -30.68 7.67
N MET B 879 -21.61 -29.36 7.58
CA MET B 879 -22.70 -28.68 8.27
C MET B 879 -24.07 -29.10 7.77
N ILE B 880 -24.22 -29.32 6.46
CA ILE B 880 -25.47 -29.86 5.93
C ILE B 880 -25.75 -31.28 6.42
N PHE B 881 -24.75 -32.16 6.41
CA PHE B 881 -24.96 -33.54 6.86
C PHE B 881 -25.35 -33.61 8.33
N CYS B 882 -24.75 -32.79 9.20
CA CYS B 882 -25.05 -32.84 10.62
C CYS B 882 -26.53 -32.58 10.91
N SER B 883 -27.12 -31.58 10.28
CA SER B 883 -28.52 -31.23 10.49
C SER B 883 -29.46 -32.36 10.06
N ILE B 884 -29.19 -32.97 8.90
CA ILE B 884 -30.03 -34.09 8.46
C ILE B 884 -29.93 -35.25 9.43
N PHE B 885 -28.71 -35.57 9.88
CA PHE B 885 -28.54 -36.65 10.85
C PHE B 885 -29.34 -36.38 12.12
N MET B 886 -29.19 -35.19 12.69
CA MET B 886 -29.89 -34.87 13.92
C MET B 886 -31.40 -34.90 13.73
N SER B 887 -31.88 -34.37 12.60
CA SER B 887 -33.33 -34.33 12.36
C SER B 887 -33.91 -35.72 12.20
N VAL B 888 -33.22 -36.60 11.45
CA VAL B 888 -33.75 -37.94 11.26
C VAL B 888 -33.74 -38.71 12.57
N LYS B 889 -32.70 -38.52 13.40
CA LYS B 889 -32.73 -39.14 14.73
C LYS B 889 -33.88 -38.60 15.58
N SER B 890 -34.14 -37.29 15.51
CA SER B 890 -35.24 -36.72 16.29
C SER B 890 -36.57 -37.30 15.86
N PHE B 891 -36.79 -37.44 14.55
CA PHE B 891 -38.02 -38.06 14.07
C PHE B 891 -38.12 -39.52 14.49
N GLN B 892 -37.04 -40.29 14.38
CA GLN B 892 -37.07 -41.70 14.74
C GLN B 892 -37.24 -41.93 16.23
N ASN B 893 -36.84 -40.97 17.06
CA ASN B 893 -36.95 -41.12 18.52
C ASN B 893 -38.29 -40.63 19.04
N ILE B 894 -39.19 -40.21 18.16
CA ILE B 894 -40.51 -39.75 18.59
C ILE B 894 -41.59 -40.48 17.82
N LEU B 895 -41.24 -41.10 16.70
CA LEU B 895 -42.21 -41.84 15.90
C LEU B 895 -42.17 -43.34 16.12
N LYS B 896 -41.02 -43.91 16.47
CA LYS B 896 -40.92 -45.34 16.73
C LYS B 896 -41.36 -45.67 18.14
N THR B 908 -38.03 -28.48 20.49
CA THR B 908 -36.86 -29.11 19.86
C THR B 908 -36.32 -28.24 18.74
N GLU B 909 -35.03 -27.90 18.83
CA GLU B 909 -34.42 -27.04 17.83
C GLU B 909 -34.32 -27.72 16.47
N ALA B 910 -34.14 -29.04 16.44
CA ALA B 910 -33.99 -29.78 15.20
C ALA B 910 -35.32 -30.29 14.64
N PHE B 911 -36.43 -30.03 15.33
CA PHE B 911 -37.73 -30.46 14.85
C PHE B 911 -38.32 -29.49 13.84
N ARG B 912 -38.28 -28.20 14.14
CA ARG B 912 -38.76 -27.17 13.22
C ARG B 912 -37.65 -26.67 12.31
N ASP B 913 -36.44 -27.23 12.42
CA ASP B 913 -35.34 -26.93 11.54
C ASP B 913 -35.50 -27.55 10.16
N ILE B 914 -36.37 -28.55 10.01
CA ILE B 914 -36.62 -29.18 8.72
C ILE B 914 -37.99 -28.72 8.23
N VAL B 915 -38.61 -27.80 8.97
CA VAL B 915 -39.93 -27.30 8.62
C VAL B 915 -39.91 -25.87 8.13
N ILE B 916 -38.99 -25.02 8.58
CA ILE B 916 -38.95 -23.62 8.15
C ILE B 916 -37.75 -23.30 7.28
N SER B 917 -36.64 -24.04 7.39
CA SER B 917 -35.43 -23.76 6.63
C SER B 917 -35.33 -24.59 5.36
N LEU B 918 -36.26 -25.52 5.14
CA LEU B 918 -36.21 -26.34 3.93
C LEU B 918 -37.61 -26.47 3.33
N GLY B 919 -38.63 -26.14 4.09
CA GLY B 919 -40.00 -26.29 3.61
C GLY B 919 -40.65 -25.00 3.22
N SER B 920 -40.26 -23.91 3.87
CA SER B 920 -40.81 -22.60 3.58
C SER B 920 -39.84 -21.66 2.87
N THR B 921 -38.58 -22.07 2.74
CA THR B 921 -37.58 -21.29 2.02
C THR B 921 -37.32 -21.84 0.62
N TYR B 922 -37.05 -23.14 0.51
CA TYR B 922 -36.80 -23.75 -0.78
C TYR B 922 -38.05 -23.90 -1.63
N CYS B 923 -39.21 -24.11 -1.02
CA CYS B 923 -40.45 -24.23 -1.76
C CYS B 923 -40.87 -22.93 -2.42
N LEU B 924 -40.79 -21.80 -1.71
CA LEU B 924 -41.16 -20.50 -2.26
C LEU B 924 -40.28 -20.08 -3.43
N TYR B 925 -38.99 -20.41 -3.38
CA TYR B 925 -38.11 -20.17 -4.53
C TYR B 925 -38.61 -20.89 -5.78
N LEU B 926 -38.97 -22.16 -5.65
CA LEU B 926 -39.48 -22.93 -6.77
C LEU B 926 -40.82 -22.40 -7.27
N ILE B 927 -41.71 -22.04 -6.35
CA ILE B 927 -43.00 -21.48 -6.76
C ILE B 927 -42.82 -20.17 -7.51
N SER B 928 -41.96 -19.29 -7.00
CA SER B 928 -41.70 -18.02 -7.69
C SER B 928 -41.06 -18.24 -9.05
N SER B 929 -40.13 -19.20 -9.15
CA SER B 929 -39.53 -19.50 -10.46
C SER B 929 -40.59 -20.03 -11.43
N ILE B 930 -41.49 -20.90 -10.97
CA ILE B 930 -42.53 -21.42 -11.86
C ILE B 930 -43.47 -20.31 -12.30
N ILE B 931 -43.85 -19.40 -11.40
CA ILE B 931 -44.69 -18.28 -11.76
C ILE B 931 -44.02 -17.37 -12.79
N TYR B 932 -42.72 -17.15 -12.67
CA TYR B 932 -41.95 -16.34 -13.62
C TYR B 932 -41.82 -17.02 -14.98
N LEU B 933 -42.19 -18.30 -15.08
CA LEU B 933 -42.14 -19.07 -16.33
C LEU B 933 -40.70 -19.25 -16.80
N GLN B 934 -39.78 -19.38 -15.85
CA GLN B 934 -38.42 -19.80 -16.15
C GLN B 934 -37.95 -20.82 -15.12
N PRO B 935 -38.64 -21.97 -14.96
CA PRO B 935 -38.26 -22.92 -13.91
C PRO B 935 -37.26 -23.96 -14.36
N TRP B 936 -36.16 -23.55 -15.00
CA TRP B 936 -35.16 -24.48 -15.47
C TRP B 936 -33.79 -24.25 -14.84
N HIS B 937 -33.74 -23.55 -13.71
CA HIS B 937 -32.49 -23.26 -13.02
C HIS B 937 -32.52 -23.68 -11.56
N MET B 938 -33.56 -24.40 -11.14
CA MET B 938 -33.67 -24.87 -9.76
C MET B 938 -33.03 -26.24 -9.56
N LEU B 939 -32.52 -26.85 -10.63
CA LEU B 939 -31.81 -28.12 -10.52
C LEU B 939 -30.52 -28.08 -11.34
N THR B 940 -30.48 -27.19 -12.34
CA THR B 940 -29.34 -27.14 -13.23
C THR B 940 -28.09 -26.65 -12.50
N SER B 941 -28.20 -25.54 -11.78
CA SER B 941 -27.05 -24.92 -11.12
C SER B 941 -27.45 -24.44 -9.72
N PHE B 942 -28.22 -25.26 -9.01
CA PHE B 942 -28.61 -24.94 -7.65
C PHE B 942 -27.69 -25.60 -6.61
N ILE B 943 -27.08 -26.73 -6.94
CA ILE B 943 -26.12 -27.35 -6.03
C ILE B 943 -24.83 -26.54 -5.92
N GLN B 944 -24.30 -26.05 -7.03
CA GLN B 944 -23.06 -25.29 -7.02
C GLN B 944 -23.17 -23.98 -6.26
N TYR B 945 -24.34 -23.33 -6.30
CA TYR B 945 -24.53 -22.09 -5.54
C TYR B 945 -24.53 -22.32 -4.04
N ILE B 946 -24.99 -23.48 -3.58
CA ILE B 946 -24.97 -23.80 -2.16
C ILE B 946 -23.55 -24.03 -1.66
N LEU B 947 -22.71 -24.72 -2.43
CA LEU B 947 -21.36 -25.02 -1.98
C LEU B 947 -20.48 -23.78 -1.95
N LEU B 948 -20.75 -22.79 -2.79
CA LEU B 948 -19.97 -21.55 -2.82
C LEU B 948 -20.63 -20.45 -2.00
N SER B 949 -21.70 -20.78 -1.28
CA SER B 949 -22.37 -19.82 -0.40
C SER B 949 -21.46 -19.32 0.72
N PRO B 950 -20.70 -20.17 1.42
CA PRO B 950 -19.80 -19.65 2.45
C PRO B 950 -18.69 -18.75 1.93
N SER B 951 -18.38 -18.81 0.64
CA SER B 951 -17.33 -17.98 0.05
C SER B 951 -17.85 -16.65 -0.45
N TYR B 952 -19.15 -16.39 -0.33
CA TYR B 952 -19.72 -15.10 -0.67
C TYR B 952 -19.76 -14.14 0.51
N ILE B 953 -19.54 -14.64 1.73
CA ILE B 953 -19.59 -13.81 2.93
C ILE B 953 -18.32 -13.92 3.76
N ASN B 954 -17.30 -14.64 3.28
CA ASN B 954 -16.05 -14.79 4.01
C ASN B 954 -14.82 -14.61 3.15
N VAL B 955 -14.95 -14.46 1.84
CA VAL B 955 -13.80 -14.22 0.98
C VAL B 955 -14.07 -12.96 0.16
N LEU B 956 -15.34 -12.65 -0.09
CA LEU B 956 -15.71 -11.49 -0.89
C LEU B 956 -16.05 -10.26 -0.05
N ASN B 957 -16.65 -10.43 1.12
CA ASN B 957 -16.90 -9.30 1.99
C ASN B 957 -15.65 -8.84 2.74
N ILE B 958 -14.74 -9.76 3.04
CA ILE B 958 -13.50 -9.36 3.70
C ILE B 958 -12.63 -8.54 2.77
N TYR B 959 -12.51 -8.94 1.50
CA TYR B 959 -11.68 -8.20 0.56
C TYR B 959 -12.31 -6.88 0.16
N ALA B 960 -13.63 -6.78 0.12
CA ALA B 960 -14.32 -5.56 -0.28
C ALA B 960 -14.30 -4.48 0.80
N PHE B 961 -14.11 -4.84 2.06
CA PHE B 961 -14.04 -3.87 3.14
C PHE B 961 -12.64 -3.38 3.42
N CYS B 962 -11.61 -4.18 3.10
CA CYS B 962 -10.23 -3.75 3.28
C CYS B 962 -9.74 -2.87 2.13
N ASN B 963 -10.48 -2.81 1.03
CA ASN B 963 -10.13 -1.98 -0.13
C ASN B 963 -11.35 -1.16 -0.49
N VAL B 964 -11.49 -0.01 0.15
CA VAL B 964 -12.67 0.83 -0.05
C VAL B 964 -12.42 1.92 -1.07
N HIS B 965 -11.27 2.59 -0.99
CA HIS B 965 -11.04 3.79 -1.80
C HIS B 965 -9.93 3.66 -2.81
N ASP B 966 -9.10 2.62 -2.75
CA ASP B 966 -8.03 2.38 -3.71
C ASP B 966 -7.08 3.58 -3.79
N LEU B 967 -6.43 3.83 -2.66
CA LEU B 967 -5.50 4.94 -2.50
C LEU B 967 -4.13 4.58 -3.09
N SER B 968 -3.33 5.62 -3.34
CA SER B 968 -2.02 5.42 -3.95
C SER B 968 -0.93 6.27 -3.32
N TRP B 969 -1.22 6.93 -2.19
CA TRP B 969 -0.26 7.76 -1.47
C TRP B 969 0.37 8.81 -2.38
N GLY B 970 1.68 8.74 -2.58
CA GLY B 970 2.36 9.69 -3.44
C GLY B 970 3.86 9.68 -3.28
N THR B 971 4.57 9.78 -4.41
CA THR B 971 6.03 9.79 -4.41
C THR B 971 6.55 11.17 -4.81
N LYS B 972 6.14 11.69 -5.96
CA LYS B 972 6.55 13.00 -6.45
C LYS B 972 8.06 13.11 -6.51
N GLY B 973 8.57 14.34 -6.42
CA GLY B 973 9.99 14.57 -6.43
C GLY B 973 10.34 15.93 -7.03
N ALA B 974 11.20 16.68 -6.36
CA ALA B 974 11.60 18.01 -6.80
C ALA B 974 12.98 17.91 -7.42
N MET B 975 13.03 17.55 -8.71
CA MET B 975 14.28 17.48 -9.44
C MET B 975 14.84 18.88 -9.60
N ALA B 976 16.17 18.98 -9.60
CA ALA B 976 16.82 20.29 -9.67
C ALA B 976 16.53 20.96 -11.01
N ASN B 977 15.69 21.99 -10.98
CA ASN B 977 15.37 22.72 -12.21
C ASN B 977 16.63 23.34 -12.81
N PRO B 978 17.49 24.01 -12.04
CA PRO B 978 18.77 24.47 -12.60
C PRO B 978 19.67 23.29 -12.90
N LEU B 979 19.88 23.01 -14.18
CA LEU B 979 20.65 21.85 -14.61
C LEU B 979 21.08 22.09 -16.05
N GLY B 980 21.60 21.05 -16.69
CA GLY B 980 22.06 21.18 -18.06
C GLY B 980 23.24 22.12 -18.22
N LYS B 981 24.19 22.05 -17.29
CA LYS B 981 25.36 22.93 -17.36
C LYS B 981 26.26 22.50 -18.51
N ILE B 982 26.03 23.06 -19.69
CA ILE B 982 26.76 22.74 -20.92
C ILE B 982 26.72 21.24 -21.19
N ASN B 983 27.51 20.79 -22.16
CA ASN B 983 27.62 19.37 -22.46
C ASN B 983 29.06 18.99 -22.70
N THR B 984 29.93 20.00 -22.86
CA THR B 984 31.35 19.79 -23.15
C THR B 984 31.53 18.81 -24.31
N THR B 985 30.70 18.98 -25.35
CA THR B 985 30.72 18.06 -26.48
C THR B 985 32.01 18.18 -27.27
N GLU B 986 32.62 19.36 -27.28
CA GLU B 986 33.87 19.57 -27.99
C GLU B 986 34.96 18.68 -27.43
N ASP B 987 35.69 18.02 -28.32
CA ASP B 987 36.76 17.12 -27.89
C ASP B 987 37.86 17.87 -27.14
N GLY B 988 38.20 19.07 -27.62
CA GLY B 988 39.21 19.87 -26.96
C GLY B 988 39.12 21.35 -27.30
N THR B 989 40.15 22.11 -26.92
CA THR B 989 40.28 23.52 -27.27
C THR B 989 39.15 24.37 -26.70
N PHE B 990 37.94 24.20 -27.21
CA PHE B 990 36.79 25.03 -26.86
C PHE B 990 36.63 25.17 -25.35
N LYS B 991 36.74 26.40 -24.86
CA LYS B 991 36.70 26.68 -23.43
C LYS B 991 35.36 27.25 -22.97
N MET B 992 34.48 27.59 -23.91
CA MET B 992 33.17 28.20 -23.62
C MET B 992 33.40 29.42 -22.73
N GLU B 993 32.60 29.64 -21.69
CA GLU B 993 32.76 30.77 -20.80
C GLU B 993 33.17 30.27 -19.42
N VAL B 994 34.30 30.79 -18.91
CA VAL B 994 34.80 30.43 -17.59
C VAL B 994 34.97 31.74 -16.82
N LEU B 995 34.24 31.88 -15.72
CA LEU B 995 34.29 33.10 -14.93
C LEU B 995 35.60 33.17 -14.16
N VAL B 996 36.29 34.30 -14.28
CA VAL B 996 37.57 34.51 -13.62
C VAL B 996 37.48 35.83 -12.86
N SER B 997 36.32 36.48 -12.92
CA SER B 997 36.12 37.75 -12.25
C SER B 997 36.29 37.63 -10.74
N SER B 998 37.35 38.24 -10.21
CA SER B 998 37.64 38.14 -8.78
C SER B 998 36.53 38.77 -7.94
N SER B 999 36.02 39.92 -8.39
CA SER B 999 34.93 40.58 -7.68
C SER B 999 33.68 39.72 -7.65
N GLU B 1000 33.35 39.08 -8.77
CA GLU B 1000 32.17 38.19 -8.80
C GLU B 1000 32.38 36.99 -7.90
N ILE B 1001 33.59 36.43 -7.88
CA ILE B 1001 33.89 35.30 -7.01
C ILE B 1001 33.71 35.69 -5.55
N GLN B 1002 34.24 36.85 -5.17
CA GLN B 1002 34.07 37.33 -3.80
C GLN B 1002 32.61 37.61 -3.47
N ALA B 1003 31.84 38.15 -4.41
CA ALA B 1003 30.42 38.37 -4.17
C ALA B 1003 29.69 37.05 -3.94
N ASN B 1004 30.03 36.02 -4.73
CA ASN B 1004 29.43 34.70 -4.55
C ASN B 1004 29.79 34.13 -3.17
N TYR B 1005 31.07 34.20 -2.80
CA TYR B 1005 31.48 33.72 -1.48
C TYR B 1005 30.79 34.49 -0.37
N ASP B 1006 30.50 35.76 -0.58
CA ASP B 1006 29.78 36.57 0.40
C ASP B 1006 28.28 36.28 0.43
N LYS B 1007 27.69 35.85 -0.68
CA LYS B 1007 26.27 35.53 -0.67
C LYS B 1007 25.99 34.14 -0.12
N TYR B 1008 26.93 33.20 -0.23
CA TYR B 1008 26.85 31.98 0.56
C TYR B 1008 27.20 32.19 2.03
N LEU B 1009 28.01 33.18 2.36
CA LEU B 1009 28.29 33.48 3.76
C LEU B 1009 27.11 34.16 4.46
N LYS B 1010 26.25 34.84 3.70
CA LYS B 1010 25.12 35.57 4.26
C LYS B 1010 23.97 34.66 4.67
N VAL B 1011 23.89 33.47 4.08
CA VAL B 1011 22.79 32.56 4.38
C VAL B 1011 22.84 32.08 5.83
N LEU B 1012 24.03 31.84 6.36
CA LEU B 1012 24.18 31.41 7.75
C LEU B 1012 23.83 32.49 8.76
N ASN B 1013 23.67 33.74 8.32
CA ASN B 1013 23.40 34.83 9.26
C ASN B 1013 21.93 34.88 9.64
N ASP B 1014 21.06 35.08 8.65
CA ASP B 1014 19.62 35.22 8.89
C ASP B 1014 18.96 33.85 8.96
N PHE B 1015 19.15 33.18 10.10
CA PHE B 1015 18.59 31.84 10.30
C PHE B 1015 17.67 31.74 11.51
N ASP B 1016 17.60 32.76 12.37
CA ASP B 1016 16.92 32.72 13.66
C ASP B 1016 15.57 32.01 13.59
N PRO B 1017 15.42 30.89 14.30
CA PRO B 1017 14.18 30.11 14.22
C PRO B 1017 13.12 30.56 15.22
N LYS B 1018 13.29 31.76 15.78
CA LYS B 1018 12.34 32.26 16.78
C LYS B 1018 10.92 32.27 16.23
N SER B 1019 10.75 32.79 15.02
CA SER B 1019 9.46 32.77 14.34
C SER B 1019 9.35 31.44 13.60
N GLU B 1020 8.93 30.42 14.35
CA GLU B 1020 8.76 29.08 13.78
C GLU B 1020 7.60 29.08 12.79
N SER B 1021 7.91 29.07 11.50
CA SER B 1021 6.88 29.03 10.48
C SER B 1021 6.13 27.71 10.51
N ARG B 1022 4.88 27.73 10.10
CA ARG B 1022 4.07 26.53 10.03
C ARG B 1022 4.71 25.53 9.06
N PRO B 1023 4.84 24.26 9.43
CA PRO B 1023 5.47 23.29 8.53
C PRO B 1023 4.71 23.19 7.21
N THR B 1024 5.43 22.84 6.15
CA THR B 1024 4.85 22.81 4.81
C THR B 1024 3.74 21.78 4.74
N GLU B 1025 2.50 22.26 4.68
CA GLU B 1025 1.35 21.38 4.69
C GLU B 1025 1.22 20.61 3.38
N PRO B 1026 0.58 19.44 3.40
CA PRO B 1026 0.42 18.65 2.18
C PRO B 1026 -0.31 19.40 1.07
N SER B 1027 0.09 19.17 -0.17
CA SER B 1027 -0.57 19.84 -1.27
C SER B 1027 -2.05 19.64 -1.06
N TYR B 1028 -2.73 19.19 -2.11
CA TYR B 1028 -4.15 18.91 -2.01
C TYR B 1028 -4.40 17.48 -2.49
N ASP B 1029 -3.48 16.98 -3.31
CA ASP B 1029 -3.58 15.62 -3.82
C ASP B 1029 -2.99 14.62 -2.85
N GLU B 1030 -2.05 15.06 -2.01
CA GLU B 1030 -1.48 14.15 -1.03
C GLU B 1030 -2.13 14.29 0.34
N LYS B 1031 -2.98 15.28 0.53
CA LYS B 1031 -3.75 15.44 1.76
C LYS B 1031 -5.11 14.75 1.68
N LYS B 1032 -5.72 14.69 0.51
CA LYS B 1032 -6.94 13.93 0.31
C LYS B 1032 -6.72 12.43 0.45
N THR B 1033 -5.59 11.90 -0.02
CA THR B 1033 -5.25 10.52 0.19
C THR B 1033 -5.13 10.16 1.66
N GLY B 1034 -4.61 11.06 2.48
CA GLY B 1034 -4.57 10.84 3.91
C GLY B 1034 -5.91 10.84 4.58
N TYR B 1035 -6.95 11.34 3.89
CA TYR B 1035 -8.31 11.26 4.40
C TYR B 1035 -9.03 9.99 3.97
N TYR B 1036 -8.76 9.49 2.76
CA TYR B 1036 -9.32 8.22 2.34
C TYR B 1036 -8.77 7.05 3.12
N ALA B 1037 -7.53 7.13 3.59
CA ALA B 1037 -6.95 6.09 4.42
C ALA B 1037 -7.47 6.10 5.85
N ASN B 1038 -8.03 7.22 6.30
CA ASN B 1038 -8.58 7.31 7.64
C ASN B 1038 -10.03 6.86 7.71
N VAL B 1039 -10.81 7.13 6.67
CA VAL B 1039 -12.21 6.70 6.62
C VAL B 1039 -12.33 5.23 6.22
N ARG B 1040 -11.20 4.59 5.87
CA ARG B 1040 -11.19 3.18 5.53
C ARG B 1040 -10.75 2.29 6.68
N SER B 1041 -9.83 2.76 7.52
CA SER B 1041 -9.45 2.04 8.74
C SER B 1041 -10.49 2.13 9.83
N LEU B 1042 -11.38 3.13 9.78
CA LEU B 1042 -12.47 3.26 10.74
C LEU B 1042 -13.67 2.40 10.39
N VAL B 1043 -13.74 1.89 9.16
CA VAL B 1043 -14.83 0.99 8.78
C VAL B 1043 -14.48 -0.47 9.07
N ILE B 1044 -13.22 -0.87 8.88
CA ILE B 1044 -12.78 -2.21 9.22
C ILE B 1044 -12.84 -2.48 10.72
N ILE B 1045 -12.54 -1.47 11.54
CA ILE B 1045 -12.59 -1.63 12.99
C ILE B 1045 -14.02 -1.75 13.52
N PHE B 1046 -14.94 -0.90 13.04
CA PHE B 1046 -16.33 -0.97 13.48
C PHE B 1046 -17.07 -2.17 12.92
N TRP B 1047 -16.52 -2.84 11.90
CA TRP B 1047 -17.14 -4.04 11.36
C TRP B 1047 -16.72 -5.30 12.11
N VAL B 1048 -15.57 -5.28 12.78
CA VAL B 1048 -15.08 -6.43 13.52
C VAL B 1048 -15.55 -6.36 14.96
N ILE B 1049 -15.52 -5.17 15.54
CA ILE B 1049 -15.90 -5.02 16.95
C ILE B 1049 -17.40 -5.22 17.16
N THR B 1050 -18.25 -4.70 16.28
CA THR B 1050 -19.69 -4.86 16.42
C THR B 1050 -20.18 -6.24 16.00
N ASN B 1051 -19.32 -7.06 15.40
CA ASN B 1051 -19.66 -8.45 15.11
C ASN B 1051 -19.20 -9.40 16.19
N PHE B 1052 -18.13 -9.07 16.93
CA PHE B 1052 -17.68 -9.89 18.04
C PHE B 1052 -18.54 -9.70 19.28
N ILE B 1053 -19.22 -8.57 19.42
CA ILE B 1053 -20.14 -8.39 20.53
C ILE B 1053 -21.31 -9.36 20.46
N ILE B 1054 -21.87 -9.59 19.28
CA ILE B 1054 -22.93 -10.59 19.12
C ILE B 1054 -22.47 -11.98 19.49
N VAL B 1055 -21.20 -12.31 19.27
CA VAL B 1055 -20.68 -13.62 19.66
C VAL B 1055 -20.41 -13.72 21.16
N ALA B 1056 -20.10 -12.61 21.82
CA ALA B 1056 -19.81 -12.60 23.25
C ALA B 1056 -21.07 -12.40 24.10
N VAL B 1057 -22.25 -12.56 23.51
CA VAL B 1057 -23.50 -12.44 24.24
C VAL B 1057 -24.26 -13.76 24.10
N VAL B 1058 -24.01 -14.46 23.01
CA VAL B 1058 -24.61 -15.76 22.79
C VAL B 1058 -23.75 -16.91 23.29
N LEU B 1059 -22.44 -16.89 23.02
CA LEU B 1059 -21.54 -17.94 23.47
C LEU B 1059 -20.88 -17.63 24.80
N GLU B 1060 -21.13 -16.46 25.37
CA GLU B 1060 -20.53 -16.04 26.64
C GLU B 1060 -19.01 -16.15 26.62
N THR B 1061 -18.42 -15.73 25.52
CA THR B 1061 -16.98 -15.65 25.39
C THR B 1061 -16.52 -14.23 25.76
N GLY B 1062 -15.23 -13.95 25.59
CA GLY B 1062 -14.73 -12.65 25.94
C GLY B 1062 -14.51 -12.44 27.42
N GLY B 1063 -14.39 -13.51 28.20
CA GLY B 1063 -14.19 -13.39 29.63
C GLY B 1063 -15.45 -13.16 30.44
N ILE B 1064 -16.63 -13.31 29.84
CA ILE B 1064 -17.88 -13.08 30.56
C ILE B 1064 -18.30 -14.29 31.39
N ALA B 1065 -18.13 -15.50 30.88
CA ALA B 1065 -18.46 -16.69 31.67
C ALA B 1065 -17.62 -16.78 32.93
N ASP B 1066 -16.34 -16.38 32.85
CA ASP B 1066 -15.50 -16.35 34.04
C ASP B 1066 -16.04 -15.37 35.07
N TYR B 1067 -16.59 -14.23 34.62
CA TYR B 1067 -17.17 -13.27 35.55
C TYR B 1067 -18.34 -13.88 36.31
N ILE B 1068 -19.22 -14.58 35.60
CA ILE B 1068 -20.36 -15.24 36.25
C ILE B 1068 -19.87 -16.31 37.21
N ALA B 1069 -18.85 -17.07 36.81
CA ALA B 1069 -18.33 -18.12 37.69
C ALA B 1069 -17.74 -17.55 38.96
N MET B 1070 -16.98 -16.47 38.85
CA MET B 1070 -16.41 -15.84 40.04
C MET B 1070 -17.47 -15.19 40.91
N LYS B 1071 -18.54 -14.67 40.30
CA LYS B 1071 -19.66 -14.18 41.11
C LYS B 1071 -20.40 -15.31 41.80
N SER B 1072 -20.40 -16.51 41.23
CA SER B 1072 -21.08 -17.66 41.81
C SER B 1072 -20.25 -18.40 42.84
N ILE B 1073 -18.96 -18.09 42.98
CA ILE B 1073 -18.09 -18.80 43.91
C ILE B 1073 -18.04 -18.12 45.27
N SER B 1074 -18.64 -16.94 45.41
CA SER B 1074 -18.70 -16.23 46.68
C SER B 1074 -19.95 -16.60 47.47
N THR B 1075 -21.12 -16.50 46.85
CA THR B 1075 -22.37 -16.84 47.52
C THR B 1075 -22.73 -18.30 47.26
N ALA B 1085 -18.96 -22.27 40.40
CA ALA B 1085 -17.51 -22.32 40.32
C ALA B 1085 -17.06 -23.08 39.07
N GLU B 1086 -18.02 -23.41 38.21
CA GLU B 1086 -17.75 -24.15 36.99
C GLU B 1086 -18.54 -23.54 35.85
N ILE B 1087 -18.16 -23.87 34.62
CA ILE B 1087 -18.74 -23.26 33.43
C ILE B 1087 -19.46 -24.29 32.59
N PRO B 1088 -20.76 -24.13 32.33
CA PRO B 1088 -21.47 -25.07 31.45
C PRO B 1088 -20.95 -24.98 30.02
N LEU B 1089 -21.03 -26.11 29.31
CA LEU B 1089 -20.58 -26.13 27.92
C LEU B 1089 -21.53 -25.35 27.02
N MET B 1090 -22.82 -25.58 27.15
CA MET B 1090 -23.82 -24.92 26.31
C MET B 1090 -24.93 -24.36 27.18
N THR B 1091 -25.36 -23.14 26.87
CA THR B 1091 -26.39 -22.46 27.62
C THR B 1091 -27.72 -22.51 26.87
N SER B 1092 -28.75 -21.85 27.41
CA SER B 1092 -30.05 -21.80 26.78
C SER B 1092 -30.21 -20.63 25.82
N LYS B 1093 -29.22 -19.73 25.74
CA LYS B 1093 -29.24 -18.65 24.77
C LYS B 1093 -28.81 -19.09 23.38
N ALA B 1094 -28.22 -20.28 23.25
CA ALA B 1094 -27.81 -20.81 21.96
C ALA B 1094 -28.95 -21.51 21.24
N SER B 1095 -30.09 -21.71 21.89
CA SER B 1095 -31.26 -22.27 21.24
C SER B 1095 -32.31 -21.23 20.90
N ILE B 1096 -32.38 -20.13 21.66
CA ILE B 1096 -33.23 -19.01 21.26
C ILE B 1096 -32.71 -18.32 20.03
N TYR B 1097 -31.41 -18.03 19.97
CA TYR B 1097 -30.80 -17.37 18.82
C TYR B 1097 -30.80 -18.23 17.57
N PHE B 1098 -30.59 -19.54 17.71
CA PHE B 1098 -30.55 -20.42 16.54
C PHE B 1098 -31.88 -20.50 15.81
N ASN B 1099 -32.98 -20.15 16.48
CA ASN B 1099 -34.29 -20.09 15.86
C ASN B 1099 -34.62 -18.72 15.30
N VAL B 1100 -34.20 -17.65 15.98
CA VAL B 1100 -34.40 -16.29 15.48
C VAL B 1100 -33.70 -16.04 14.15
N ILE B 1101 -32.45 -16.49 14.00
CA ILE B 1101 -31.72 -16.26 12.76
C ILE B 1101 -32.26 -17.08 11.60
N LEU B 1102 -33.00 -18.15 11.87
CA LEU B 1102 -33.64 -18.92 10.81
C LEU B 1102 -35.07 -18.48 10.55
N TRP B 1103 -35.70 -17.76 11.48
CA TRP B 1103 -37.01 -17.18 11.21
C TRP B 1103 -36.89 -15.97 10.29
N LEU B 1104 -35.86 -15.14 10.47
CA LEU B 1104 -35.64 -14.00 9.59
C LEU B 1104 -35.30 -14.42 8.17
N VAL B 1105 -34.57 -15.52 7.99
CA VAL B 1105 -34.22 -15.99 6.66
C VAL B 1105 -35.45 -16.42 5.86
N ALA B 1106 -36.38 -17.15 6.48
CA ALA B 1106 -37.60 -17.56 5.80
C ALA B 1106 -38.67 -16.49 5.77
N LEU B 1107 -38.59 -15.49 6.66
CA LEU B 1107 -39.52 -14.37 6.60
C LEU B 1107 -39.21 -13.46 5.43
N SER B 1108 -37.92 -13.16 5.20
CA SER B 1108 -37.53 -12.32 4.08
C SER B 1108 -37.80 -12.99 2.73
N ALA B 1109 -37.90 -14.31 2.70
CA ALA B 1109 -38.25 -15.03 1.49
C ALA B 1109 -39.75 -15.13 1.29
N LEU B 1110 -40.55 -14.65 2.24
CA LEU B 1110 -42.00 -14.62 2.11
C LEU B 1110 -42.50 -13.33 1.48
N ILE B 1111 -41.88 -12.19 1.79
CA ILE B 1111 -42.20 -10.94 1.13
C ILE B 1111 -41.85 -10.95 -0.35
N ARG B 1112 -40.71 -11.52 -0.71
CA ARG B 1112 -40.26 -11.61 -2.10
C ARG B 1112 -41.16 -12.48 -2.96
N PHE B 1113 -41.98 -13.33 -2.36
CA PHE B 1113 -42.96 -14.13 -3.11
C PHE B 1113 -44.25 -13.36 -3.37
N ILE B 1114 -44.78 -12.68 -2.36
CA ILE B 1114 -45.96 -11.86 -2.55
C ILE B 1114 -45.67 -10.73 -3.53
N GLY B 1115 -44.51 -10.08 -3.38
CA GLY B 1115 -44.15 -9.03 -4.31
C GLY B 1115 -43.97 -9.51 -5.73
N CYS B 1116 -43.37 -10.68 -5.92
CA CYS B 1116 -43.23 -11.26 -7.25
C CYS B 1116 -44.57 -11.66 -7.86
N SER B 1117 -45.49 -12.17 -7.05
CA SER B 1117 -46.80 -12.57 -7.56
C SER B 1117 -47.68 -11.39 -7.91
N ILE B 1118 -47.66 -10.32 -7.12
CA ILE B 1118 -48.49 -9.15 -7.44
C ILE B 1118 -48.08 -8.55 -8.77
N TYR B 1119 -46.78 -8.45 -9.02
CA TYR B 1119 -46.30 -7.87 -10.28
C TYR B 1119 -46.78 -8.67 -11.48
N MET B 1120 -46.67 -9.99 -11.43
CA MET B 1120 -47.16 -10.83 -12.51
C MET B 1120 -48.66 -10.77 -12.67
N ILE B 1121 -49.40 -10.71 -11.56
CA ILE B 1121 -50.86 -10.61 -11.64
C ILE B 1121 -51.27 -9.31 -12.32
N VAL B 1122 -50.65 -8.19 -11.94
CA VAL B 1122 -50.95 -6.92 -12.58
C VAL B 1122 -50.56 -6.92 -14.07
N ARG B 1123 -49.38 -7.45 -14.39
CA ARG B 1123 -48.96 -7.50 -15.79
C ARG B 1123 -49.86 -8.38 -16.65
N PHE B 1124 -50.39 -9.46 -16.10
CA PHE B 1124 -51.31 -10.30 -16.86
C PHE B 1124 -52.59 -9.55 -17.21
N PHE B 1125 -53.15 -8.81 -16.26
CA PHE B 1125 -54.32 -7.99 -16.56
C PHE B 1125 -54.01 -6.88 -17.55
N LYS B 1126 -52.82 -6.28 -17.44
CA LYS B 1126 -52.42 -5.28 -18.43
C LYS B 1126 -52.34 -5.89 -19.82
N LYS B 1127 -51.77 -7.10 -19.93
CA LYS B 1127 -51.69 -7.79 -21.20
C LYS B 1127 -53.08 -8.10 -21.76
N VAL B 1128 -53.99 -8.56 -20.90
CA VAL B 1128 -55.35 -8.87 -21.33
C VAL B 1128 -56.07 -7.62 -21.83
N THR B 1129 -55.96 -6.51 -21.07
CA THR B 1129 -56.63 -5.28 -21.47
C THR B 1129 -56.05 -4.71 -22.76
N PHE B 1130 -54.73 -4.74 -22.91
CA PHE B 1130 -54.09 -4.17 -24.09
C PHE B 1130 -54.12 -5.08 -25.30
N ARG B 1131 -54.59 -6.31 -25.16
CA ARG B 1131 -54.68 -7.23 -26.30
C ARG B 1131 -55.87 -6.87 -27.19
#